data_5MZQ
#
_entry.id   5MZQ
#
_cell.length_a   181.969
_cell.length_b   131.779
_cell.length_c   160.404
_cell.angle_alpha   90.00
_cell.angle_beta   102.93
_cell.angle_gamma   90.00
#
_symmetry.space_group_name_H-M   'C 1 2 1'
#
loop_
_entity.id
_entity.type
_entity.pdbx_description
1 polymer 'Proton-gated ion channel'
2 non-polymer 'ACETATE ION'
3 non-polymer 1,2-DIOCTANOYL-SN-GLYCERO-3-PHOSPHOCHOLINE
4 non-polymer '(3R)-3-(dodecanoyloxy)tetradecanoic acid'
5 non-polymer DODECANE
6 non-polymer 'CHLORIDE ION'
7 non-polymer 'SODIUM ION'
8 non-polymer TRIBROMOMETHANE
9 water water
#
_entity_poly.entity_id   1
_entity_poly.type   'polypeptide(L)'
_entity_poly.pdbx_seq_one_letter_code
;GQDMVSPPPPIADEPLTVNTGIYLIECYSLDDKAETFKVNAFLSLSWKDRRLAFDPVRSGVRVKTYEPEAIWIPEIRFVN
VENARDADVVDISVSPDGTVQYLERFSARVLSPLDFRRYPFDSQTLHIYLIVRSVDTRNIVLAVDLEKVGKNDDVFLTGW
DIESFTAVVKPANFALEDRLESKLDYQLRISRQYFSYIPNIILPWLFILFISWTAFWSTSYEANVTLVVSTLIAHIAFNI
LVETNLPKTPYMTYTGAIIFMIYLFYFVAVIEVTVQHYLKVESQPARAASITRASRIAFPVVFLLANIILAFLFFGFGYP
YDVPDYA
;
_entity_poly.pdbx_strand_id   A,B,C,D,E
#
loop_
_chem_comp.id
_chem_comp.type
_chem_comp.name
_chem_comp.formula
2IL non-polymer '(3R)-3-(dodecanoyloxy)tetradecanoic acid' 'C26 H50 O4'
ACT non-polymer 'ACETATE ION' 'C2 H3 O2 -1'
CL non-polymer 'CHLORIDE ION' 'Cl -1'
D12 non-polymer DODECANE 'C12 H26'
MBR non-polymer TRIBROMOMETHANE 'C H Br3'
NA non-polymer 'SODIUM ION' 'Na 1'
PC8 non-polymer 1,2-DIOCTANOYL-SN-GLYCERO-3-PHOSPHOCHOLINE 'C24 H49 N O8 P 1'
#
# COMPACT_ATOMS: atom_id res chain seq x y z
N VAL A 5 38.36 -17.80 -13.60
CA VAL A 5 38.49 -16.85 -12.50
C VAL A 5 38.31 -17.53 -11.15
N SER A 6 39.34 -17.44 -10.31
CA SER A 6 39.42 -18.03 -8.98
C SER A 6 40.12 -17.03 -8.01
N PRO A 7 40.06 -17.19 -6.66
CA PRO A 7 40.70 -16.19 -5.78
C PRO A 7 42.22 -16.10 -5.91
N PRO A 8 42.86 -14.92 -5.64
CA PRO A 8 44.31 -14.84 -5.77
C PRO A 8 45.04 -15.73 -4.76
N PRO A 9 46.03 -16.55 -5.18
CA PRO A 9 46.71 -17.42 -4.22
C PRO A 9 47.56 -16.66 -3.20
N PRO A 10 47.73 -17.20 -1.96
CA PRO A 10 48.54 -16.49 -0.97
C PRO A 10 50.03 -16.58 -1.22
N ILE A 11 50.75 -15.51 -0.88
CA ILE A 11 52.21 -15.52 -0.95
C ILE A 11 52.71 -16.61 0.02
N ALA A 12 52.32 -16.49 1.30
CA ALA A 12 52.73 -17.38 2.38
C ALA A 12 51.53 -18.26 2.76
N ASP A 13 50.65 -17.78 3.63
CA ASP A 13 49.42 -18.44 4.08
C ASP A 13 48.39 -17.48 4.53
N GLU A 14 48.80 -16.18 4.64
CA GLU A 14 47.99 -15.06 5.20
C GLU A 14 46.58 -14.96 4.55
N PRO A 15 45.54 -14.50 5.28
CA PRO A 15 44.21 -14.38 4.65
C PRO A 15 44.15 -13.19 3.69
N LEU A 16 43.15 -13.16 2.81
CA LEU A 16 42.99 -12.05 1.87
C LEU A 16 42.18 -10.91 2.51
N THR A 17 42.82 -9.74 2.63
CA THR A 17 42.20 -8.54 3.19
C THR A 17 41.50 -7.74 2.11
N VAL A 18 40.18 -7.57 2.26
CA VAL A 18 39.37 -6.77 1.37
C VAL A 18 39.04 -5.49 2.14
N ASN A 19 39.61 -4.38 1.70
CA ASN A 19 39.35 -3.09 2.30
C ASN A 19 38.02 -2.61 1.75
N THR A 20 37.15 -2.15 2.66
CA THR A 20 35.80 -1.71 2.34
C THR A 20 35.60 -0.25 2.70
N GLY A 21 34.56 0.35 2.15
CA GLY A 21 34.18 1.74 2.38
C GLY A 21 32.83 2.05 1.79
N ILE A 22 31.90 2.58 2.62
CA ILE A 22 30.54 2.95 2.23
C ILE A 22 30.43 4.48 2.31
N TYR A 23 30.00 5.12 1.21
CA TYR A 23 29.78 6.56 1.14
C TYR A 23 28.32 6.80 0.81
N LEU A 24 27.54 7.30 1.79
CA LEU A 24 26.11 7.54 1.63
C LEU A 24 25.82 8.71 0.71
N ILE A 25 24.98 8.45 -0.31
CA ILE A 25 24.53 9.45 -1.28
C ILE A 25 23.12 9.89 -0.88
N GLU A 26 22.23 8.92 -0.58
CA GLU A 26 20.84 9.16 -0.18
C GLU A 26 20.44 8.26 0.99
N CYS A 27 19.71 8.85 1.96
CA CYS A 27 19.15 8.19 3.12
C CYS A 27 17.72 8.60 3.18
N TYR A 28 16.81 7.63 3.12
CA TYR A 28 15.38 7.92 3.09
C TYR A 28 14.53 6.79 3.67
N SER A 29 13.20 7.00 3.70
CA SER A 29 12.16 6.08 4.14
C SER A 29 12.49 5.30 5.44
N LEU A 30 12.63 6.03 6.57
CA LEU A 30 12.85 5.35 7.85
C LEU A 30 11.46 4.96 8.40
N ASP A 31 11.10 3.69 8.23
CA ASP A 31 9.83 3.14 8.70
C ASP A 31 10.02 2.65 10.13
N ASP A 32 9.39 3.33 11.09
CA ASP A 32 9.46 3.00 12.52
C ASP A 32 8.75 1.69 12.85
N LYS A 33 7.53 1.50 12.31
CA LYS A 33 6.72 0.32 12.52
C LYS A 33 7.44 -0.92 12.00
N ALA A 34 8.01 -0.81 10.77
CA ALA A 34 8.74 -1.89 10.09
C ALA A 34 10.18 -2.03 10.54
N GLU A 35 10.72 -0.99 11.24
CA GLU A 35 12.11 -0.90 11.70
C GLU A 35 13.10 -1.11 10.54
N THR A 36 12.83 -0.40 9.42
CA THR A 36 13.65 -0.44 8.20
C THR A 36 13.94 0.98 7.70
N PHE A 37 15.00 1.12 6.88
CA PHE A 37 15.40 2.38 6.24
C PHE A 37 16.02 2.09 4.89
N LYS A 38 15.80 2.98 3.92
CA LYS A 38 16.36 2.78 2.58
C LYS A 38 17.63 3.60 2.46
N VAL A 39 18.65 3.03 1.81
CA VAL A 39 19.94 3.67 1.62
C VAL A 39 20.44 3.53 0.16
N ASN A 40 20.97 4.62 -0.40
CA ASN A 40 21.58 4.66 -1.72
C ASN A 40 23.01 5.17 -1.49
N ALA A 41 24.00 4.30 -1.74
CA ALA A 41 25.40 4.62 -1.44
C ALA A 41 26.40 4.02 -2.40
N PHE A 42 27.67 4.45 -2.25
CA PHE A 42 28.81 3.93 -2.98
C PHE A 42 29.45 2.86 -2.10
N LEU A 43 29.81 1.73 -2.70
CA LEU A 43 30.52 0.66 -2.00
C LEU A 43 31.84 0.53 -2.70
N SER A 44 32.93 0.75 -1.97
CA SER A 44 34.27 0.64 -2.51
C SER A 44 34.94 -0.59 -1.92
N LEU A 45 35.61 -1.36 -2.77
CA LEU A 45 36.32 -2.57 -2.37
C LEU A 45 37.73 -2.49 -2.93
N SER A 46 38.72 -3.01 -2.17
CA SER A 46 40.12 -3.03 -2.58
C SER A 46 40.84 -4.25 -2.03
N TRP A 47 41.57 -4.95 -2.90
CA TRP A 47 42.32 -6.16 -2.56
C TRP A 47 43.47 -6.33 -3.53
N LYS A 48 44.52 -7.05 -3.09
CA LYS A 48 45.70 -7.33 -3.91
C LYS A 48 45.54 -8.66 -4.64
N ASP A 49 45.65 -8.60 -5.98
CA ASP A 49 45.63 -9.77 -6.85
C ASP A 49 46.93 -9.70 -7.68
N ARG A 50 47.99 -10.41 -7.23
CA ARG A 50 49.31 -10.41 -7.87
C ARG A 50 49.30 -10.95 -9.30
N ARG A 51 48.29 -11.76 -9.66
CA ARG A 51 48.11 -12.31 -11.02
C ARG A 51 47.83 -11.19 -12.02
N LEU A 52 47.34 -10.03 -11.54
CA LEU A 52 46.97 -8.86 -12.34
C LEU A 52 48.08 -7.78 -12.36
N ALA A 53 49.21 -8.02 -11.66
CA ALA A 53 50.33 -7.09 -11.62
C ALA A 53 50.98 -6.94 -13.00
N PHE A 54 51.48 -5.74 -13.30
CA PHE A 54 52.10 -5.40 -14.58
C PHE A 54 53.25 -4.42 -14.42
N ASP A 55 54.16 -4.37 -15.42
CA ASP A 55 55.28 -3.43 -15.42
C ASP A 55 54.75 -2.14 -16.08
N PRO A 56 54.74 -1.00 -15.35
CA PRO A 56 54.20 0.24 -15.95
C PRO A 56 55.01 0.78 -17.15
N VAL A 57 56.31 0.39 -17.23
CA VAL A 57 57.24 0.76 -18.30
C VAL A 57 56.89 0.05 -19.62
N ARG A 58 56.82 -1.30 -19.60
CA ARG A 58 56.51 -2.16 -20.74
C ARG A 58 55.11 -1.96 -21.28
N SER A 59 54.14 -1.69 -20.38
CA SER A 59 52.73 -1.48 -20.71
C SER A 59 52.43 -0.07 -21.21
N GLY A 60 53.16 0.91 -20.69
CA GLY A 60 52.98 2.32 -21.06
C GLY A 60 51.78 2.97 -20.41
N VAL A 61 51.07 2.22 -19.56
CA VAL A 61 49.89 2.67 -18.81
C VAL A 61 50.10 2.42 -17.31
N ARG A 62 49.85 3.45 -16.48
CA ARG A 62 50.02 3.35 -15.03
C ARG A 62 48.84 2.67 -14.33
N VAL A 63 47.73 2.48 -15.06
CA VAL A 63 46.48 1.88 -14.59
C VAL A 63 45.85 0.99 -15.64
N LYS A 64 45.16 -0.06 -15.21
CA LYS A 64 44.46 -0.97 -16.11
C LYS A 64 43.01 -1.14 -15.66
N THR A 65 42.05 -0.80 -16.55
CA THR A 65 40.61 -0.90 -16.30
C THR A 65 40.10 -2.27 -16.77
N TYR A 66 39.28 -2.93 -15.94
CA TYR A 66 38.70 -4.25 -16.22
C TYR A 66 37.19 -4.28 -16.09
N GLU A 67 36.56 -5.24 -16.78
CA GLU A 67 35.12 -5.49 -16.71
C GLU A 67 34.92 -6.52 -15.57
N PRO A 68 33.77 -6.51 -14.85
CA PRO A 68 33.60 -7.44 -13.72
C PRO A 68 33.89 -8.93 -13.99
N GLU A 69 33.44 -9.42 -15.15
CA GLU A 69 33.60 -10.81 -15.59
C GLU A 69 35.05 -11.19 -15.91
N ALA A 70 35.87 -10.20 -16.32
CA ALA A 70 37.27 -10.41 -16.69
C ALA A 70 38.16 -10.86 -15.54
N ILE A 71 37.89 -10.35 -14.33
CA ILE A 71 38.70 -10.65 -13.14
C ILE A 71 37.89 -11.27 -11.99
N TRP A 72 38.59 -11.73 -10.95
CA TRP A 72 37.98 -12.28 -9.75
C TRP A 72 37.61 -11.11 -8.85
N ILE A 73 36.35 -11.09 -8.36
CA ILE A 73 35.86 -10.05 -7.46
C ILE A 73 35.25 -10.75 -6.24
N PRO A 74 35.58 -10.32 -4.99
CA PRO A 74 35.02 -11.02 -3.82
C PRO A 74 33.52 -10.85 -3.71
N GLU A 75 32.82 -11.91 -3.30
CA GLU A 75 31.36 -11.88 -3.14
C GLU A 75 31.02 -11.26 -1.79
N ILE A 76 30.80 -9.93 -1.80
CA ILE A 76 30.46 -9.14 -0.62
C ILE A 76 28.95 -8.99 -0.59
N ARG A 77 28.33 -9.30 0.55
CA ARG A 77 26.88 -9.21 0.74
C ARG A 77 26.58 -8.43 2.00
N PHE A 78 25.32 -8.01 2.15
CA PHE A 78 24.83 -7.31 3.33
C PHE A 78 24.05 -8.31 4.13
N VAL A 79 24.22 -8.26 5.46
CA VAL A 79 23.53 -9.19 6.35
C VAL A 79 22.08 -8.78 6.53
N ASN A 80 21.86 -7.58 7.11
CA ASN A 80 20.56 -7.05 7.46
C ASN A 80 19.84 -6.30 6.32
N VAL A 81 19.68 -6.96 5.17
CA VAL A 81 18.88 -6.45 4.05
C VAL A 81 17.64 -7.31 3.82
N GLU A 82 16.57 -6.72 3.28
CA GLU A 82 15.34 -7.42 2.93
C GLU A 82 15.64 -8.37 1.76
N ASN A 83 16.15 -7.81 0.65
CA ASN A 83 16.56 -8.54 -0.54
C ASN A 83 17.97 -8.08 -0.91
N ALA A 84 18.67 -8.83 -1.78
CA ALA A 84 20.00 -8.48 -2.25
C ALA A 84 19.95 -7.09 -2.91
N ARG A 85 20.94 -6.25 -2.58
CA ARG A 85 21.10 -4.88 -3.07
C ARG A 85 21.09 -4.76 -4.61
N ASP A 86 20.63 -3.63 -5.12
CA ASP A 86 20.67 -3.37 -6.53
C ASP A 86 21.91 -2.58 -6.77
N ALA A 87 22.91 -3.22 -7.37
CA ALA A 87 24.21 -2.65 -7.62
C ALA A 87 24.51 -2.42 -9.10
N ASP A 88 25.25 -1.32 -9.37
CA ASP A 88 25.73 -0.90 -10.68
C ASP A 88 27.23 -0.68 -10.50
N VAL A 89 28.06 -1.45 -11.23
CA VAL A 89 29.51 -1.28 -11.13
C VAL A 89 29.91 0.03 -11.82
N VAL A 90 30.55 0.92 -11.05
CA VAL A 90 30.99 2.25 -11.50
C VAL A 90 32.38 2.13 -12.16
N ASP A 91 33.37 1.55 -11.45
CA ASP A 91 34.73 1.45 -11.94
C ASP A 91 35.54 0.34 -11.28
N ILE A 92 36.43 -0.30 -12.07
CA ILE A 92 37.40 -1.31 -11.64
C ILE A 92 38.76 -0.85 -12.19
N SER A 93 39.70 -0.54 -11.29
CA SER A 93 41.04 -0.06 -11.62
C SER A 93 42.11 -0.93 -11.00
N VAL A 94 43.12 -1.31 -11.78
CA VAL A 94 44.23 -2.13 -11.29
C VAL A 94 45.53 -1.34 -11.40
N SER A 95 46.28 -1.25 -10.29
CA SER A 95 47.57 -0.56 -10.21
C SER A 95 48.70 -1.55 -10.61
N PRO A 96 49.95 -1.09 -10.91
CA PRO A 96 51.00 -2.03 -11.33
C PRO A 96 51.30 -3.19 -10.38
N ASP A 97 51.22 -2.96 -9.05
CA ASP A 97 51.49 -3.98 -8.04
C ASP A 97 50.39 -5.04 -7.91
N GLY A 98 49.28 -4.84 -8.62
CA GLY A 98 48.16 -5.77 -8.63
C GLY A 98 47.00 -5.39 -7.71
N THR A 99 47.07 -4.20 -7.07
CA THR A 99 46.02 -3.69 -6.19
C THR A 99 44.79 -3.30 -7.02
N VAL A 100 43.65 -3.94 -6.73
CA VAL A 100 42.39 -3.69 -7.42
C VAL A 100 41.58 -2.66 -6.62
N GLN A 101 40.97 -1.69 -7.31
CA GLN A 101 40.11 -0.65 -6.73
C GLN A 101 38.74 -0.69 -7.40
N TYR A 102 37.83 -1.43 -6.76
CA TYR A 102 36.44 -1.65 -7.17
C TYR A 102 35.54 -0.55 -6.58
N LEU A 103 34.54 -0.12 -7.36
CA LEU A 103 33.54 0.84 -6.95
C LEU A 103 32.21 0.55 -7.59
N GLU A 104 31.16 0.48 -6.78
CA GLU A 104 29.78 0.24 -7.22
C GLU A 104 28.85 1.19 -6.52
N ARG A 105 27.71 1.46 -7.15
CA ARG A 105 26.68 2.29 -6.54
C ARG A 105 25.46 1.39 -6.31
N PHE A 106 25.05 1.27 -5.04
CA PHE A 106 23.96 0.39 -4.66
C PHE A 106 22.79 1.12 -4.02
N SER A 107 21.67 0.42 -3.92
CA SER A 107 20.45 0.84 -3.24
C SER A 107 19.93 -0.42 -2.52
N ALA A 108 19.54 -0.27 -1.23
CA ALA A 108 19.04 -1.41 -0.43
C ALA A 108 18.15 -0.98 0.71
N ARG A 109 17.17 -1.84 1.06
CA ARG A 109 16.29 -1.65 2.21
C ARG A 109 16.95 -2.40 3.36
N VAL A 110 17.33 -1.68 4.40
CA VAL A 110 18.07 -2.19 5.56
C VAL A 110 17.15 -2.43 6.76
N LEU A 111 17.23 -3.64 7.35
CA LEU A 111 16.50 -4.08 8.54
C LEU A 111 17.36 -3.73 9.77
N SER A 112 17.01 -2.68 10.48
CA SER A 112 17.78 -2.30 11.68
C SER A 112 16.81 -1.95 12.80
N PRO A 113 16.85 -2.72 13.93
CA PRO A 113 15.90 -2.48 15.04
C PRO A 113 16.08 -1.14 15.76
N LEU A 114 14.96 -0.60 16.24
CA LEU A 114 14.95 0.68 16.95
C LEU A 114 14.52 0.52 18.41
N ASP A 115 15.07 1.38 19.30
CA ASP A 115 14.71 1.38 20.71
C ASP A 115 13.75 2.55 20.98
N PHE A 116 12.46 2.21 21.15
CA PHE A 116 11.38 3.18 21.32
C PHE A 116 11.16 3.65 22.76
N ARG A 117 11.97 3.16 23.71
CA ARG A 117 11.91 3.48 25.14
C ARG A 117 11.83 4.98 25.43
N ARG A 118 12.58 5.81 24.69
CA ARG A 118 12.57 7.26 24.90
C ARG A 118 11.82 8.08 23.84
N TYR A 119 11.07 7.41 22.93
CA TYR A 119 10.31 8.05 21.85
C TYR A 119 9.33 9.09 22.42
N PRO A 120 9.16 10.28 21.80
CA PRO A 120 9.81 10.79 20.57
C PRO A 120 11.11 11.59 20.82
N PHE A 121 11.75 11.38 21.99
CA PHE A 121 12.99 12.07 22.39
C PHE A 121 14.16 11.05 22.33
N ASP A 122 14.03 10.08 21.41
CA ASP A 122 14.94 8.97 21.20
C ASP A 122 16.01 9.24 20.15
N SER A 123 17.12 8.53 20.27
CA SER A 123 18.23 8.54 19.34
C SER A 123 18.44 7.10 18.97
N GLN A 124 18.83 6.84 17.73
CA GLN A 124 19.05 5.49 17.24
C GLN A 124 20.44 5.33 16.64
N THR A 125 20.94 4.09 16.68
CA THR A 125 22.17 3.69 16.02
C THR A 125 21.75 2.67 14.97
N LEU A 126 21.61 3.12 13.72
CA LEU A 126 21.29 2.28 12.58
C LEU A 126 22.54 1.48 12.16
N HIS A 127 22.35 0.24 11.68
CA HIS A 127 23.47 -0.62 11.29
C HIS A 127 23.37 -1.11 9.86
N ILE A 128 24.53 -1.22 9.22
CA ILE A 128 24.71 -1.77 7.88
C ILE A 128 25.84 -2.79 8.07
N TYR A 129 25.52 -4.09 7.98
CA TYR A 129 26.51 -5.15 8.16
C TYR A 129 27.02 -5.71 6.85
N LEU A 130 28.32 -5.47 6.56
CA LEU A 130 29.01 -5.99 5.38
C LEU A 130 29.56 -7.35 5.74
N ILE A 131 29.49 -8.32 4.82
CA ILE A 131 29.98 -9.66 5.10
C ILE A 131 30.63 -10.31 3.86
N VAL A 132 31.58 -11.22 4.11
CA VAL A 132 32.24 -12.04 3.10
C VAL A 132 32.47 -13.45 3.66
N ARG A 133 32.15 -14.45 2.86
CA ARG A 133 32.33 -15.84 3.22
C ARG A 133 33.60 -16.33 2.55
N SER A 134 34.48 -16.97 3.34
CA SER A 134 35.74 -17.51 2.86
C SER A 134 35.51 -18.68 1.92
N VAL A 135 36.35 -18.73 0.89
CA VAL A 135 36.35 -19.81 -0.12
C VAL A 135 37.26 -20.96 0.34
N ASP A 136 37.25 -22.05 -0.45
CA ASP A 136 38.00 -23.29 -0.26
C ASP A 136 39.49 -23.12 -0.24
N THR A 137 40.02 -22.42 -1.25
CA THR A 137 41.44 -22.17 -1.47
C THR A 137 42.01 -21.24 -0.41
N ARG A 138 41.32 -20.13 -0.09
CA ARG A 138 41.83 -19.21 0.94
C ARG A 138 40.71 -18.47 1.71
N ASN A 139 41.08 -17.92 2.88
CA ASN A 139 40.18 -17.20 3.76
C ASN A 139 40.18 -15.71 3.53
N ILE A 140 38.99 -15.12 3.41
CA ILE A 140 38.80 -13.69 3.14
C ILE A 140 38.37 -12.95 4.42
N VAL A 141 39.07 -11.86 4.73
CA VAL A 141 38.87 -11.01 5.90
C VAL A 141 38.56 -9.58 5.44
N LEU A 142 37.57 -8.93 6.07
CA LEU A 142 37.21 -7.55 5.72
C LEU A 142 37.98 -6.52 6.54
N ALA A 143 38.14 -5.33 5.98
CA ALA A 143 38.83 -4.21 6.63
C ALA A 143 38.11 -2.91 6.29
N VAL A 144 38.36 -1.86 7.08
CA VAL A 144 37.74 -0.56 6.86
C VAL A 144 38.81 0.44 6.38
N ASP A 145 38.61 1.02 5.19
CA ASP A 145 39.44 2.07 4.64
C ASP A 145 38.72 3.36 5.04
N LEU A 146 39.10 3.97 6.18
CA LEU A 146 38.48 5.17 6.75
C LEU A 146 38.39 6.34 5.77
N GLU A 147 39.33 6.41 4.83
CA GLU A 147 39.39 7.43 3.78
C GLU A 147 38.21 7.30 2.80
N LYS A 148 37.61 6.10 2.71
CA LYS A 148 36.51 5.79 1.80
C LYS A 148 35.16 5.56 2.51
N VAL A 149 35.06 5.99 3.78
CA VAL A 149 33.84 5.92 4.60
C VAL A 149 33.37 7.37 4.82
N GLY A 150 32.12 7.63 4.48
CA GLY A 150 31.53 8.95 4.61
C GLY A 150 30.09 9.04 4.19
N LYS A 151 29.60 10.28 3.99
CA LYS A 151 28.25 10.65 3.56
C LYS A 151 28.31 12.06 2.95
N ASN A 152 27.46 12.34 1.98
CA ASN A 152 27.48 13.68 1.40
C ASN A 152 26.66 14.63 2.29
N ASP A 153 26.99 15.92 2.25
CA ASP A 153 26.36 16.98 3.07
C ASP A 153 24.83 17.08 2.90
N ASP A 154 24.34 16.86 1.67
CA ASP A 154 22.90 16.90 1.35
C ASP A 154 22.09 15.75 1.93
N VAL A 155 22.75 14.63 2.37
CA VAL A 155 22.07 13.46 2.95
C VAL A 155 21.19 13.93 4.10
N PHE A 156 19.88 13.84 3.86
CA PHE A 156 18.84 14.25 4.80
C PHE A 156 17.89 13.08 5.04
N LEU A 157 17.53 12.86 6.30
CA LEU A 157 16.59 11.82 6.67
C LEU A 157 15.43 12.54 7.38
N THR A 158 14.29 12.68 6.66
CA THR A 158 13.07 13.34 7.10
C THR A 158 12.70 12.99 8.53
N GLY A 159 12.59 14.02 9.36
CA GLY A 159 12.24 13.91 10.79
C GLY A 159 13.36 13.48 11.71
N TRP A 160 14.60 13.39 11.18
CA TRP A 160 15.79 12.97 11.92
C TRP A 160 16.99 13.86 11.67
N ASP A 161 17.88 13.94 12.66
CA ASP A 161 19.15 14.66 12.58
C ASP A 161 20.24 13.60 12.48
N ILE A 162 21.04 13.64 11.40
CA ILE A 162 22.13 12.68 11.18
C ILE A 162 23.38 13.14 11.93
N GLU A 163 23.78 12.37 12.95
CA GLU A 163 24.95 12.67 13.78
C GLU A 163 26.26 12.27 13.13
N SER A 164 26.44 10.96 12.84
CA SER A 164 27.67 10.42 12.29
C SER A 164 27.47 9.12 11.54
N PHE A 165 28.34 8.86 10.56
CA PHE A 165 28.40 7.60 9.82
C PHE A 165 29.84 7.13 9.94
N THR A 166 30.05 6.14 10.81
CA THR A 166 31.36 5.54 11.08
C THR A 166 31.28 4.02 10.96
N ALA A 167 32.42 3.34 11.01
CA ALA A 167 32.48 1.88 10.95
C ALA A 167 33.39 1.36 12.04
N VAL A 168 33.00 0.21 12.63
CA VAL A 168 33.81 -0.48 13.65
C VAL A 168 34.90 -1.18 12.82
N VAL A 169 36.13 -0.65 12.90
CA VAL A 169 37.30 -1.07 12.10
C VAL A 169 37.66 -2.55 12.28
N LYS A 170 37.44 -3.11 13.47
CA LYS A 170 37.73 -4.51 13.78
C LYS A 170 36.57 -5.41 13.34
N PRO A 171 36.76 -6.30 12.34
CA PRO A 171 35.65 -7.17 11.91
C PRO A 171 35.34 -8.30 12.88
N ALA A 172 34.09 -8.77 12.86
CA ALA A 172 33.62 -9.91 13.65
C ALA A 172 33.83 -11.14 12.77
N ASN A 173 34.93 -11.85 13.01
CA ASN A 173 35.30 -13.05 12.26
C ASN A 173 34.76 -14.27 13.01
N PHE A 174 33.87 -15.05 12.39
CA PHE A 174 33.24 -16.22 12.98
C PHE A 174 33.03 -17.34 11.96
N ALA A 175 32.86 -18.57 12.45
CA ALA A 175 32.61 -19.73 11.61
C ALA A 175 31.11 -19.94 11.45
N LEU A 176 30.69 -20.19 10.22
CA LEU A 176 29.30 -20.45 9.86
C LEU A 176 29.30 -21.52 8.77
N GLU A 177 28.59 -22.63 9.04
CA GLU A 177 28.51 -23.81 8.18
C GLU A 177 29.90 -24.27 7.71
N ASP A 178 30.81 -24.40 8.66
CA ASP A 178 32.19 -24.87 8.52
C ASP A 178 33.13 -23.98 7.66
N ARG A 179 32.70 -22.78 7.31
CA ARG A 179 33.54 -21.83 6.58
C ARG A 179 33.59 -20.53 7.33
N LEU A 180 34.70 -19.83 7.20
CA LEU A 180 34.92 -18.56 7.87
C LEU A 180 34.09 -17.44 7.25
N GLU A 181 33.61 -16.51 8.09
CA GLU A 181 32.86 -15.33 7.67
C GLU A 181 33.36 -14.10 8.41
N SER A 182 33.66 -13.05 7.67
CA SER A 182 34.16 -11.79 8.20
C SER A 182 33.07 -10.73 8.08
N LYS A 183 32.56 -10.23 9.22
CA LYS A 183 31.48 -9.24 9.29
C LYS A 183 31.95 -7.85 9.75
N LEU A 184 31.49 -6.79 9.07
CA LEU A 184 31.81 -5.40 9.42
C LEU A 184 30.58 -4.61 9.82
N ASP A 185 30.69 -3.81 10.88
CA ASP A 185 29.57 -3.01 11.38
C ASP A 185 29.67 -1.53 11.01
N TYR A 186 28.82 -1.08 10.06
CA TYR A 186 28.73 0.33 9.65
C TYR A 186 27.59 0.94 10.43
N GLN A 187 27.90 1.94 11.27
CA GLN A 187 26.93 2.56 12.17
C GLN A 187 26.54 4.00 11.78
N LEU A 188 25.23 4.20 11.58
CA LEU A 188 24.66 5.50 11.26
C LEU A 188 23.90 6.00 12.49
N ARG A 189 24.47 7.03 13.15
CA ARG A 189 23.90 7.61 14.35
C ARG A 189 22.95 8.74 13.99
N ILE A 190 21.71 8.62 14.46
CA ILE A 190 20.63 9.57 14.20
C ILE A 190 19.87 9.87 15.48
N SER A 191 19.30 11.08 15.58
CA SER A 191 18.46 11.49 16.71
C SER A 191 17.20 12.14 16.15
N ARG A 192 16.06 11.78 16.74
CA ARG A 192 14.76 12.26 16.32
C ARG A 192 14.54 13.74 16.58
N GLN A 193 13.92 14.43 15.61
CA GLN A 193 13.54 15.84 15.68
C GLN A 193 12.16 15.86 16.39
N TYR A 194 12.18 16.12 17.72
CA TYR A 194 10.98 16.12 18.56
C TYR A 194 10.17 17.44 18.55
N PHE A 195 10.64 18.50 17.86
CA PHE A 195 9.95 19.81 17.79
C PHE A 195 8.45 19.70 17.53
N SER A 196 8.05 19.23 16.32
CA SER A 196 6.67 19.08 15.87
C SER A 196 5.72 18.45 16.89
N TYR A 197 6.20 17.43 17.63
CA TYR A 197 5.43 16.69 18.65
C TYR A 197 4.80 17.58 19.72
N ILE A 198 5.49 18.67 20.12
CA ILE A 198 5.01 19.62 21.14
C ILE A 198 3.70 20.35 20.70
N PRO A 199 3.67 21.21 19.64
CA PRO A 199 2.41 21.88 19.29
C PRO A 199 1.38 21.01 18.57
N ASN A 200 1.79 19.86 18.02
CA ASN A 200 0.89 19.00 17.26
C ASN A 200 0.21 17.91 18.08
N ILE A 201 0.96 17.30 19.01
CA ILE A 201 0.46 16.20 19.83
C ILE A 201 0.42 16.54 21.33
N ILE A 202 1.58 16.90 21.94
CA ILE A 202 1.73 17.14 23.38
C ILE A 202 0.77 18.22 23.92
N LEU A 203 0.90 19.48 23.46
CA LEU A 203 0.05 20.60 23.92
C LEU A 203 -1.44 20.35 23.65
N PRO A 204 -1.91 19.97 22.44
CA PRO A 204 -3.35 19.68 22.27
C PRO A 204 -3.87 18.57 23.20
N TRP A 205 -3.04 17.55 23.49
CA TRP A 205 -3.39 16.44 24.38
C TRP A 205 -3.58 16.94 25.83
N LEU A 206 -2.71 17.87 26.27
CA LEU A 206 -2.81 18.46 27.62
C LEU A 206 -4.05 19.33 27.73
N PHE A 207 -4.40 20.07 26.65
CA PHE A 207 -5.58 20.92 26.58
C PHE A 207 -6.85 20.12 26.78
N ILE A 208 -7.01 18.97 26.09
CA ILE A 208 -8.21 18.14 26.24
C ILE A 208 -8.28 17.51 27.63
N LEU A 209 -7.12 17.27 28.26
CA LEU A 209 -7.05 16.72 29.61
C LEU A 209 -7.47 17.80 30.65
N PHE A 210 -7.02 19.06 30.43
CA PHE A 210 -7.37 20.20 31.29
C PHE A 210 -8.86 20.52 31.20
N ILE A 211 -9.48 20.30 30.02
CA ILE A 211 -10.91 20.49 29.79
C ILE A 211 -11.70 19.53 30.68
N SER A 212 -11.23 18.27 30.85
CA SER A 212 -11.89 17.30 31.72
C SER A 212 -11.82 17.74 33.18
N TRP A 213 -10.75 18.47 33.56
CA TRP A 213 -10.55 18.94 34.93
C TRP A 213 -11.44 20.15 35.28
N THR A 214 -12.14 20.74 34.29
CA THR A 214 -13.08 21.84 34.53
C THR A 214 -14.35 21.30 35.22
N ALA A 215 -14.53 19.94 35.20
CA ALA A 215 -15.63 19.25 35.89
C ALA A 215 -15.48 19.38 37.42
N PHE A 216 -14.28 19.77 37.90
CA PHE A 216 -14.00 20.00 39.31
C PHE A 216 -14.47 21.37 39.79
N TRP A 217 -15.01 22.20 38.87
CA TRP A 217 -15.57 23.53 39.19
C TRP A 217 -17.07 23.56 38.88
N SER A 218 -17.67 22.37 38.72
CA SER A 218 -19.09 22.20 38.41
C SER A 218 -19.72 21.12 39.28
N THR A 219 -21.00 21.32 39.63
CA THR A 219 -21.81 20.40 40.44
C THR A 219 -22.81 19.65 39.54
N SER A 220 -22.97 20.10 38.27
CA SER A 220 -23.86 19.55 37.27
C SER A 220 -23.33 18.21 36.73
N TYR A 221 -23.87 17.09 37.27
CA TYR A 221 -23.49 15.72 36.91
C TYR A 221 -23.60 15.45 35.43
N GLU A 222 -24.69 15.89 34.78
CA GLU A 222 -24.90 15.72 33.34
C GLU A 222 -23.81 16.43 32.52
N ALA A 223 -23.43 17.67 32.94
CA ALA A 223 -22.38 18.45 32.27
C ALA A 223 -21.00 17.82 32.52
N ASN A 224 -20.77 17.34 33.77
CA ASN A 224 -19.53 16.69 34.18
C ASN A 224 -19.30 15.38 33.41
N VAL A 225 -20.37 14.57 33.27
CA VAL A 225 -20.35 13.31 32.51
C VAL A 225 -19.94 13.64 31.07
N THR A 226 -20.61 14.64 30.44
CA THR A 226 -20.31 15.12 29.09
C THR A 226 -18.84 15.53 28.97
N LEU A 227 -18.34 16.40 29.88
CA LEU A 227 -16.95 16.87 29.89
C LEU A 227 -15.92 15.74 29.95
N VAL A 228 -16.05 14.82 30.92
CA VAL A 228 -15.08 13.74 31.14
C VAL A 228 -15.18 12.63 30.08
N VAL A 229 -16.41 12.22 29.72
CA VAL A 229 -16.63 11.15 28.75
C VAL A 229 -16.24 11.59 27.32
N SER A 230 -16.63 12.81 26.90
CA SER A 230 -16.31 13.32 25.56
C SER A 230 -14.82 13.55 25.34
N THR A 231 -14.13 14.15 26.34
CA THR A 231 -12.67 14.35 26.22
C THR A 231 -11.92 13.01 26.21
N LEU A 232 -12.53 11.94 26.80
CA LEU A 232 -11.97 10.60 26.80
C LEU A 232 -11.94 10.07 25.36
N ILE A 233 -13.00 10.37 24.58
CA ILE A 233 -13.10 9.99 23.16
C ILE A 233 -11.93 10.63 22.36
N ALA A 234 -11.63 11.92 22.65
CA ALA A 234 -10.52 12.64 22.04
C ALA A 234 -9.20 12.01 22.46
N HIS A 235 -9.08 11.65 23.75
CA HIS A 235 -7.87 10.98 24.26
C HIS A 235 -7.66 9.64 23.52
N ILE A 236 -8.74 8.86 23.30
CA ILE A 236 -8.69 7.59 22.57
C ILE A 236 -8.19 7.84 21.15
N ALA A 237 -8.72 8.89 20.46
CA ALA A 237 -8.28 9.27 19.11
C ALA A 237 -6.76 9.54 19.07
N PHE A 238 -6.24 10.37 20.00
CA PHE A 238 -4.81 10.68 20.11
C PHE A 238 -3.99 9.41 20.44
N ASN A 239 -4.51 8.52 21.32
CA ASN A 239 -3.84 7.26 21.66
C ASN A 239 -3.66 6.40 20.41
N ILE A 240 -4.75 6.23 19.61
CA ILE A 240 -4.77 5.46 18.37
C ILE A 240 -3.81 6.06 17.31
N LEU A 241 -3.85 7.41 17.12
CA LEU A 241 -3.01 8.16 16.19
C LEU A 241 -1.52 7.94 16.47
N VAL A 242 -1.13 7.97 17.75
CA VAL A 242 0.25 7.78 18.20
C VAL A 242 0.71 6.32 18.01
N GLU A 243 -0.07 5.34 18.54
CA GLU A 243 0.27 3.91 18.49
C GLU A 243 0.28 3.32 17.06
N THR A 244 -0.33 3.97 16.06
CA THR A 244 -0.31 3.48 14.68
C THR A 244 1.05 3.73 14.00
N ASN A 245 1.78 4.76 14.45
CA ASN A 245 3.11 5.11 13.95
C ASN A 245 4.23 4.34 14.71
N LEU A 246 3.85 3.55 15.75
CA LEU A 246 4.79 2.78 16.56
C LEU A 246 4.54 1.27 16.50
N PRO A 247 5.60 0.43 16.53
CA PRO A 247 5.37 -1.03 16.57
C PRO A 247 5.07 -1.52 18.01
N LYS A 248 4.53 -2.74 18.11
CA LYS A 248 4.22 -3.36 19.40
C LYS A 248 5.55 -3.80 20.03
N THR A 249 5.92 -3.14 21.13
CA THR A 249 7.17 -3.37 21.86
C THR A 249 6.98 -4.27 23.09
N PRO A 250 7.92 -5.20 23.38
CA PRO A 250 7.77 -6.02 24.59
C PRO A 250 8.21 -5.29 25.88
N TYR A 251 8.57 -4.01 25.73
CA TYR A 251 9.01 -3.11 26.80
C TYR A 251 8.12 -1.86 26.84
N MET A 252 8.07 -1.20 28.00
CA MET A 252 7.29 0.01 28.15
C MET A 252 8.06 1.18 27.56
N THR A 253 7.37 2.02 26.80
CA THR A 253 7.95 3.22 26.19
C THR A 253 7.55 4.43 27.04
N TYR A 254 8.30 5.54 26.91
CA TYR A 254 8.01 6.76 27.65
C TYR A 254 6.61 7.27 27.31
N THR A 255 6.27 7.34 26.01
CA THR A 255 4.96 7.75 25.49
C THR A 255 3.87 6.77 25.97
N GLY A 256 4.15 5.48 25.88
CA GLY A 256 3.22 4.42 26.29
C GLY A 256 2.77 4.54 27.72
N ALA A 257 3.72 4.85 28.63
CA ALA A 257 3.48 5.04 30.08
C ALA A 257 2.56 6.25 30.32
N ILE A 258 2.87 7.41 29.70
CA ILE A 258 2.08 8.64 29.77
C ILE A 258 0.67 8.33 29.31
N ILE A 259 0.51 7.73 28.10
CA ILE A 259 -0.79 7.37 27.53
C ILE A 259 -1.60 6.58 28.55
N PHE A 260 -0.97 5.52 29.13
CA PHE A 260 -1.59 4.64 30.13
C PHE A 260 -1.98 5.41 31.38
N MET A 261 -1.09 6.31 31.85
CA MET A 261 -1.31 7.16 33.03
C MET A 261 -2.53 8.06 32.82
N ILE A 262 -2.69 8.66 31.61
CA ILE A 262 -3.83 9.50 31.29
C ILE A 262 -5.14 8.70 31.41
N TYR A 263 -5.15 7.42 30.97
CA TYR A 263 -6.30 6.52 31.10
C TYR A 263 -6.67 6.34 32.59
N LEU A 264 -5.66 6.27 33.49
CA LEU A 264 -5.90 6.16 34.94
C LEU A 264 -6.54 7.43 35.47
N PHE A 265 -5.99 8.60 35.10
CA PHE A 265 -6.49 9.93 35.48
C PHE A 265 -7.93 10.16 35.05
N TYR A 266 -8.32 9.63 33.87
CA TYR A 266 -9.69 9.73 33.37
C TYR A 266 -10.62 8.87 34.22
N PHE A 267 -10.16 7.64 34.55
CA PHE A 267 -10.91 6.71 35.38
C PHE A 267 -11.15 7.28 36.78
N VAL A 268 -10.11 7.86 37.41
CA VAL A 268 -10.20 8.50 38.73
C VAL A 268 -11.13 9.73 38.67
N ALA A 269 -11.10 10.50 37.55
CA ALA A 269 -11.97 11.65 37.35
C ALA A 269 -13.44 11.21 37.27
N VAL A 270 -13.71 10.07 36.63
CA VAL A 270 -15.07 9.51 36.53
C VAL A 270 -15.52 9.11 37.94
N ILE A 271 -14.63 8.47 38.73
CA ILE A 271 -14.92 8.08 40.11
C ILE A 271 -15.31 9.33 40.93
N GLU A 272 -14.49 10.42 40.86
CA GLU A 272 -14.75 11.68 41.55
C GLU A 272 -16.12 12.24 41.18
N VAL A 273 -16.40 12.34 39.87
CA VAL A 273 -17.66 12.84 39.31
C VAL A 273 -18.85 11.98 39.82
N THR A 274 -18.65 10.64 39.94
CA THR A 274 -19.67 9.70 40.44
C THR A 274 -19.91 9.93 41.95
N VAL A 275 -18.81 10.06 42.74
CA VAL A 275 -18.82 10.29 44.19
C VAL A 275 -19.50 11.62 44.52
N GLN A 276 -19.07 12.72 43.88
CA GLN A 276 -19.65 14.07 44.04
C GLN A 276 -21.18 14.04 43.85
N HIS A 277 -21.66 13.39 42.78
CA HIS A 277 -23.09 13.28 42.49
C HIS A 277 -23.85 12.45 43.52
N TYR A 278 -23.29 11.28 43.92
CA TYR A 278 -23.92 10.38 44.89
C TYR A 278 -24.19 11.10 46.22
N LEU A 279 -23.18 11.82 46.73
CA LEU A 279 -23.26 12.59 47.98
C LEU A 279 -24.26 13.72 47.87
N LYS A 280 -24.34 14.41 46.72
CA LYS A 280 -25.29 15.49 46.55
C LYS A 280 -26.73 14.96 46.47
N VAL A 281 -26.94 13.79 45.84
CA VAL A 281 -28.25 13.11 45.82
C VAL A 281 -28.62 12.61 47.24
N GLU A 282 -27.60 12.19 48.02
CA GLU A 282 -27.71 11.70 49.39
C GLU A 282 -27.86 12.85 50.41
N SER A 283 -28.10 14.07 49.90
CA SER A 283 -28.31 15.33 50.63
C SER A 283 -27.16 15.69 51.60
N GLN A 284 -25.91 15.49 51.13
CA GLN A 284 -24.71 15.87 51.87
C GLN A 284 -23.68 16.54 50.93
N PRO A 285 -23.99 17.75 50.41
CA PRO A 285 -23.05 18.43 49.50
C PRO A 285 -21.80 18.98 50.15
N ALA A 286 -21.77 19.09 51.48
CA ALA A 286 -20.59 19.57 52.20
C ALA A 286 -19.42 18.59 52.04
N ARG A 287 -19.71 17.27 51.97
CA ARG A 287 -18.71 16.19 51.78
C ARG A 287 -18.24 16.22 50.32
N ALA A 288 -19.19 16.35 49.39
CA ALA A 288 -18.95 16.42 47.96
C ALA A 288 -18.08 17.64 47.62
N ALA A 289 -18.40 18.81 48.22
CA ALA A 289 -17.66 20.06 48.01
C ALA A 289 -16.22 19.98 48.46
N SER A 290 -15.94 19.27 49.56
CA SER A 290 -14.58 19.14 50.09
C SER A 290 -13.72 18.23 49.22
N ILE A 291 -14.32 17.15 48.67
CA ILE A 291 -13.67 16.22 47.75
C ILE A 291 -13.33 16.95 46.43
N THR A 292 -14.33 17.65 45.84
CA THR A 292 -14.20 18.42 44.60
C THR A 292 -13.15 19.52 44.72
N ARG A 293 -13.10 20.24 45.86
CA ARG A 293 -12.11 21.30 46.10
C ARG A 293 -10.70 20.73 46.19
N ALA A 294 -10.56 19.53 46.80
CA ALA A 294 -9.29 18.83 46.94
C ALA A 294 -8.81 18.35 45.58
N SER A 295 -9.74 17.83 44.74
CA SER A 295 -9.47 17.34 43.38
C SER A 295 -8.90 18.41 42.48
N ARG A 296 -9.33 19.68 42.65
CA ARG A 296 -8.87 20.86 41.89
C ARG A 296 -7.36 21.04 42.02
N ILE A 297 -6.79 20.70 43.20
CA ILE A 297 -5.35 20.80 43.50
C ILE A 297 -4.67 19.45 43.28
N ALA A 298 -5.26 18.37 43.83
CA ALA A 298 -4.73 17.01 43.76
C ALA A 298 -4.45 16.52 42.33
N PHE A 299 -5.45 16.60 41.43
CA PHE A 299 -5.30 16.15 40.03
C PHE A 299 -4.12 16.79 39.29
N PRO A 300 -3.97 18.15 39.18
CA PRO A 300 -2.78 18.68 38.50
C PRO A 300 -1.45 18.38 39.21
N VAL A 301 -1.43 18.41 40.56
CA VAL A 301 -0.22 18.14 41.35
C VAL A 301 0.26 16.70 41.15
N VAL A 302 -0.63 15.70 41.34
CA VAL A 302 -0.31 14.28 41.17
C VAL A 302 0.12 14.01 39.70
N PHE A 303 -0.53 14.67 38.72
CA PHE A 303 -0.19 14.54 37.31
C PHE A 303 1.20 15.09 37.02
N LEU A 304 1.53 16.28 37.57
CA LEU A 304 2.83 16.93 37.41
C LEU A 304 3.93 16.11 38.10
N LEU A 305 3.69 15.61 39.33
CA LEU A 305 4.66 14.78 40.06
C LEU A 305 4.92 13.45 39.37
N ALA A 306 3.85 12.77 38.90
CA ALA A 306 3.94 11.48 38.22
C ALA A 306 4.74 11.57 36.93
N ASN A 307 4.57 12.69 36.18
CA ASN A 307 5.31 12.96 34.95
C ASN A 307 6.79 13.18 35.22
N ILE A 308 7.13 13.81 36.38
CA ILE A 308 8.51 14.04 36.80
C ILE A 308 9.17 12.68 37.09
N ILE A 309 8.43 11.79 37.80
CA ILE A 309 8.88 10.42 38.12
C ILE A 309 9.13 9.62 36.82
N LEU A 310 8.20 9.72 35.84
CA LEU A 310 8.33 9.04 34.55
C LEU A 310 9.49 9.56 33.72
N ALA A 311 9.66 10.90 33.64
CA ALA A 311 10.77 11.52 32.92
C ALA A 311 12.10 11.11 33.56
N PHE A 312 12.13 11.02 34.91
CA PHE A 312 13.32 10.59 35.63
C PHE A 312 13.66 9.13 35.36
N LEU A 313 12.65 8.23 35.39
CA LEU A 313 12.84 6.80 35.13
C LEU A 313 13.29 6.51 33.70
N PHE A 314 12.80 7.30 32.73
CA PHE A 314 13.08 7.11 31.31
C PHE A 314 14.27 7.90 30.78
N PHE A 315 14.71 8.98 31.45
CA PHE A 315 15.84 9.77 30.94
C PHE A 315 17.02 9.96 31.92
N VAL B 5 36.19 -1.55 -25.26
CA VAL B 5 35.59 -0.23 -25.12
C VAL B 5 36.16 0.52 -23.90
N SER B 6 36.77 1.69 -24.17
CA SER B 6 37.40 2.58 -23.18
C SER B 6 37.11 4.05 -23.57
N PRO B 7 37.32 5.06 -22.69
CA PRO B 7 36.98 6.45 -23.08
C PRO B 7 37.80 7.02 -24.24
N PRO B 8 37.27 7.96 -25.04
CA PRO B 8 38.07 8.50 -26.16
C PRO B 8 39.29 9.30 -25.68
N PRO B 9 40.50 9.04 -26.23
CA PRO B 9 41.69 9.78 -25.77
C PRO B 9 41.66 11.27 -26.10
N PRO B 10 42.32 12.14 -25.28
CA PRO B 10 42.30 13.57 -25.58
C PRO B 10 43.22 13.98 -26.73
N ILE B 11 42.82 15.00 -27.52
CA ILE B 11 43.66 15.53 -28.60
C ILE B 11 44.86 16.28 -27.95
N ALA B 12 44.58 17.06 -26.84
CA ALA B 12 45.48 18.08 -26.24
C ALA B 12 45.32 18.13 -24.66
N ASP B 13 45.06 17.06 -23.78
CA ASP B 13 44.86 17.24 -22.32
C ASP B 13 43.54 17.96 -21.85
N GLU B 14 42.62 18.24 -22.72
CA GLU B 14 41.34 18.90 -22.31
C GLU B 14 40.37 17.82 -21.72
N PRO B 15 39.43 18.16 -20.80
CA PRO B 15 38.50 17.14 -20.31
C PRO B 15 37.44 16.80 -21.36
N LEU B 16 36.75 15.65 -21.19
CA LEU B 16 35.68 15.27 -22.11
C LEU B 16 34.35 15.91 -21.72
N THR B 17 33.79 16.75 -22.62
CA THR B 17 32.53 17.42 -22.40
C THR B 17 31.37 16.58 -22.90
N VAL B 18 30.46 16.22 -21.98
CA VAL B 18 29.26 15.47 -22.31
C VAL B 18 28.11 16.47 -22.21
N ASN B 19 27.53 16.81 -23.35
CA ASN B 19 26.39 17.71 -23.40
C ASN B 19 25.17 16.88 -23.01
N THR B 20 24.36 17.44 -22.11
CA THR B 20 23.17 16.79 -21.57
C THR B 20 21.91 17.60 -21.88
N GLY B 21 20.77 16.93 -21.73
CA GLY B 21 19.46 17.49 -21.95
C GLY B 21 18.38 16.56 -21.47
N ILE B 22 17.42 17.11 -20.68
CA ILE B 22 16.27 16.37 -20.15
C ILE B 22 15.00 17.01 -20.70
N TYR B 23 14.12 16.20 -21.33
CA TYR B 23 12.85 16.66 -21.88
C TYR B 23 11.77 15.85 -21.21
N LEU B 24 10.97 16.49 -20.32
CA LEU B 24 9.91 15.86 -19.56
C LEU B 24 8.73 15.49 -20.42
N ILE B 25 8.31 14.23 -20.28
CA ILE B 25 7.24 13.68 -21.12
C ILE B 25 5.94 13.48 -20.18
N GLU B 26 6.14 13.12 -19.04
N GLU B 26 6.20 13.54 -18.79
CA GLU B 26 5.17 12.80 -17.86
CA GLU B 26 4.88 13.53 -18.04
C GLU B 26 5.83 13.18 -16.46
C GLU B 26 5.55 13.35 -16.71
N CYS B 27 5.00 13.91 -15.69
CA CYS B 27 5.35 14.25 -14.31
C CYS B 27 4.16 13.85 -13.51
N TYR B 28 4.37 13.01 -12.50
CA TYR B 28 3.27 12.48 -11.69
C TYR B 28 3.71 12.09 -10.27
N SER B 29 2.75 11.62 -9.47
CA SER B 29 2.90 11.14 -8.09
C SER B 29 3.82 12.01 -7.21
N LEU B 30 3.45 13.29 -6.97
CA LEU B 30 4.22 14.11 -6.04
C LEU B 30 3.73 13.79 -4.63
N ASP B 31 4.51 12.98 -3.90
CA ASP B 31 4.21 12.56 -2.53
C ASP B 31 4.82 13.57 -1.58
N ASP B 32 3.98 14.34 -0.90
CA ASP B 32 4.38 15.37 0.06
C ASP B 32 5.04 14.80 1.31
N LYS B 33 4.42 13.76 1.88
CA LYS B 33 4.89 13.07 3.08
C LYS B 33 6.28 12.47 2.83
N ALA B 34 6.43 11.78 1.66
CA ALA B 34 7.67 11.13 1.25
C ALA B 34 8.68 12.07 0.61
N GLU B 35 8.24 13.29 0.22
CA GLU B 35 9.04 14.31 -0.46
C GLU B 35 9.71 13.73 -1.74
N THR B 36 8.90 13.02 -2.55
CA THR B 36 9.33 12.39 -3.80
C THR B 36 8.33 12.69 -4.91
N PHE B 37 8.78 12.56 -6.17
CA PHE B 37 7.96 12.74 -7.37
C PHE B 37 8.46 11.81 -8.47
N LYS B 38 7.54 11.29 -9.28
CA LYS B 38 7.91 10.39 -10.36
C LYS B 38 8.01 11.18 -11.65
N VAL B 39 9.03 10.88 -12.48
CA VAL B 39 9.28 11.57 -13.73
C VAL B 39 9.57 10.58 -14.85
N ASN B 40 8.96 10.80 -16.02
CA ASN B 40 9.18 10.04 -17.24
C ASN B 40 9.66 11.05 -18.29
N ALA B 41 10.93 10.93 -18.71
CA ALA B 41 11.56 11.89 -19.60
C ALA B 41 12.57 11.32 -20.58
N PHE B 42 12.99 12.18 -21.53
CA PHE B 42 14.05 11.86 -22.50
C PHE B 42 15.36 12.38 -21.92
N LEU B 43 16.41 11.58 -22.00
CA LEU B 43 17.75 12.01 -21.59
C LEU B 43 18.60 11.95 -22.83
N SER B 44 19.13 13.11 -23.23
CA SER B 44 19.98 13.19 -24.40
C SER B 44 21.41 13.44 -23.98
N LEU B 45 22.35 12.72 -24.60
CA LEU B 45 23.77 12.86 -24.31
C LEU B 45 24.51 13.03 -25.62
N SER B 46 25.57 13.86 -25.62
CA SER B 46 26.41 14.10 -26.79
C SER B 46 27.85 14.34 -26.40
N TRP B 47 28.78 13.63 -27.05
CA TRP B 47 30.22 13.73 -26.80
C TRP B 47 30.96 13.32 -28.06
N LYS B 48 32.19 13.84 -28.25
CA LYS B 48 33.02 13.50 -29.39
C LYS B 48 33.90 12.27 -29.07
N ASP B 49 33.88 11.28 -29.97
CA ASP B 49 34.71 10.08 -29.91
C ASP B 49 35.28 9.85 -31.31
N ARG B 50 36.41 10.53 -31.62
CA ARG B 50 37.11 10.50 -32.90
C ARG B 50 37.45 9.09 -33.44
N ARG B 51 37.58 8.08 -32.54
CA ARG B 51 37.81 6.68 -32.90
C ARG B 51 36.65 6.12 -33.75
N LEU B 52 35.48 6.76 -33.68
CA LEU B 52 34.27 6.37 -34.40
C LEU B 52 34.11 7.08 -35.76
N ALA B 53 35.09 7.96 -36.13
CA ALA B 53 35.11 8.71 -37.39
C ALA B 53 35.01 7.82 -38.62
N PHE B 54 34.23 8.27 -39.62
CA PHE B 54 34.00 7.53 -40.86
C PHE B 54 33.88 8.42 -42.08
N ASP B 55 34.17 7.85 -43.27
CA ASP B 55 34.03 8.53 -44.55
C ASP B 55 32.69 8.05 -45.11
N PRO B 56 31.67 8.95 -45.25
CA PRO B 56 30.36 8.52 -45.77
C PRO B 56 30.40 7.94 -47.18
N VAL B 57 31.49 8.22 -47.93
CA VAL B 57 31.70 7.72 -49.28
C VAL B 57 32.00 6.23 -49.19
N ARG B 58 32.96 5.84 -48.33
CA ARG B 58 33.38 4.45 -48.13
C ARG B 58 32.33 3.62 -47.39
N SER B 59 31.60 4.23 -46.44
CA SER B 59 30.59 3.54 -45.65
C SER B 59 29.20 3.54 -46.30
N GLY B 60 29.00 4.43 -47.28
CA GLY B 60 27.75 4.55 -48.03
C GLY B 60 26.57 5.06 -47.22
N VAL B 61 26.87 5.73 -46.08
CA VAL B 61 25.88 6.31 -45.17
C VAL B 61 26.45 7.53 -44.45
N ARG B 62 25.66 8.62 -44.39
CA ARG B 62 26.03 9.90 -43.80
C ARG B 62 26.09 9.88 -42.27
N VAL B 63 25.29 8.99 -41.64
CA VAL B 63 25.21 8.85 -40.18
C VAL B 63 25.23 7.36 -39.82
N LYS B 64 26.04 6.99 -38.83
CA LYS B 64 26.13 5.61 -38.38
C LYS B 64 25.32 5.37 -37.10
N THR B 65 24.57 4.26 -37.07
CA THR B 65 23.78 3.86 -35.90
C THR B 65 24.50 2.71 -35.20
N TYR B 66 24.63 2.80 -33.86
CA TYR B 66 25.31 1.80 -33.03
C TYR B 66 24.44 1.29 -31.90
N GLU B 67 24.74 0.07 -31.41
CA GLU B 67 24.09 -0.54 -30.26
C GLU B 67 24.90 -0.11 -29.03
N PRO B 68 24.28 0.04 -27.83
CA PRO B 68 25.04 0.53 -26.66
C PRO B 68 26.37 -0.18 -26.34
N GLU B 69 26.37 -1.52 -26.44
CA GLU B 69 27.53 -2.37 -26.17
C GLU B 69 28.66 -2.22 -27.18
N ALA B 70 28.33 -1.84 -28.43
CA ALA B 70 29.30 -1.66 -29.51
C ALA B 70 30.29 -0.52 -29.28
N ILE B 71 29.85 0.57 -28.65
CA ILE B 71 30.69 1.74 -28.41
C ILE B 71 30.82 2.12 -26.92
N TRP B 72 31.70 3.09 -26.62
CA TRP B 72 31.89 3.61 -25.27
C TRP B 72 30.81 4.66 -25.04
N ILE B 73 30.08 4.56 -23.92
CA ILE B 73 29.03 5.50 -23.55
C ILE B 73 29.32 5.96 -22.10
N PRO B 74 29.29 7.29 -21.81
CA PRO B 74 29.60 7.73 -20.44
C PRO B 74 28.58 7.26 -19.44
N GLU B 75 29.05 6.87 -18.24
CA GLU B 75 28.17 6.40 -17.18
C GLU B 75 27.60 7.60 -16.46
N ILE B 76 26.41 8.04 -16.91
CA ILE B 76 25.67 9.15 -16.36
C ILE B 76 24.65 8.56 -15.38
N ARG B 77 24.61 9.10 -14.16
CA ARG B 77 23.69 8.66 -13.12
C ARG B 77 22.98 9.84 -12.54
N PHE B 78 21.89 9.59 -11.81
CA PHE B 78 21.14 10.61 -11.10
C PHE B 78 21.54 10.52 -9.65
N VAL B 79 21.70 11.69 -9.00
CA VAL B 79 22.11 11.73 -7.60
C VAL B 79 20.92 11.40 -6.70
N ASN B 80 19.88 12.26 -6.76
CA ASN B 80 18.70 12.19 -5.91
C ASN B 80 17.59 11.25 -6.45
N VAL B 81 17.94 10.00 -6.66
CA VAL B 81 16.98 8.95 -7.03
C VAL B 81 16.91 7.89 -5.93
N GLU B 82 15.74 7.23 -5.81
CA GLU B 82 15.53 6.11 -4.88
C GLU B 82 16.43 4.96 -5.36
N ASN B 83 16.14 4.48 -6.57
CA ASN B 83 16.87 3.40 -7.21
C ASN B 83 17.32 3.89 -8.59
N ALA B 84 18.22 3.14 -9.25
CA ALA B 84 18.68 3.47 -10.59
C ALA B 84 17.48 3.52 -11.54
N ARG B 85 17.48 4.55 -12.41
CA ARG B 85 16.42 4.82 -13.41
C ARG B 85 16.18 3.64 -14.35
N ASP B 86 14.96 3.55 -14.85
CA ASP B 86 14.61 2.54 -15.81
C ASP B 86 14.76 3.19 -17.12
N ALA B 87 15.81 2.82 -17.86
CA ALA B 87 16.12 3.42 -19.15
C ALA B 87 15.97 2.45 -20.31
N ASP B 88 15.52 3.00 -21.45
CA ASP B 88 15.35 2.33 -22.73
C ASP B 88 16.07 3.20 -23.74
N VAL B 89 17.13 2.66 -24.37
CA VAL B 89 17.90 3.43 -25.35
C VAL B 89 17.04 3.57 -26.62
N VAL B 90 16.78 4.83 -27.00
CA VAL B 90 15.95 5.18 -28.16
C VAL B 90 16.82 5.19 -29.43
N ASP B 91 17.95 5.93 -29.41
CA ASP B 91 18.83 6.05 -30.57
C ASP B 91 20.26 6.46 -30.22
N ILE B 92 21.22 5.92 -30.97
CA ILE B 92 22.64 6.25 -30.92
C ILE B 92 23.05 6.53 -32.37
N SER B 93 23.47 7.77 -32.64
CA SER B 93 23.86 8.24 -33.96
C SER B 93 25.25 8.85 -33.94
N VAL B 94 26.10 8.45 -34.86
CA VAL B 94 27.47 8.95 -34.97
C VAL B 94 27.61 9.66 -36.32
N SER B 95 28.04 10.94 -36.31
CA SER B 95 28.26 11.72 -37.52
C SER B 95 29.73 11.46 -37.98
N PRO B 96 30.12 11.68 -39.27
CA PRO B 96 31.49 11.34 -39.70
C PRO B 96 32.64 11.76 -38.78
N ASP B 97 32.55 12.96 -38.16
CA ASP B 97 33.60 13.47 -37.28
C ASP B 97 33.78 12.67 -35.98
N GLY B 98 32.80 11.83 -35.68
CA GLY B 98 32.79 10.99 -34.50
C GLY B 98 32.01 11.60 -33.35
N THR B 99 31.08 12.55 -33.65
CA THR B 99 30.23 13.15 -32.64
C THR B 99 29.10 12.15 -32.41
N VAL B 100 28.93 11.73 -31.15
CA VAL B 100 27.91 10.76 -30.78
C VAL B 100 26.69 11.50 -30.25
N GLN B 101 25.48 11.08 -30.70
CA GLN B 101 24.19 11.62 -30.27
C GLN B 101 23.33 10.50 -29.69
N TYR B 102 23.40 10.37 -28.36
CA TYR B 102 22.71 9.38 -27.55
C TYR B 102 21.35 9.93 -27.11
N LEU B 103 20.33 9.05 -27.08
CA LEU B 103 19.00 9.37 -26.60
C LEU B 103 18.36 8.16 -25.95
N GLU B 104 17.86 8.35 -24.73
CA GLU B 104 17.19 7.32 -23.96
C GLU B 104 15.93 7.87 -23.35
N ARG B 105 14.97 6.99 -23.06
CA ARG B 105 13.76 7.39 -22.38
C ARG B 105 13.77 6.67 -21.03
N PHE B 106 13.79 7.44 -19.94
CA PHE B 106 13.84 6.88 -18.61
C PHE B 106 12.62 7.24 -17.78
N SER B 107 12.43 6.51 -16.68
CA SER B 107 11.43 6.73 -15.65
C SER B 107 12.17 6.58 -14.31
N ALA B 108 11.93 7.50 -13.36
CA ALA B 108 12.62 7.47 -12.05
C ALA B 108 11.83 8.17 -10.96
N ARG B 109 11.94 7.69 -9.70
CA ARG B 109 11.34 8.34 -8.54
C ARG B 109 12.47 9.20 -7.97
N VAL B 110 12.23 10.51 -7.96
CA VAL B 110 13.18 11.52 -7.54
C VAL B 110 12.91 11.98 -6.11
N LEU B 111 13.97 12.01 -5.29
CA LEU B 111 13.98 12.46 -3.88
C LEU B 111 14.30 13.95 -3.88
N SER B 112 13.30 14.80 -3.71
CA SER B 112 13.53 16.24 -3.66
C SER B 112 12.77 16.85 -2.49
N PRO B 113 13.49 17.46 -1.52
CA PRO B 113 12.80 18.01 -0.33
C PRO B 113 11.91 19.20 -0.61
N LEU B 114 10.84 19.32 0.19
CA LEU B 114 9.87 20.40 0.05
C LEU B 114 9.84 21.30 1.29
N ASP B 115 9.55 22.59 1.08
CA ASP B 115 9.45 23.57 2.17
C ASP B 115 7.95 23.82 2.45
N PHE B 116 7.44 23.22 3.53
CA PHE B 116 6.02 23.31 3.89
C PHE B 116 5.65 24.54 4.73
N ARG B 117 6.62 25.45 5.00
CA ARG B 117 6.43 26.67 5.76
C ARG B 117 5.21 27.49 5.32
N ARG B 118 4.94 27.56 4.00
CA ARG B 118 3.81 28.34 3.49
C ARG B 118 2.62 27.51 3.00
N TYR B 119 2.64 26.17 3.23
CA TYR B 119 1.59 25.23 2.81
C TYR B 119 0.20 25.69 3.33
N PRO B 120 -0.90 25.61 2.54
CA PRO B 120 -1.00 25.14 1.15
C PRO B 120 -0.83 26.24 0.09
N PHE B 121 -0.19 27.36 0.46
CA PHE B 121 0.06 28.51 -0.44
C PHE B 121 1.56 28.57 -0.74
N ASP B 122 2.17 27.39 -0.85
CA ASP B 122 3.60 27.16 -1.08
C ASP B 122 3.95 26.90 -2.54
N SER B 123 5.19 27.20 -2.88
CA SER B 123 5.80 26.96 -4.19
C SER B 123 7.04 26.16 -3.92
N GLN B 124 7.38 25.25 -4.83
CA GLN B 124 8.54 24.39 -4.66
C GLN B 124 9.46 24.45 -5.87
N THR B 125 10.75 24.22 -5.63
CA THR B 125 11.77 24.08 -6.68
C THR B 125 12.26 22.64 -6.58
N LEU B 126 11.70 21.77 -7.42
CA LEU B 126 12.09 20.36 -7.52
C LEU B 126 13.44 20.26 -8.25
N HIS B 127 14.29 19.29 -7.86
CA HIS B 127 15.61 19.13 -8.46
C HIS B 127 15.83 17.75 -9.02
N ILE B 128 16.56 17.69 -10.13
CA ILE B 128 17.01 16.47 -10.79
C ILE B 128 18.52 16.70 -10.99
N TYR B 129 19.35 15.96 -10.25
CA TYR B 129 20.80 16.11 -10.35
C TYR B 129 21.46 15.05 -11.22
N LEU B 130 22.03 15.49 -12.35
CA LEU B 130 22.76 14.62 -13.28
C LEU B 130 24.21 14.60 -12.83
N ILE B 131 24.87 13.44 -12.91
CA ILE B 131 26.25 13.33 -12.47
C ILE B 131 27.06 12.35 -13.32
N VAL B 132 28.37 12.60 -13.42
CA VAL B 132 29.34 11.74 -14.09
C VAL B 132 30.65 11.73 -13.30
N ARG B 133 31.19 10.53 -13.09
CA ARG B 133 32.44 10.33 -12.39
C ARG B 133 33.55 10.16 -13.43
N SER B 134 34.65 10.91 -13.26
CA SER B 134 35.80 10.87 -14.13
C SER B 134 36.53 9.54 -14.00
N VAL B 135 37.00 9.05 -15.13
CA VAL B 135 37.78 7.82 -15.22
C VAL B 135 39.28 8.11 -15.04
N ASP B 136 40.07 7.04 -14.95
CA ASP B 136 41.49 7.07 -14.83
C ASP B 136 42.20 7.85 -15.91
N THR B 137 41.97 7.41 -17.17
CA THR B 137 42.58 7.92 -18.39
C THR B 137 42.28 9.40 -18.62
N ARG B 138 41.02 9.84 -18.45
CA ARG B 138 40.66 11.25 -18.62
C ARG B 138 39.47 11.69 -17.76
N ASN B 139 39.33 13.01 -17.58
CA ASN B 139 38.28 13.60 -16.77
C ASN B 139 37.07 13.99 -17.60
N ILE B 140 35.87 13.62 -17.11
CA ILE B 140 34.60 13.90 -17.78
C ILE B 140 33.86 15.04 -17.08
N VAL B 141 33.45 16.03 -17.88
CA VAL B 141 32.73 17.23 -17.44
C VAL B 141 31.36 17.29 -18.14
N LEU B 142 30.31 17.65 -17.40
CA LEU B 142 28.96 17.77 -17.97
C LEU B 142 28.67 19.17 -18.49
N ALA B 143 27.76 19.28 -19.46
CA ALA B 143 27.33 20.55 -20.05
C ALA B 143 25.84 20.50 -20.33
N VAL B 144 25.21 21.66 -20.48
CA VAL B 144 23.78 21.76 -20.76
C VAL B 144 23.59 22.23 -22.22
N ASP B 145 22.91 21.42 -23.02
CA ASP B 145 22.52 21.75 -24.38
C ASP B 145 21.10 22.28 -24.24
N LEU B 146 20.95 23.62 -24.12
CA LEU B 146 19.67 24.31 -23.89
C LEU B 146 18.59 23.96 -24.91
N GLU B 147 19.01 23.62 -26.13
CA GLU B 147 18.14 23.22 -27.24
C GLU B 147 17.45 21.87 -26.95
N LYS B 148 18.07 21.05 -26.06
CA LYS B 148 17.56 19.72 -25.71
C LYS B 148 17.01 19.63 -24.27
N VAL B 149 16.71 20.80 -23.66
CA VAL B 149 16.11 20.92 -22.32
C VAL B 149 14.69 21.48 -22.51
N GLY B 150 13.69 20.78 -21.96
CA GLY B 150 12.30 21.17 -22.07
C GLY B 150 11.33 20.24 -21.38
N LYS B 151 10.04 20.39 -21.73
CA LYS B 151 8.89 19.61 -21.23
C LYS B 151 7.76 19.73 -22.26
N ASN B 152 6.93 18.69 -22.40
CA ASN B 152 5.83 18.80 -23.35
C ASN B 152 4.66 19.56 -22.69
N ASP B 153 3.83 20.21 -23.52
CA ASP B 153 2.70 21.04 -23.08
C ASP B 153 1.68 20.29 -22.19
N ASP B 154 1.44 19.00 -22.49
CA ASP B 154 0.50 18.15 -21.74
C ASP B 154 0.98 17.76 -20.33
N VAL B 155 2.30 17.92 -20.03
CA VAL B 155 2.87 17.61 -18.71
C VAL B 155 2.06 18.32 -17.64
N PHE B 156 1.33 17.51 -16.86
CA PHE B 156 0.45 17.97 -15.80
C PHE B 156 0.85 17.26 -14.50
N LEU B 157 0.90 18.02 -13.41
CA LEU B 157 1.20 17.46 -12.10
C LEU B 157 0.00 17.82 -11.23
N THR B 158 -0.85 16.80 -10.95
CA THR B 158 -2.10 16.88 -10.18
C THR B 158 -1.93 17.73 -8.93
N GLY B 159 -2.76 18.77 -8.82
CA GLY B 159 -2.76 19.70 -7.70
C GLY B 159 -1.66 20.75 -7.70
N TRP B 160 -0.90 20.84 -8.81
CA TRP B 160 0.21 21.78 -8.96
C TRP B 160 0.21 22.47 -10.32
N ASP B 161 0.77 23.68 -10.36
CA ASP B 161 0.95 24.47 -11.58
C ASP B 161 2.44 24.44 -11.90
N ILE B 162 2.80 23.95 -13.09
CA ILE B 162 4.19 23.86 -13.52
C ILE B 162 4.64 25.18 -14.13
N GLU B 163 5.57 25.87 -13.44
CA GLU B 163 6.10 27.16 -13.86
C GLU B 163 7.15 27.06 -14.94
N SER B 164 8.28 26.38 -14.65
CA SER B 164 9.40 26.24 -15.58
C SER B 164 10.26 25.03 -15.30
N PHE B 165 10.90 24.52 -16.37
CA PHE B 165 11.88 23.44 -16.29
C PHE B 165 13.13 23.96 -16.98
N THR B 166 14.12 24.36 -16.18
CA THR B 166 15.40 24.91 -16.65
C THR B 166 16.56 24.15 -15.99
N ALA B 167 17.79 24.41 -16.44
CA ALA B 167 18.98 23.80 -15.88
C ALA B 167 20.04 24.86 -15.61
N VAL B 168 20.77 24.70 -14.49
CA VAL B 168 21.89 25.57 -14.13
C VAL B 168 23.03 25.09 -15.06
N VAL B 169 23.34 25.89 -16.09
CA VAL B 169 24.32 25.59 -17.15
C VAL B 169 25.73 25.28 -16.63
N LYS B 170 26.15 25.95 -15.53
CA LYS B 170 27.48 25.76 -14.95
C LYS B 170 27.47 24.52 -14.02
N PRO B 171 28.23 23.45 -14.34
CA PRO B 171 28.22 22.26 -13.46
C PRO B 171 29.03 22.44 -12.20
N ALA B 172 28.65 21.70 -11.15
CA ALA B 172 29.35 21.69 -9.88
C ALA B 172 30.37 20.58 -9.98
N ASN B 173 31.63 20.96 -10.28
CA ASN B 173 32.75 20.03 -10.42
C ASN B 173 33.47 19.95 -9.07
N PHE B 174 33.50 18.74 -8.48
CA PHE B 174 34.08 18.49 -7.16
C PHE B 174 34.75 17.14 -7.09
N ALA B 175 35.67 16.98 -6.13
CA ALA B 175 36.38 15.72 -5.92
C ALA B 175 35.63 14.88 -4.90
N LEU B 176 35.50 13.58 -5.21
CA LEU B 176 34.82 12.61 -4.37
C LEU B 176 35.57 11.31 -4.49
N GLU B 177 36.04 10.76 -3.35
CA GLU B 177 36.81 9.52 -3.27
C GLU B 177 37.93 9.43 -4.30
N ASP B 178 38.82 10.43 -4.30
CA ASP B 178 40.01 10.42 -5.15
C ASP B 178 39.76 10.65 -6.65
N ARG B 179 38.51 10.93 -7.07
CA ARG B 179 38.17 11.13 -8.47
C ARG B 179 37.26 12.32 -8.66
N LEU B 180 37.34 12.96 -9.84
CA LEU B 180 36.53 14.12 -10.16
C LEU B 180 35.08 13.70 -10.47
N GLU B 181 34.12 14.54 -10.06
CA GLU B 181 32.70 14.36 -10.29
C GLU B 181 32.09 15.68 -10.81
N SER B 182 31.35 15.61 -11.93
CA SER B 182 30.69 16.77 -12.56
C SER B 182 29.19 16.64 -12.37
N LYS B 183 28.58 17.54 -11.58
CA LYS B 183 27.15 17.53 -11.25
C LYS B 183 26.36 18.66 -11.92
N LEU B 184 25.18 18.34 -12.47
CA LEU B 184 24.29 19.32 -13.10
C LEU B 184 22.95 19.42 -12.36
N ASP B 185 22.44 20.65 -12.17
CA ASP B 185 21.19 20.89 -11.47
C ASP B 185 20.05 21.24 -12.43
N TYR B 186 19.09 20.29 -12.60
CA TYR B 186 17.89 20.48 -13.41
C TYR B 186 16.78 20.87 -12.44
N GLN B 187 16.23 22.08 -12.60
CA GLN B 187 15.22 22.63 -11.70
C GLN B 187 13.81 22.72 -12.29
N LEU B 188 12.85 22.08 -11.61
CA LEU B 188 11.45 22.10 -12.00
C LEU B 188 10.68 22.95 -10.98
N ARG B 189 10.27 24.15 -11.40
CA ARG B 189 9.54 25.08 -10.57
C ARG B 189 8.05 24.84 -10.65
N ILE B 190 7.44 24.61 -9.48
CA ILE B 190 6.01 24.33 -9.34
C ILE B 190 5.41 25.14 -8.19
N SER B 191 4.11 25.45 -8.28
CA SER B 191 3.36 26.16 -7.23
C SER B 191 2.04 25.43 -7.01
N ARG B 192 1.69 25.27 -5.74
CA ARG B 192 0.50 24.54 -5.32
C ARG B 192 -0.80 25.27 -5.67
N GLN B 193 -1.80 24.49 -6.16
CA GLN B 193 -3.15 24.96 -6.48
C GLN B 193 -3.94 24.90 -5.16
N TYR B 194 -4.08 26.06 -4.50
CA TYR B 194 -4.73 26.22 -3.20
C TYR B 194 -6.25 26.41 -3.24
N PHE B 195 -6.86 26.44 -4.45
CA PHE B 195 -8.30 26.63 -4.62
C PHE B 195 -9.14 25.71 -3.72
N SER B 196 -9.08 24.38 -3.98
CA SER B 196 -9.84 23.34 -3.28
C SER B 196 -9.84 23.47 -1.75
N TYR B 197 -8.68 23.85 -1.17
CA TYR B 197 -8.47 24.04 0.28
C TYR B 197 -9.49 24.98 0.94
N ILE B 198 -9.90 26.05 0.23
CA ILE B 198 -10.88 27.05 0.73
C ILE B 198 -12.28 26.41 1.00
N PRO B 199 -13.06 25.91 0.01
CA PRO B 199 -14.38 25.35 0.34
C PRO B 199 -14.38 23.97 0.98
N ASN B 200 -13.26 23.23 0.90
CA ASN B 200 -13.17 21.87 1.45
C ASN B 200 -12.65 21.80 2.87
N ILE B 201 -11.65 22.61 3.19
CA ILE B 201 -11.03 22.57 4.51
C ILE B 201 -11.21 23.89 5.29
N ILE B 202 -10.76 25.04 4.72
CA ILE B 202 -10.76 26.36 5.36
C ILE B 202 -12.15 26.80 5.85
N LEU B 203 -13.11 27.00 4.91
CA LEU B 203 -14.47 27.46 5.24
C LEU B 203 -15.20 26.47 6.19
N PRO B 204 -15.26 25.14 5.94
CA PRO B 204 -15.93 24.25 6.91
C PRO B 204 -15.30 24.30 8.31
N TRP B 205 -13.97 24.46 8.39
CA TRP B 205 -13.24 24.56 9.65
C TRP B 205 -13.65 25.84 10.40
N LEU B 206 -13.80 26.98 9.70
CA LEU B 206 -14.22 28.26 10.31
C LEU B 206 -15.66 28.16 10.81
N PHE B 207 -16.53 27.45 10.06
CA PHE B 207 -17.93 27.24 10.42
C PHE B 207 -18.05 26.49 11.75
N ILE B 208 -17.28 25.40 11.95
CA ILE B 208 -17.33 24.63 13.20
C ILE B 208 -16.75 25.46 14.37
N LEU B 209 -15.82 26.37 14.08
CA LEU B 209 -15.24 27.26 15.09
C LEU B 209 -16.27 28.35 15.50
N PHE B 210 -17.03 28.89 14.51
CA PHE B 210 -18.07 29.88 14.75
C PHE B 210 -19.23 29.29 15.54
N ILE B 211 -19.51 27.98 15.35
CA ILE B 211 -20.54 27.24 16.07
C ILE B 211 -20.21 27.21 17.57
N SER B 212 -18.92 27.02 17.92
CA SER B 212 -18.47 27.04 19.31
C SER B 212 -18.68 28.43 19.94
N TRP B 213 -18.57 29.50 19.13
CA TRP B 213 -18.72 30.88 19.59
C TRP B 213 -20.19 31.27 19.86
N THR B 214 -21.16 30.41 19.47
CA THR B 214 -22.58 30.64 19.75
C THR B 214 -22.84 30.41 21.25
N ALA B 215 -21.89 29.77 21.96
CA ALA B 215 -21.95 29.54 23.41
C ALA B 215 -21.83 30.87 24.18
N PHE B 216 -21.38 31.94 23.49
CA PHE B 216 -21.28 33.28 24.06
C PHE B 216 -22.62 34.03 24.05
N TRP B 217 -23.68 33.41 23.49
CA TRP B 217 -25.04 33.96 23.47
C TRP B 217 -25.99 33.06 24.27
N SER B 218 -25.43 32.16 25.10
CA SER B 218 -26.16 31.21 25.93
C SER B 218 -25.61 31.17 27.34
N THR B 219 -26.53 30.98 28.32
CA THR B 219 -26.22 30.87 29.76
C THR B 219 -26.29 29.41 30.21
N SER B 220 -26.85 28.51 29.35
CA SER B 220 -27.03 27.08 29.59
C SER B 220 -25.70 26.34 29.50
N TYR B 221 -25.10 26.07 30.68
CA TYR B 221 -23.80 25.39 30.82
C TYR B 221 -23.77 24.04 30.11
N GLU B 222 -24.84 23.23 30.25
CA GLU B 222 -24.93 21.92 29.60
C GLU B 222 -24.91 22.04 28.07
N ALA B 223 -25.62 23.06 27.52
CA ALA B 223 -25.64 23.33 26.07
C ALA B 223 -24.30 23.88 25.60
N ASN B 224 -23.68 24.78 26.40
CA ASN B 224 -22.39 25.38 26.12
C ASN B 224 -21.29 24.33 26.08
N VAL B 225 -21.29 23.41 27.07
CA VAL B 225 -20.34 22.29 27.16
C VAL B 225 -20.46 21.46 25.87
N THR B 226 -21.70 21.08 25.50
CA THR B 226 -22.01 20.33 24.29
C THR B 226 -21.45 21.06 23.05
N LEU B 227 -21.77 22.35 22.89
CA LEU B 227 -21.30 23.17 21.76
C LEU B 227 -19.79 23.21 21.61
N VAL B 228 -19.06 23.57 22.69
CA VAL B 228 -17.60 23.72 22.65
C VAL B 228 -16.86 22.36 22.58
N VAL B 229 -17.29 21.36 23.36
CA VAL B 229 -16.65 20.05 23.40
C VAL B 229 -16.89 19.26 22.10
N SER B 230 -18.12 19.27 21.56
CA SER B 230 -18.44 18.54 20.32
C SER B 230 -17.74 19.11 19.11
N THR B 231 -17.72 20.47 18.96
CA THR B 231 -17.01 21.11 17.84
C THR B 231 -15.49 20.87 17.94
N LEU B 232 -14.96 20.64 19.17
CA LEU B 232 -13.56 20.32 19.39
C LEU B 232 -13.24 18.96 18.76
N ILE B 233 -14.19 18.00 18.86
CA ILE B 233 -14.05 16.68 18.23
C ILE B 233 -13.90 16.81 16.69
N ALA B 234 -14.71 17.71 16.09
CA ALA B 234 -14.67 18.02 14.66
C ALA B 234 -13.34 18.67 14.33
N HIS B 235 -12.85 19.59 15.20
CA HIS B 235 -11.56 20.27 15.01
C HIS B 235 -10.39 19.27 15.06
N ILE B 236 -10.51 18.25 15.93
CA ILE B 236 -9.51 17.18 16.04
C ILE B 236 -9.51 16.38 14.72
N ALA B 237 -10.71 16.02 14.18
CA ALA B 237 -10.86 15.30 12.91
C ALA B 237 -10.14 16.06 11.76
N PHE B 238 -10.43 17.37 11.62
CA PHE B 238 -9.79 18.24 10.63
C PHE B 238 -8.27 18.33 10.83
N ASN B 239 -7.81 18.42 12.10
CA ASN B 239 -6.38 18.46 12.42
C ASN B 239 -5.69 17.19 11.92
N ILE B 240 -6.25 16.01 12.25
CA ILE B 240 -5.74 14.68 11.85
C ILE B 240 -5.72 14.53 10.32
N LEU B 241 -6.81 14.92 9.63
CA LEU B 241 -6.96 14.86 8.17
C LEU B 241 -5.87 15.65 7.46
N VAL B 242 -5.57 16.86 7.95
CA VAL B 242 -4.55 17.75 7.40
C VAL B 242 -3.13 17.20 7.64
N GLU B 243 -2.79 16.87 8.91
CA GLU B 243 -1.46 16.39 9.31
C GLU B 243 -1.07 15.02 8.71
N THR B 244 -2.04 14.22 8.22
CA THR B 244 -1.71 12.92 7.59
C THR B 244 -1.15 13.11 6.17
N ASN B 245 -1.49 14.22 5.50
CA ASN B 245 -1.00 14.56 4.16
C ASN B 245 0.33 15.35 4.22
N LEU B 246 0.80 15.68 5.45
CA LEU B 246 2.04 16.42 5.68
C LEU B 246 3.09 15.64 6.48
N PRO B 247 4.40 15.80 6.17
CA PRO B 247 5.42 15.14 6.99
C PRO B 247 5.72 15.94 8.27
N LYS B 248 6.37 15.28 9.24
CA LYS B 248 6.77 15.91 10.50
C LYS B 248 7.97 16.81 10.21
N THR B 249 7.76 18.13 10.31
CA THR B 249 8.77 19.15 10.01
C THR B 249 9.48 19.69 11.26
N PRO B 250 10.81 19.94 11.20
CA PRO B 250 11.49 20.52 12.39
C PRO B 250 11.27 22.03 12.54
N TYR B 251 10.42 22.60 11.67
CA TYR B 251 10.04 24.01 11.61
C TYR B 251 8.53 24.16 11.69
N MET B 252 8.06 25.34 12.11
CA MET B 252 6.63 25.59 12.18
C MET B 252 6.12 25.95 10.79
N THR B 253 4.97 25.38 10.42
CA THR B 253 4.33 25.64 9.13
C THR B 253 3.19 26.63 9.37
N TYR B 254 2.74 27.33 8.32
CA TYR B 254 1.63 28.29 8.40
C TYR B 254 0.34 27.60 8.89
N THR B 255 0.03 26.42 8.32
CA THR B 255 -1.13 25.60 8.68
C THR B 255 -0.97 25.08 10.12
N GLY B 256 0.23 24.64 10.46
CA GLY B 256 0.55 24.14 11.80
C GLY B 256 0.26 25.16 12.88
N ALA B 257 0.66 26.43 12.62
CA ALA B 257 0.49 27.58 13.51
C ALA B 257 -0.99 27.87 13.74
N ILE B 258 -1.79 27.90 12.65
CA ILE B 258 -3.24 28.12 12.68
C ILE B 258 -3.92 27.02 13.48
N ILE B 259 -3.63 25.74 13.16
CA ILE B 259 -4.21 24.57 13.86
C ILE B 259 -3.98 24.69 15.36
N PHE B 260 -2.72 24.96 15.75
CA PHE B 260 -2.32 25.14 17.16
C PHE B 260 -3.07 26.28 17.80
N MET B 261 -3.21 27.41 17.09
CA MET B 261 -3.92 28.60 17.56
C MET B 261 -5.40 28.29 17.85
N ILE B 262 -6.05 27.50 16.96
CA ILE B 262 -7.45 27.07 17.14
C ILE B 262 -7.59 26.26 18.44
N TYR B 263 -6.60 25.38 18.76
CA TYR B 263 -6.57 24.62 20.02
C TYR B 263 -6.56 25.56 21.22
N LEU B 264 -5.82 26.69 21.13
CA LEU B 264 -5.76 27.69 22.20
C LEU B 264 -7.12 28.37 22.38
N PHE B 265 -7.75 28.78 21.27
CA PHE B 265 -9.07 29.42 21.24
C PHE B 265 -10.15 28.53 21.83
N TYR B 266 -10.07 27.20 21.62
CA TYR B 266 -11.01 26.23 22.19
C TYR B 266 -10.80 26.13 23.69
N PHE B 267 -9.53 26.11 24.14
CA PHE B 267 -9.18 26.04 25.54
C PHE B 267 -9.67 27.29 26.29
N VAL B 268 -9.45 28.49 25.72
CA VAL B 268 -9.91 29.77 26.29
C VAL B 268 -11.46 29.81 26.32
N ALA B 269 -12.14 29.25 25.28
CA ALA B 269 -13.60 29.17 25.24
C ALA B 269 -14.14 28.27 26.36
N VAL B 270 -13.44 27.15 26.66
CA VAL B 270 -13.81 26.26 27.75
C VAL B 270 -13.67 27.02 29.08
N ILE B 271 -12.55 27.78 29.25
CA ILE B 271 -12.31 28.60 30.45
C ILE B 271 -13.47 29.58 30.64
N GLU B 272 -13.85 30.34 29.57
CA GLU B 272 -14.97 31.30 29.60
C GLU B 272 -16.27 30.61 30.03
N VAL B 273 -16.61 29.48 29.39
CA VAL B 273 -17.80 28.68 29.68
C VAL B 273 -17.80 28.21 31.15
N THR B 274 -16.62 27.83 31.68
CA THR B 274 -16.43 27.39 33.07
C THR B 274 -16.64 28.57 34.04
N VAL B 275 -16.02 29.74 33.72
CA VAL B 275 -16.09 30.97 34.51
C VAL B 275 -17.53 31.50 34.57
N GLN B 276 -18.20 31.63 33.40
CA GLN B 276 -19.59 32.07 33.29
C GLN B 276 -20.50 31.24 34.21
N HIS B 277 -20.37 29.90 34.18
CA HIS B 277 -21.17 28.99 35.00
C HIS B 277 -20.88 29.14 36.49
N TYR B 278 -19.60 29.22 36.87
CA TYR B 278 -19.17 29.34 38.26
C TYR B 278 -19.79 30.57 38.93
N LEU B 279 -19.72 31.74 38.25
CA LEU B 279 -20.28 33.00 38.72
C LEU B 279 -21.80 32.93 38.81
N LYS B 280 -22.46 32.27 37.85
CA LYS B 280 -23.91 32.09 37.85
C LYS B 280 -24.35 31.25 39.06
N VAL B 281 -23.63 30.16 39.35
CA VAL B 281 -23.87 29.28 40.52
C VAL B 281 -23.57 30.06 41.82
N GLU B 282 -22.57 30.96 41.79
CA GLU B 282 -22.14 31.80 42.91
C GLU B 282 -23.06 33.03 43.10
N SER B 283 -24.22 33.02 42.42
CA SER B 283 -25.29 34.02 42.44
C SER B 283 -24.80 35.44 42.11
N GLN B 284 -23.93 35.54 41.08
CA GLN B 284 -23.43 36.82 40.55
C GLN B 284 -23.42 36.80 39.01
N PRO B 285 -24.63 36.76 38.36
CA PRO B 285 -24.69 36.73 36.90
C PRO B 285 -24.30 38.03 36.21
N ALA B 286 -24.24 39.14 36.95
CA ALA B 286 -23.86 40.43 36.38
C ALA B 286 -22.40 40.42 35.94
N ARG B 287 -21.53 39.69 36.68
CA ARG B 287 -20.09 39.53 36.38
C ARG B 287 -19.94 38.58 35.18
N ALA B 288 -20.70 37.48 35.19
CA ALA B 288 -20.72 36.48 34.13
C ALA B 288 -21.20 37.10 32.82
N ALA B 289 -22.27 37.92 32.86
CA ALA B 289 -22.84 38.59 31.70
C ALA B 289 -21.87 39.56 31.04
N SER B 290 -21.05 40.27 31.83
CA SER B 290 -20.08 41.24 31.32
C SER B 290 -18.91 40.55 30.62
N ILE B 291 -18.47 39.40 31.16
CA ILE B 291 -17.40 38.57 30.58
C ILE B 291 -17.88 37.98 29.25
N THR B 292 -19.09 37.36 29.24
CA THR B 292 -19.73 36.74 28.08
C THR B 292 -19.96 37.76 26.96
N ARG B 293 -20.40 38.99 27.30
CA ARG B 293 -20.64 40.05 26.31
C ARG B 293 -19.34 40.52 25.68
N ALA B 294 -18.25 40.56 26.48
CA ALA B 294 -16.92 40.96 26.03
C ALA B 294 -16.36 39.88 25.10
N SER B 295 -16.57 38.59 25.44
CA SER B 295 -16.13 37.42 24.67
C SER B 295 -16.72 37.40 23.25
N ARG B 296 -17.97 37.88 23.09
CA ARG B 296 -18.68 37.97 21.80
C ARG B 296 -17.91 38.80 20.79
N ILE B 297 -17.21 39.86 21.28
CA ILE B 297 -16.41 40.77 20.45
C ILE B 297 -14.94 40.34 20.47
N ALA B 298 -14.39 40.08 21.67
CA ALA B 298 -12.99 39.68 21.87
C ALA B 298 -12.56 38.48 21.05
N PHE B 299 -13.28 37.34 21.14
CA PHE B 299 -12.94 36.11 20.41
C PHE B 299 -12.80 36.31 18.89
N PRO B 300 -13.78 36.85 18.12
CA PRO B 300 -13.55 37.05 16.67
C PRO B 300 -12.46 38.09 16.36
N VAL B 301 -12.37 39.20 17.14
CA VAL B 301 -11.37 40.25 16.94
C VAL B 301 -9.95 39.72 17.14
N VAL B 302 -9.69 39.06 18.29
CA VAL B 302 -8.38 38.48 18.60
C VAL B 302 -8.00 37.39 17.56
N PHE B 303 -9.00 36.59 17.11
CA PHE B 303 -8.80 35.56 16.09
C PHE B 303 -8.41 36.19 14.75
N LEU B 304 -9.11 37.26 14.33
CA LEU B 304 -8.86 37.99 13.09
C LEU B 304 -7.48 38.69 13.14
N LEU B 305 -7.14 39.34 14.26
CA LEU B 305 -5.85 40.02 14.42
C LEU B 305 -4.69 39.03 14.44
N ALA B 306 -4.82 37.92 15.19
CA ALA B 306 -3.80 36.88 15.29
C ALA B 306 -3.50 36.23 13.92
N ASN B 307 -4.53 36.02 13.10
CA ASN B 307 -4.39 35.47 11.76
C ASN B 307 -3.66 36.44 10.82
N ILE B 308 -3.85 37.76 11.02
CA ILE B 308 -3.17 38.81 10.24
C ILE B 308 -1.68 38.76 10.60
N ILE B 309 -1.35 38.63 11.90
CA ILE B 309 0.02 38.51 12.41
C ILE B 309 0.69 37.26 11.83
N LEU B 310 -0.02 36.11 11.81
CA LEU B 310 0.49 34.84 11.27
C LEU B 310 0.74 34.91 9.77
N ALA B 311 -0.22 35.47 9.00
CA ALA B 311 -0.10 35.64 7.56
C ALA B 311 1.09 36.56 7.25
N PHE B 312 1.28 37.62 8.07
CA PHE B 312 2.40 38.55 7.93
C PHE B 312 3.75 37.87 8.20
N LEU B 313 3.84 37.07 9.29
CA LEU B 313 5.06 36.36 9.66
C LEU B 313 5.46 35.29 8.65
N PHE B 314 4.46 34.64 8.02
CA PHE B 314 4.70 33.56 7.07
C PHE B 314 4.79 33.99 5.61
N PHE B 315 4.23 35.15 5.21
CA PHE B 315 4.25 35.56 3.81
C PHE B 315 4.87 36.93 3.54
N VAL C 5 20.88 -4.67 -38.82
CA VAL C 5 19.47 -4.27 -38.93
C VAL C 5 19.33 -2.74 -38.87
N SER C 6 18.76 -2.17 -39.94
CA SER C 6 18.54 -0.73 -40.12
C SER C 6 17.16 -0.51 -40.80
N PRO C 7 16.56 0.71 -40.81
CA PRO C 7 15.22 0.87 -41.41
C PRO C 7 15.16 0.59 -42.92
N PRO C 8 13.99 0.13 -43.46
CA PRO C 8 13.93 -0.14 -44.90
C PRO C 8 14.09 1.13 -45.74
N PRO C 9 14.96 1.13 -46.78
CA PRO C 9 15.14 2.34 -47.59
C PRO C 9 13.91 2.73 -48.41
N PRO C 10 13.70 4.03 -48.69
CA PRO C 10 12.52 4.43 -49.48
C PRO C 10 12.67 4.14 -50.98
N ILE C 11 11.54 3.78 -51.65
CA ILE C 11 11.52 3.52 -53.11
C ILE C 11 11.76 4.86 -53.80
N ALA C 12 10.89 5.83 -53.46
CA ALA C 12 11.01 7.22 -53.79
C ALA C 12 11.18 7.70 -52.31
N ASP C 13 11.15 9.00 -52.06
CA ASP C 13 11.39 9.70 -50.82
C ASP C 13 10.14 9.90 -49.90
N GLU C 14 9.23 8.90 -49.89
CA GLU C 14 8.03 8.88 -49.07
C GLU C 14 8.36 8.43 -47.62
N PRO C 15 7.61 8.87 -46.59
CA PRO C 15 7.89 8.38 -45.23
C PRO C 15 7.41 6.94 -45.04
N LEU C 16 7.91 6.27 -43.99
CA LEU C 16 7.51 4.89 -43.70
C LEU C 16 6.23 4.88 -42.85
N THR C 17 5.15 4.28 -43.40
CA THR C 17 3.88 4.18 -42.71
C THR C 17 3.82 2.89 -41.89
N VAL C 18 3.66 3.05 -40.58
CA VAL C 18 3.50 1.93 -39.65
C VAL C 18 2.03 1.93 -39.25
N ASN C 19 1.31 0.91 -39.71
CA ASN C 19 -0.10 0.74 -39.37
C ASN C 19 -0.13 0.16 -37.98
N THR C 20 -0.97 0.73 -37.12
CA THR C 20 -1.11 0.34 -35.73
C THR C 20 -2.52 -0.11 -35.43
N GLY C 21 -2.67 -0.75 -34.28
CA GLY C 21 -3.94 -1.24 -33.76
C GLY C 21 -3.78 -1.70 -32.34
N ILE C 22 -4.75 -1.39 -31.49
CA ILE C 22 -4.78 -1.83 -30.10
C ILE C 22 -6.10 -2.58 -29.86
N TYR C 23 -6.02 -3.82 -29.35
CA TYR C 23 -7.20 -4.63 -29.04
C TYR C 23 -7.15 -4.94 -27.56
N LEU C 24 -8.06 -4.31 -26.76
CA LEU C 24 -8.12 -4.46 -25.32
C LEU C 24 -8.59 -5.84 -24.91
N ILE C 25 -7.80 -6.51 -24.08
CA ILE C 25 -8.11 -7.83 -23.53
C ILE C 25 -8.62 -7.62 -22.13
N GLU C 26 -7.93 -6.78 -21.31
N GLU C 26 -8.01 -6.65 -21.44
CA GLU C 26 -8.29 -6.45 -19.92
CA GLU C 26 -8.27 -6.31 -20.08
C GLU C 26 -8.15 -4.96 -19.61
C GLU C 26 -8.36 -4.80 -19.89
N CYS C 27 -9.13 -4.38 -18.90
CA CYS C 27 -9.21 -2.99 -18.44
C CYS C 27 -9.53 -3.07 -16.98
N TYR C 28 -8.65 -2.56 -16.14
CA TYR C 28 -8.81 -2.65 -14.69
C TYR C 28 -8.13 -1.50 -13.95
N SER C 29 -8.28 -1.48 -12.62
CA SER C 29 -7.70 -0.54 -11.67
C SER C 29 -7.77 0.93 -12.11
N LEU C 30 -8.99 1.49 -12.28
CA LEU C 30 -9.12 2.91 -12.60
C LEU C 30 -9.06 3.68 -11.28
N ASP C 31 -7.89 4.27 -10.99
CA ASP C 31 -7.64 5.05 -9.78
C ASP C 31 -8.01 6.50 -10.08
N ASP C 32 -9.07 6.99 -9.46
CA ASP C 32 -9.56 8.35 -9.63
C ASP C 32 -8.62 9.39 -9.03
N LYS C 33 -8.12 9.14 -7.80
CA LYS C 33 -7.22 10.02 -7.08
C LYS C 33 -5.92 10.18 -7.86
N ALA C 34 -5.37 9.04 -8.37
CA ALA C 34 -4.12 8.99 -9.13
C ALA C 34 -4.30 9.34 -10.61
N GLU C 35 -5.58 9.32 -11.10
CA GLU C 35 -5.95 9.56 -12.50
C GLU C 35 -5.16 8.61 -13.43
N THR C 36 -5.14 7.32 -13.07
CA THR C 36 -4.48 6.25 -13.83
C THR C 36 -5.41 5.03 -13.99
N PHE C 37 -5.12 4.19 -14.99
CA PHE C 37 -5.86 2.96 -15.26
C PHE C 37 -4.90 1.93 -15.85
N LYS C 38 -5.10 0.65 -15.52
CA LYS C 38 -4.24 -0.41 -16.03
C LYS C 38 -4.91 -1.05 -17.23
N VAL C 39 -4.12 -1.37 -18.26
CA VAL C 39 -4.62 -1.96 -19.49
C VAL C 39 -3.73 -3.13 -19.94
N ASN C 40 -4.35 -4.23 -20.38
CA ASN C 40 -3.69 -5.40 -20.92
C ASN C 40 -4.31 -5.61 -22.31
N ALA C 41 -3.49 -5.46 -23.35
CA ALA C 41 -3.98 -5.48 -24.71
C ALA C 41 -3.02 -6.06 -25.72
N PHE C 42 -3.49 -6.19 -26.96
CA PHE C 42 -2.70 -6.62 -28.10
C PHE C 42 -2.30 -5.37 -28.83
N LEU C 43 -1.05 -5.29 -29.25
CA LEU C 43 -0.57 -4.19 -30.07
C LEU C 43 -0.13 -4.82 -31.36
N SER C 44 -0.74 -4.38 -32.46
CA SER C 44 -0.42 -4.86 -33.79
C SER C 44 0.28 -3.76 -34.58
N LEU C 45 1.36 -4.13 -35.27
CA LEU C 45 2.13 -3.22 -36.11
C LEU C 45 2.30 -3.84 -37.47
N SER C 46 2.29 -3.01 -38.54
CA SER C 46 2.47 -3.46 -39.91
C SER C 46 3.16 -2.40 -40.74
N TRP C 47 4.20 -2.80 -41.45
CA TRP C 47 4.98 -1.91 -42.33
C TRP C 47 5.52 -2.74 -43.48
N LYS C 48 5.95 -2.08 -44.56
CA LYS C 48 6.56 -2.71 -45.72
C LYS C 48 8.10 -2.59 -45.66
N ASP C 49 8.76 -3.76 -45.73
CA ASP C 49 10.22 -3.87 -45.78
C ASP C 49 10.54 -4.71 -47.01
N ARG C 50 10.86 -4.04 -48.14
CA ARG C 50 11.14 -4.69 -49.42
C ARG C 50 12.37 -5.60 -49.40
N ARG C 51 13.28 -5.40 -48.43
CA ARG C 51 14.47 -6.23 -48.24
C ARG C 51 14.08 -7.66 -47.82
N LEU C 52 12.87 -7.83 -47.27
CA LEU C 52 12.32 -9.10 -46.80
C LEU C 52 11.39 -9.77 -47.81
N ALA C 53 11.19 -9.16 -48.99
CA ALA C 53 10.34 -9.67 -50.06
C ALA C 53 10.87 -11.00 -50.62
N PHE C 54 9.96 -11.90 -51.00
CA PHE C 54 10.30 -13.22 -51.54
C PHE C 54 9.32 -13.69 -52.60
N ASP C 55 9.72 -14.69 -53.42
CA ASP C 55 8.84 -15.25 -54.45
C ASP C 55 7.95 -16.33 -53.81
N PRO C 56 6.60 -16.22 -53.84
CA PRO C 56 5.78 -17.27 -53.23
C PRO C 56 5.77 -18.62 -53.98
N VAL C 57 5.97 -18.60 -55.32
CA VAL C 57 5.98 -19.82 -56.15
C VAL C 57 7.31 -20.62 -55.99
N ARG C 58 8.45 -19.91 -55.92
CA ARG C 58 9.77 -20.52 -55.78
C ARG C 58 10.10 -20.93 -54.34
N SER C 59 9.61 -20.17 -53.36
CA SER C 59 9.85 -20.47 -51.95
C SER C 59 8.95 -21.60 -51.45
N GLY C 60 7.77 -21.74 -52.07
CA GLY C 60 6.78 -22.76 -51.71
C GLY C 60 5.99 -22.43 -50.45
N VAL C 61 6.39 -21.36 -49.74
CA VAL C 61 5.75 -20.86 -48.53
C VAL C 61 5.12 -19.49 -48.77
N ARG C 62 3.87 -19.36 -48.35
CA ARG C 62 3.05 -18.15 -48.52
C ARG C 62 3.47 -17.04 -47.58
N VAL C 63 3.91 -17.42 -46.37
CA VAL C 63 4.30 -16.52 -45.29
C VAL C 63 5.60 -16.99 -44.64
N LYS C 64 6.44 -16.04 -44.17
CA LYS C 64 7.72 -16.29 -43.51
C LYS C 64 7.72 -15.70 -42.10
N THR C 65 7.94 -16.56 -41.07
CA THR C 65 7.98 -16.19 -39.65
C THR C 65 9.41 -15.82 -39.22
N TYR C 66 9.56 -14.69 -38.50
CA TYR C 66 10.84 -14.19 -38.02
C TYR C 66 10.88 -13.93 -36.53
N GLU C 67 12.09 -13.94 -35.93
CA GLU C 67 12.32 -13.63 -34.53
C GLU C 67 12.58 -12.11 -34.46
N PRO C 68 12.22 -11.41 -33.35
CA PRO C 68 12.41 -9.95 -33.30
C PRO C 68 13.79 -9.41 -33.69
N GLU C 69 14.85 -10.08 -33.23
CA GLU C 69 16.26 -9.73 -33.48
C GLU C 69 16.69 -9.91 -34.93
N ALA C 70 16.05 -10.85 -35.64
CA ALA C 70 16.37 -11.17 -37.05
C ALA C 70 16.08 -10.02 -38.02
N ILE C 71 15.00 -9.25 -37.77
CA ILE C 71 14.60 -8.16 -38.66
C ILE C 71 14.53 -6.79 -37.95
N TRP C 72 14.33 -5.72 -38.73
CA TRP C 72 14.17 -4.36 -38.21
C TRP C 72 12.71 -4.20 -37.82
N ILE C 73 12.48 -3.71 -36.58
CA ILE C 73 11.15 -3.46 -36.04
C ILE C 73 11.11 -2.00 -35.53
N PRO C 74 10.07 -1.21 -35.88
CA PRO C 74 10.04 0.19 -35.44
C PRO C 74 9.89 0.31 -33.94
N GLU C 75 10.58 1.30 -33.35
CA GLU C 75 10.53 1.53 -31.91
C GLU C 75 9.29 2.36 -31.58
N ILE C 76 8.20 1.65 -31.26
CA ILE C 76 6.92 2.26 -30.89
C ILE C 76 6.85 2.31 -29.38
N ARG C 77 6.53 3.48 -28.82
CA ARG C 77 6.40 3.69 -27.39
C ARG C 77 5.06 4.36 -27.07
N PHE C 78 4.68 4.34 -25.79
CA PHE C 78 3.47 4.97 -25.29
C PHE C 78 3.89 6.26 -24.63
N VAL C 79 3.13 7.34 -24.85
CA VAL C 79 3.46 8.65 -24.28
C VAL C 79 3.08 8.71 -22.81
N ASN C 80 1.77 8.54 -22.53
CA ASN C 80 1.19 8.65 -21.21
C ASN C 80 1.21 7.35 -20.37
N VAL C 81 2.40 6.79 -20.19
CA VAL C 81 2.61 5.62 -19.33
C VAL C 81 3.49 5.98 -18.14
N GLU C 82 3.33 5.27 -17.01
CA GLU C 82 4.15 5.45 -15.82
C GLU C 82 5.59 4.97 -16.13
N ASN C 83 5.69 3.69 -16.55
CA ASN C 83 6.93 3.04 -16.96
C ASN C 83 6.69 2.38 -18.32
N ALA C 84 7.76 2.00 -19.03
CA ALA C 84 7.68 1.32 -20.32
C ALA C 84 6.88 0.02 -20.14
N ARG C 85 5.96 -0.24 -21.09
CA ARG C 85 5.07 -1.40 -21.12
C ARG C 85 5.79 -2.75 -21.04
N ASP C 86 5.12 -3.74 -20.49
CA ASP C 86 5.66 -5.07 -20.43
C ASP C 86 5.11 -5.75 -21.61
N ALA C 87 5.95 -6.03 -22.59
CA ALA C 87 5.55 -6.67 -23.83
C ALA C 87 6.12 -8.07 -24.04
N ASP C 88 5.33 -8.93 -24.68
CA ASP C 88 5.65 -10.31 -25.08
C ASP C 88 5.30 -10.40 -26.54
N VAL C 89 6.30 -10.66 -27.41
CA VAL C 89 6.06 -10.78 -28.84
C VAL C 89 5.30 -12.08 -29.11
N VAL C 90 4.11 -11.95 -29.71
CA VAL C 90 3.21 -13.06 -30.03
C VAL C 90 3.60 -13.67 -31.38
N ASP C 91 3.67 -12.84 -32.43
CA ASP C 91 3.96 -13.30 -33.80
C ASP C 91 4.50 -12.21 -34.71
N ILE C 92 5.40 -12.60 -35.62
CA ILE C 92 5.97 -11.78 -36.69
C ILE C 92 5.81 -12.60 -37.98
N SER C 93 5.03 -12.08 -38.92
CA SER C 93 4.74 -12.72 -40.20
C SER C 93 5.09 -11.81 -41.36
N VAL C 94 5.81 -12.34 -42.36
CA VAL C 94 6.20 -11.57 -43.53
C VAL C 94 5.53 -12.17 -44.77
N SER C 95 4.84 -11.31 -45.53
CA SER C 95 4.14 -11.70 -46.76
C SER C 95 5.14 -11.60 -47.95
N PRO C 96 4.84 -12.19 -49.15
CA PRO C 96 5.80 -12.15 -50.26
C PRO C 96 6.26 -10.75 -50.68
N ASP C 97 5.39 -9.74 -50.61
CA ASP C 97 5.74 -8.38 -51.03
C ASP C 97 6.65 -7.63 -50.03
N GLY C 98 6.86 -8.23 -48.85
CA GLY C 98 7.69 -7.67 -47.78
C GLY C 98 6.90 -6.98 -46.68
N THR C 99 5.55 -7.12 -46.68
CA THR C 99 4.68 -6.53 -45.66
C THR C 99 4.82 -7.38 -44.39
N VAL C 100 5.24 -6.71 -43.30
CA VAL C 100 5.47 -7.34 -42.00
C VAL C 100 4.23 -7.14 -41.13
N GLN C 101 3.81 -8.22 -40.44
CA GLN C 101 2.67 -8.21 -39.53
C GLN C 101 3.13 -8.64 -38.13
N TYR C 102 3.46 -7.64 -37.32
CA TYR C 102 3.92 -7.74 -35.94
C TYR C 102 2.73 -7.76 -34.98
N LEU C 103 2.84 -8.58 -33.92
CA LEU C 103 1.84 -8.67 -32.87
C LEU C 103 2.50 -8.97 -31.54
N GLU C 104 2.16 -8.16 -30.53
CA GLU C 104 2.67 -8.31 -29.17
C GLU C 104 1.53 -8.16 -28.19
N ARG C 105 1.67 -8.75 -27.00
CA ARG C 105 0.70 -8.59 -25.94
C ARG C 105 1.38 -7.82 -24.81
N PHE C 106 0.81 -6.66 -24.47
CA PHE C 106 1.40 -5.80 -23.47
C PHE C 106 0.48 -5.51 -22.29
N SER C 107 1.07 -5.00 -21.20
CA SER C 107 0.38 -4.55 -19.99
C SER C 107 1.06 -3.25 -19.59
N ALA C 108 0.26 -2.21 -19.26
CA ALA C 108 0.80 -0.89 -18.90
C ALA C 108 -0.14 -0.09 -18.03
N ARG C 109 0.43 0.75 -17.12
CA ARG C 109 -0.33 1.66 -16.29
C ARG C 109 -0.34 2.99 -17.06
N VAL C 110 -1.54 3.45 -17.42
CA VAL C 110 -1.76 4.64 -18.25
C VAL C 110 -2.17 5.86 -17.41
N LEU C 111 -1.48 6.99 -17.60
CA LEU C 111 -1.72 8.28 -16.96
C LEU C 111 -2.70 9.06 -17.83
N SER C 112 -3.97 9.10 -17.45
CA SER C 112 -4.98 9.84 -18.23
C SER C 112 -5.84 10.67 -17.31
N PRO C 113 -5.83 12.04 -17.47
CA PRO C 113 -6.58 12.90 -16.54
C PRO C 113 -8.09 12.77 -16.64
N LEU C 114 -8.77 12.97 -15.51
CA LEU C 114 -10.23 12.88 -15.42
C LEU C 114 -10.87 14.22 -15.07
N ASP C 115 -12.10 14.45 -15.56
CA ASP C 115 -12.87 15.67 -15.28
C ASP C 115 -13.94 15.35 -14.25
N PHE C 116 -13.70 15.78 -12.99
CA PHE C 116 -14.57 15.50 -11.86
C PHE C 116 -15.70 16.49 -11.66
N ARG C 117 -15.85 17.46 -12.58
CA ARG C 117 -16.89 18.50 -12.54
C ARG C 117 -18.30 17.95 -12.36
N ARG C 118 -18.62 16.85 -13.02
CA ARG C 118 -19.96 16.24 -12.94
C ARG C 118 -20.07 14.99 -12.05
N TYR C 119 -18.97 14.59 -11.37
CA TYR C 119 -18.90 13.41 -10.50
C TYR C 119 -20.06 13.42 -9.47
N PRO C 120 -20.76 12.28 -9.22
CA PRO C 120 -20.56 10.92 -9.75
C PRO C 120 -21.39 10.63 -11.00
N PHE C 121 -21.85 11.69 -11.69
CA PHE C 121 -22.66 11.60 -12.92
C PHE C 121 -21.79 12.03 -14.12
N ASP C 122 -20.50 11.67 -14.03
CA ASP C 122 -19.49 12.03 -15.01
C ASP C 122 -19.20 10.91 -16.00
N SER C 123 -18.74 11.33 -17.18
CA SER C 123 -18.28 10.46 -18.25
C SER C 123 -16.87 10.90 -18.56
N GLN C 124 -16.00 9.94 -18.87
CA GLN C 124 -14.61 10.23 -19.15
C GLN C 124 -14.18 9.75 -20.51
N THR C 125 -13.15 10.39 -21.07
CA THR C 125 -12.52 9.97 -22.31
C THR C 125 -11.07 9.67 -21.94
N LEU C 126 -10.78 8.38 -21.72
CA LEU C 126 -9.44 7.88 -21.41
C LEU C 126 -8.60 7.88 -22.70
N HIS C 127 -7.29 8.16 -22.60
CA HIS C 127 -6.39 8.22 -23.77
C HIS C 127 -5.22 7.28 -23.65
N ILE C 128 -4.82 6.73 -24.78
CA ILE C 128 -3.65 5.89 -24.94
C ILE C 128 -2.94 6.50 -26.16
N TYR C 129 -1.78 7.15 -25.92
CA TYR C 129 -1.03 7.79 -27.01
C TYR C 129 0.12 6.93 -27.51
N LEU C 130 0.02 6.48 -28.78
CA LEU C 130 1.07 5.71 -29.46
C LEU C 130 2.00 6.70 -30.12
N ILE C 131 3.32 6.45 -30.11
CA ILE C 131 4.28 7.36 -30.71
C ILE C 131 5.49 6.62 -31.34
N VAL C 132 6.07 7.25 -32.38
CA VAL C 132 7.27 6.79 -33.07
C VAL C 132 8.13 8.00 -33.44
N ARG C 133 9.43 7.88 -33.16
CA ARG C 133 10.43 8.91 -33.47
C ARG C 133 11.12 8.50 -34.76
N SER C 134 11.21 9.46 -35.70
CA SER C 134 11.86 9.26 -36.99
C SER C 134 13.35 9.12 -36.82
N VAL C 135 13.92 8.23 -37.62
CA VAL C 135 15.36 7.96 -37.66
C VAL C 135 16.03 8.92 -38.67
N ASP C 136 17.39 8.93 -38.70
CA ASP C 136 18.13 9.80 -39.60
C ASP C 136 17.95 9.46 -41.08
N THR C 137 18.01 8.16 -41.44
CA THR C 137 17.87 7.69 -42.82
C THR C 137 16.50 8.02 -43.40
N ARG C 138 15.40 7.77 -42.63
CA ARG C 138 14.05 8.10 -43.11
C ARG C 138 13.06 8.43 -41.98
N ASN C 139 11.95 9.08 -42.35
CA ASN C 139 10.91 9.50 -41.42
C ASN C 139 9.80 8.48 -41.29
N ILE C 140 9.42 8.17 -40.04
CA ILE C 140 8.37 7.20 -39.73
C ILE C 140 7.09 7.90 -39.30
N VAL C 141 5.96 7.52 -39.93
CA VAL C 141 4.62 8.06 -39.71
C VAL C 141 3.69 6.93 -39.28
N LEU C 142 2.83 7.18 -38.27
CA LEU C 142 1.89 6.19 -37.78
C LEU C 142 0.54 6.27 -38.50
N ALA C 143 -0.18 5.13 -38.55
CA ALA C 143 -1.48 5.02 -39.17
C ALA C 143 -2.36 4.10 -38.34
N VAL C 144 -3.68 4.19 -38.53
CA VAL C 144 -4.63 3.37 -37.79
C VAL C 144 -5.25 2.35 -38.74
N ASP C 145 -5.08 1.06 -38.41
CA ASP C 145 -5.69 -0.05 -39.13
C ASP C 145 -6.96 -0.36 -38.33
N LEU C 146 -8.11 0.25 -38.73
CA LEU C 146 -9.40 0.13 -38.03
C LEU C 146 -9.86 -1.31 -37.81
N GLU C 147 -9.44 -2.22 -38.67
CA GLU C 147 -9.78 -3.63 -38.56
C GLU C 147 -9.04 -4.32 -37.39
N LYS C 148 -7.95 -3.70 -36.92
CA LYS C 148 -7.15 -4.20 -35.79
C LYS C 148 -7.30 -3.36 -34.50
N VAL C 149 -8.35 -2.52 -34.43
CA VAL C 149 -8.69 -1.70 -33.27
C VAL C 149 -10.00 -2.27 -32.70
N GLY C 150 -10.00 -2.58 -31.41
CA GLY C 150 -11.16 -3.13 -30.75
C GLY C 150 -10.93 -3.42 -29.27
N LYS C 151 -11.86 -4.21 -28.69
CA LYS C 151 -11.88 -4.66 -27.30
C LYS C 151 -12.73 -5.94 -27.21
N ASN C 152 -12.41 -6.84 -26.30
CA ASN C 152 -13.22 -8.06 -26.20
C ASN C 152 -14.48 -7.76 -25.37
N ASP C 153 -15.56 -8.51 -25.60
CA ASP C 153 -16.86 -8.33 -24.94
C ASP C 153 -16.81 -8.40 -23.41
N ASP C 154 -15.95 -9.29 -22.87
CA ASP C 154 -15.78 -9.46 -21.43
C ASP C 154 -15.08 -8.30 -20.73
N VAL C 155 -14.39 -7.39 -21.47
CA VAL C 155 -13.67 -6.23 -20.92
C VAL C 155 -14.64 -5.46 -20.04
N PHE C 156 -14.39 -5.51 -18.73
CA PHE C 156 -15.19 -4.87 -17.70
C PHE C 156 -14.31 -3.97 -16.85
N LEU C 157 -14.80 -2.77 -16.56
CA LEU C 157 -14.10 -1.82 -15.72
C LEU C 157 -15.04 -1.52 -14.55
N THR C 158 -14.73 -2.10 -13.37
CA THR C 158 -15.52 -2.00 -12.14
C THR C 158 -15.98 -0.57 -11.87
N GLY C 159 -17.30 -0.41 -11.73
CA GLY C 159 -17.96 0.86 -11.46
C GLY C 159 -18.13 1.77 -12.66
N TRP C 160 -17.81 1.27 -13.87
CA TRP C 160 -17.90 2.03 -15.12
C TRP C 160 -18.54 1.23 -16.24
N ASP C 161 -19.17 1.96 -17.18
CA ASP C 161 -19.77 1.40 -18.39
C ASP C 161 -18.88 1.81 -19.55
N ILE C 162 -18.36 0.82 -20.29
CA ILE C 162 -17.46 1.07 -21.43
C ILE C 162 -18.30 1.35 -22.68
N GLU C 163 -18.21 2.60 -23.18
CA GLU C 163 -18.95 3.05 -24.35
C GLU C 163 -18.31 2.62 -25.66
N SER C 164 -17.08 3.08 -25.92
CA SER C 164 -16.37 2.81 -27.16
C SER C 164 -14.87 2.91 -27.03
N PHE C 165 -14.17 2.16 -27.88
CA PHE C 165 -12.72 2.22 -27.99
C PHE C 165 -12.43 2.45 -29.46
N THR C 166 -12.08 3.70 -29.78
CA THR C 166 -11.79 4.15 -31.15
C THR C 166 -10.44 4.87 -31.18
N ALA C 167 -9.94 5.16 -32.38
CA ALA C 167 -8.70 5.90 -32.55
C ALA C 167 -8.86 7.04 -33.53
N VAL C 168 -8.22 8.18 -33.27
CA VAL C 168 -8.22 9.33 -34.17
C VAL C 168 -7.23 8.92 -35.26
N VAL C 169 -7.76 8.60 -36.46
CA VAL C 169 -7.02 8.07 -37.62
C VAL C 169 -5.88 9.00 -38.11
N LYS C 170 -6.06 10.33 -37.99
CA LYS C 170 -5.06 11.31 -38.40
C LYS C 170 -4.02 11.50 -37.28
N PRO C 171 -2.73 11.12 -37.51
CA PRO C 171 -1.71 11.30 -36.46
C PRO C 171 -1.26 12.75 -36.29
N ALA C 172 -0.81 13.08 -35.08
CA ALA C 172 -0.25 14.38 -34.75
C ALA C 172 1.24 14.28 -35.02
N ASN C 173 1.67 14.78 -36.20
CA ASN C 173 3.06 14.78 -36.62
C ASN C 173 3.69 16.12 -36.24
N PHE C 174 4.72 16.07 -35.39
CA PHE C 174 5.39 17.25 -34.86
C PHE C 174 6.88 17.01 -34.70
N ALA C 175 7.66 18.11 -34.64
CA ALA C 175 9.10 18.05 -34.45
C ALA C 175 9.41 18.16 -32.97
N LEU C 176 10.32 17.30 -32.50
CA LEU C 176 10.78 17.25 -31.12
C LEU C 176 12.27 16.92 -31.14
N GLU C 177 13.08 17.80 -30.52
CA GLU C 177 14.55 17.69 -30.46
C GLU C 177 15.17 17.36 -31.81
N ASP C 178 14.83 18.19 -32.81
CA ASP C 178 15.31 18.17 -34.17
C ASP C 178 15.11 16.84 -34.93
N ARG C 179 14.00 16.15 -34.64
CA ARG C 179 13.57 14.93 -35.31
C ARG C 179 12.07 14.87 -35.31
N LEU C 180 11.51 14.24 -36.32
CA LEU C 180 10.07 14.10 -36.45
C LEU C 180 9.50 13.04 -35.49
N GLU C 181 8.27 13.28 -34.98
CA GLU C 181 7.55 12.40 -34.10
C GLU C 181 6.10 12.29 -34.57
N SER C 182 5.59 11.05 -34.74
CA SER C 182 4.22 10.77 -35.18
C SER C 182 3.43 10.18 -34.01
N LYS C 183 2.42 10.92 -33.51
CA LYS C 183 1.61 10.53 -32.36
C LYS C 183 0.17 10.14 -32.74
N LEU C 184 -0.34 9.04 -32.16
CA LEU C 184 -1.72 8.58 -32.39
C LEU C 184 -2.54 8.59 -31.10
N ASP C 185 -3.80 9.05 -31.20
CA ASP C 185 -4.70 9.13 -30.05
C ASP C 185 -5.75 8.01 -30.02
N TYR C 186 -5.58 7.04 -29.09
CA TYR C 186 -6.53 5.95 -28.87
C TYR C 186 -7.42 6.36 -27.73
N GLN C 187 -8.73 6.51 -27.99
CA GLN C 187 -9.70 7.00 -27.01
C GLN C 187 -10.68 5.94 -26.50
N LEU C 188 -10.69 5.75 -25.17
CA LEU C 188 -11.58 4.83 -24.49
C LEU C 188 -12.63 5.64 -23.75
N ARG C 189 -13.87 5.61 -24.27
CA ARG C 189 -14.99 6.34 -23.70
C ARG C 189 -15.71 5.50 -22.65
N ILE C 190 -15.81 6.04 -21.44
CA ILE C 190 -16.43 5.39 -20.31
C ILE C 190 -17.36 6.36 -19.58
N SER C 191 -18.40 5.84 -18.92
CA SER C 191 -19.33 6.63 -18.12
C SER C 191 -19.53 5.91 -16.80
N ARG C 192 -19.52 6.70 -15.72
CA ARG C 192 -19.64 6.19 -14.36
C ARG C 192 -21.02 5.64 -14.04
N GLN C 193 -21.05 4.47 -13.34
CA GLN C 193 -22.28 3.83 -12.88
C GLN C 193 -22.65 4.52 -11.54
N TYR C 194 -23.61 5.47 -11.59
CA TYR C 194 -24.01 6.27 -10.43
C TYR C 194 -25.05 5.62 -9.51
N PHE C 195 -25.63 4.44 -9.89
CA PHE C 195 -26.65 3.74 -9.10
C PHE C 195 -26.34 3.69 -7.59
N SER C 196 -25.27 2.95 -7.21
CA SER C 196 -24.83 2.74 -5.83
C SER C 196 -24.81 4.01 -4.97
N TYR C 197 -24.38 5.15 -5.54
CA TYR C 197 -24.28 6.45 -4.88
C TYR C 197 -25.57 6.92 -4.21
N ILE C 198 -26.74 6.62 -4.81
CA ILE C 198 -28.05 7.00 -4.30
C ILE C 198 -28.36 6.30 -2.92
N PRO C 199 -28.51 4.96 -2.80
CA PRO C 199 -28.82 4.38 -1.48
C PRO C 199 -27.67 4.32 -0.49
N ASN C 200 -26.42 4.45 -0.97
CA ASN C 200 -25.24 4.34 -0.11
C ASN C 200 -24.76 5.66 0.46
N ILE C 201 -24.77 6.72 -0.36
CA ILE C 201 -24.28 8.04 0.02
C ILE C 201 -25.39 9.13 0.03
N ILE C 202 -26.09 9.35 -1.11
CA ILE C 202 -27.08 10.44 -1.30
C ILE C 202 -28.25 10.37 -0.30
N LEU C 203 -29.02 9.26 -0.30
CA LEU C 203 -30.18 9.11 0.60
C LEU C 203 -29.75 9.14 2.09
N PRO C 204 -28.75 8.35 2.57
CA PRO C 204 -28.35 8.48 3.98
C PRO C 204 -27.90 9.90 4.37
N TRP C 205 -27.23 10.63 3.46
CA TRP C 205 -26.78 12.01 3.69
C TRP C 205 -27.97 12.94 3.85
N LEU C 206 -29.03 12.76 3.03
CA LEU C 206 -30.25 13.58 3.13
C LEU C 206 -30.99 13.29 4.43
N PHE C 207 -31.00 12.01 4.87
CA PHE C 207 -31.64 11.59 6.12
C PHE C 207 -31.03 12.28 7.32
N ILE C 208 -29.69 12.33 7.42
CA ILE C 208 -29.00 12.98 8.54
C ILE C 208 -29.24 14.52 8.51
N LEU C 209 -29.43 15.08 7.31
CA LEU C 209 -29.71 16.51 7.14
C LEU C 209 -31.15 16.81 7.60
N PHE C 210 -32.12 15.92 7.26
CA PHE C 210 -33.52 16.05 7.65
C PHE C 210 -33.68 15.92 9.15
N ILE C 211 -32.81 15.11 9.81
CA ILE C 211 -32.80 14.91 11.25
C ILE C 211 -32.46 16.23 11.94
N SER C 212 -31.50 17.01 11.38
CA SER C 212 -31.14 18.32 11.93
C SER C 212 -32.32 19.29 11.82
N TRP C 213 -33.17 19.15 10.79
CA TRP C 213 -34.33 20.02 10.57
C TRP C 213 -35.49 19.72 11.52
N THR C 214 -35.42 18.63 12.31
CA THR C 214 -36.44 18.30 13.31
C THR C 214 -36.31 19.26 14.50
N ALA C 215 -35.16 20.00 14.59
CA ALA C 215 -34.90 21.02 15.60
C ALA C 215 -35.83 22.23 15.40
N PHE C 216 -36.47 22.33 14.21
CA PHE C 216 -37.43 23.39 13.90
C PHE C 216 -38.84 23.09 14.46
N TRP C 217 -39.02 21.91 15.08
CA TRP C 217 -40.28 21.52 15.72
C TRP C 217 -40.08 21.34 17.23
N SER C 218 -38.97 21.90 17.76
CA SER C 218 -38.59 21.83 19.16
C SER C 218 -38.12 23.18 19.68
N THR C 219 -38.45 23.47 20.95
CA THR C 219 -38.06 24.69 21.67
C THR C 219 -36.91 24.41 22.64
N SER C 220 -36.61 23.12 22.88
CA SER C 220 -35.56 22.64 23.78
C SER C 220 -34.17 22.87 23.18
N TYR C 221 -33.51 23.96 23.61
CA TYR C 221 -32.17 24.36 23.15
C TYR C 221 -31.13 23.26 23.29
N GLU C 222 -31.12 22.56 24.44
CA GLU C 222 -30.18 21.45 24.69
C GLU C 222 -30.39 20.30 23.70
N ALA C 223 -31.66 19.96 23.39
CA ALA C 223 -31.99 18.92 22.42
C ALA C 223 -31.67 19.36 21.00
N ASN C 224 -31.95 20.64 20.67
CA ASN C 224 -31.67 21.25 19.38
C ASN C 224 -30.16 21.27 19.10
N VAL C 225 -29.36 21.68 20.10
CA VAL C 225 -27.90 21.71 20.03
C VAL C 225 -27.40 20.30 19.71
N THR C 226 -27.87 19.28 20.47
CA THR C 226 -27.56 17.87 20.27
C THR C 226 -27.90 17.44 18.83
N LEU C 227 -29.14 17.71 18.36
CA LEU C 227 -29.59 17.36 17.00
C LEU C 227 -28.71 17.94 15.89
N VAL C 228 -28.46 19.27 15.92
CA VAL C 228 -27.71 19.96 14.86
C VAL C 228 -26.20 19.68 14.92
N VAL C 229 -25.62 19.68 16.13
CA VAL C 229 -24.19 19.45 16.31
C VAL C 229 -23.79 17.98 16.02
N SER C 230 -24.58 17.02 16.51
CA SER C 230 -24.28 15.59 16.28
C SER C 230 -24.41 15.18 14.82
N THR C 231 -25.48 15.64 14.12
CA THR C 231 -25.65 15.33 12.70
C THR C 231 -24.54 15.99 11.85
N LEU C 232 -23.94 17.10 12.37
CA LEU C 232 -22.83 17.80 11.70
C LEU C 232 -21.61 16.88 11.71
N ILE C 233 -21.41 16.11 12.81
CA ILE C 233 -20.31 15.14 12.92
C ILE C 233 -20.46 14.05 11.83
N ALA C 234 -21.70 13.58 11.60
CA ALA C 234 -22.01 12.60 10.57
C ALA C 234 -21.77 13.22 9.20
N HIS C 235 -22.15 14.50 9.01
CA HIS C 235 -21.92 15.19 7.75
C HIS C 235 -20.42 15.27 7.46
N ILE C 236 -19.61 15.59 8.50
CA ILE C 236 -18.14 15.66 8.38
C ILE C 236 -17.59 14.29 7.96
N ALA C 237 -18.07 13.18 8.58
CA ALA C 237 -17.71 11.80 8.23
C ALA C 237 -18.00 11.50 6.72
N PHE C 238 -19.22 11.82 6.24
CA PHE C 238 -19.61 11.65 4.83
C PHE C 238 -18.74 12.54 3.90
N ASN C 239 -18.44 13.79 4.32
CA ASN C 239 -17.58 14.71 3.54
C ASN C 239 -16.19 14.09 3.35
N ILE C 240 -15.56 13.60 4.45
CA ILE C 240 -14.24 12.97 4.46
C ILE C 240 -14.23 11.69 3.60
N LEU C 241 -15.26 10.82 3.76
CA LEU C 241 -15.41 9.56 3.01
C LEU C 241 -15.43 9.81 1.49
N VAL C 242 -16.17 10.84 1.05
CA VAL C 242 -16.30 11.22 -0.36
C VAL C 242 -15.00 11.81 -0.91
N GLU C 243 -14.43 12.84 -0.23
CA GLU C 243 -13.21 13.55 -0.67
C GLU C 243 -11.94 12.67 -0.66
N THR C 244 -11.93 11.52 0.05
CA THR C 244 -10.76 10.62 0.04
C THR C 244 -10.67 9.82 -1.27
N ASN C 245 -11.80 9.59 -1.95
CA ASN C 245 -11.88 8.89 -3.23
C ASN C 245 -11.69 9.86 -4.43
N LEU C 246 -11.57 11.18 -4.15
CA LEU C 246 -11.40 12.22 -5.17
C LEU C 246 -10.09 13.00 -5.03
N PRO C 247 -9.43 13.40 -6.14
CA PRO C 247 -8.23 14.24 -6.00
C PRO C 247 -8.58 15.71 -5.80
N LYS C 248 -7.58 16.50 -5.35
CA LYS C 248 -7.73 17.94 -5.15
C LYS C 248 -7.75 18.61 -6.53
N THR C 249 -8.91 19.16 -6.90
CA THR C 249 -9.14 19.79 -8.21
C THR C 249 -9.06 21.32 -8.17
N PRO C 250 -8.47 21.97 -9.19
CA PRO C 250 -8.42 23.45 -9.18
C PRO C 250 -9.75 24.10 -9.61
N TYR C 251 -10.77 23.27 -9.83
CA TYR C 251 -12.12 23.66 -10.24
C TYR C 251 -13.15 23.10 -9.27
N MET C 252 -14.33 23.72 -9.21
CA MET C 252 -15.39 23.25 -8.33
C MET C 252 -16.09 22.05 -8.98
N THR C 253 -16.36 21.02 -8.19
CA THR C 253 -17.07 19.83 -8.66
C THR C 253 -18.52 19.91 -8.21
N TYR C 254 -19.42 19.15 -8.86
CA TYR C 254 -20.84 19.11 -8.53
C TYR C 254 -21.04 18.65 -7.08
N THR C 255 -20.34 17.56 -6.68
CA THR C 255 -20.37 16.99 -5.33
C THR C 255 -19.76 17.99 -4.33
N GLY C 256 -18.67 18.62 -4.74
CA GLY C 256 -17.97 19.60 -3.92
C GLY C 256 -18.86 20.76 -3.53
N ALA C 257 -19.64 21.25 -4.51
CA ALA C 257 -20.59 22.35 -4.38
C ALA C 257 -21.69 22.01 -3.37
N ILE C 258 -22.30 20.81 -3.51
CA ILE C 258 -23.34 20.27 -2.63
C ILE C 258 -22.81 20.17 -1.20
N ILE C 259 -21.64 19.52 -1.01
CA ILE C 259 -21.00 19.33 0.30
C ILE C 259 -20.84 20.68 0.99
N PHE C 260 -20.28 21.67 0.27
CA PHE C 260 -20.07 23.02 0.77
C PHE C 260 -21.38 23.68 1.16
N MET C 261 -22.41 23.52 0.32
CA MET C 261 -23.75 24.06 0.55
C MET C 261 -24.36 23.50 1.85
N ILE C 262 -24.19 22.17 2.11
CA ILE C 262 -24.68 21.53 3.33
C ILE C 262 -24.02 22.17 4.56
N TYR C 263 -22.71 22.49 4.49
CA TYR C 263 -21.99 23.18 5.56
C TYR C 263 -22.62 24.54 5.85
N LEU C 264 -23.08 25.26 4.80
CA LEU C 264 -23.76 26.55 4.97
C LEU C 264 -25.11 26.37 5.68
N PHE C 265 -25.91 25.37 5.25
CA PHE C 265 -27.20 25.02 5.83
C PHE C 265 -27.11 24.64 7.30
N TYR C 266 -26.01 23.96 7.70
CA TYR C 266 -25.76 23.60 9.10
C TYR C 266 -25.46 24.85 9.91
N PHE C 267 -24.63 25.76 9.35
CA PHE C 267 -24.26 27.01 9.99
C PHE C 267 -25.50 27.90 10.22
N VAL C 268 -26.37 28.02 9.19
CA VAL C 268 -27.61 28.79 9.28
C VAL C 268 -28.58 28.14 10.30
N ALA C 269 -28.61 26.79 10.37
CA ALA C 269 -29.44 26.06 11.35
C ALA C 269 -28.97 26.35 12.78
N VAL C 270 -27.64 26.44 12.99
CA VAL C 270 -27.06 26.76 14.30
C VAL C 270 -27.47 28.19 14.67
N ILE C 271 -27.40 29.14 13.70
CA ILE C 271 -27.82 30.53 13.90
C ILE C 271 -29.29 30.57 14.34
N GLU C 272 -30.20 29.87 13.61
CA GLU C 272 -31.63 29.78 13.93
C GLU C 272 -31.83 29.27 15.36
N VAL C 273 -31.20 28.13 15.70
CA VAL C 273 -31.26 27.50 17.02
C VAL C 273 -30.78 28.47 18.11
N THR C 274 -29.72 29.26 17.82
CA THR C 274 -29.15 30.28 18.73
C THR C 274 -30.15 31.44 18.92
N VAL C 275 -30.74 31.94 17.81
CA VAL C 275 -31.71 33.04 17.78
C VAL C 275 -32.97 32.66 18.54
N GLN C 276 -33.58 31.49 18.22
CA GLN C 276 -34.77 30.96 18.88
C GLN C 276 -34.58 30.93 20.41
N HIS C 277 -33.44 30.42 20.89
CA HIS C 277 -33.13 30.34 22.32
C HIS C 277 -32.95 31.71 22.97
N TYR C 278 -32.22 32.62 22.31
CA TYR C 278 -31.96 33.97 22.82
C TYR C 278 -33.25 34.72 23.09
N LEU C 279 -34.19 34.70 22.13
CA LEU C 279 -35.50 35.33 22.22
C LEU C 279 -36.35 34.70 23.32
N LYS C 280 -36.30 33.34 23.46
CA LYS C 280 -36.99 32.57 24.50
C LYS C 280 -36.52 33.02 25.89
N VAL C 281 -35.18 33.15 26.08
CA VAL C 281 -34.55 33.61 27.32
C VAL C 281 -34.88 35.10 27.59
N GLU C 282 -34.99 35.90 26.51
CA GLU C 282 -35.32 37.33 26.53
C GLU C 282 -36.84 37.57 26.72
N SER C 283 -37.58 36.50 27.08
CA SER C 283 -39.02 36.47 27.36
C SER C 283 -39.88 36.99 26.20
N GLN C 284 -39.52 36.61 24.97
CA GLN C 284 -40.28 36.95 23.76
C GLN C 284 -40.39 35.73 22.82
N PRO C 285 -41.13 34.67 23.24
CA PRO C 285 -41.23 33.46 22.40
C PRO C 285 -42.10 33.62 21.17
N ALA C 286 -42.91 34.68 21.09
CA ALA C 286 -43.74 34.93 19.92
C ALA C 286 -42.88 35.24 18.68
N ARG C 287 -41.73 35.91 18.88
CA ARG C 287 -40.76 36.26 17.82
C ARG C 287 -40.02 34.99 17.41
N ALA C 288 -39.59 34.20 18.40
CA ALA C 288 -38.89 32.93 18.22
C ALA C 288 -39.76 31.95 17.46
N ALA C 289 -41.05 31.84 17.83
CA ALA C 289 -42.03 30.95 17.19
C ALA C 289 -42.27 31.26 15.73
N SER C 290 -42.27 32.55 15.36
CA SER C 290 -42.50 32.96 13.98
C SER C 290 -41.30 32.66 13.08
N ILE C 291 -40.08 32.81 13.64
CA ILE C 291 -38.81 32.49 12.94
C ILE C 291 -38.73 30.97 12.72
N THR C 292 -38.96 30.17 13.78
CA THR C 292 -38.96 28.71 13.77
C THR C 292 -39.98 28.13 12.78
N ARG C 293 -41.20 28.71 12.75
CA ARG C 293 -42.26 28.27 11.82
C ARG C 293 -41.88 28.55 10.37
N ALA C 294 -41.21 29.70 10.13
CA ALA C 294 -40.74 30.11 8.81
C ALA C 294 -39.63 29.17 8.35
N SER C 295 -38.70 28.81 9.27
CA SER C 295 -37.57 27.92 9.03
C SER C 295 -38.01 26.53 8.57
N ARG C 296 -39.15 26.03 9.09
CA ARG C 296 -39.75 24.73 8.74
C ARG C 296 -40.01 24.63 7.24
N ILE C 297 -40.39 25.76 6.60
CA ILE C 297 -40.70 25.85 5.17
C ILE C 297 -39.46 26.36 4.41
N ALA C 298 -38.82 27.44 4.89
CA ALA C 298 -37.65 28.06 4.27
C ALA C 298 -36.50 27.11 4.01
N PHE C 299 -36.04 26.37 5.05
CA PHE C 299 -34.92 25.42 4.93
C PHE C 299 -35.11 24.37 3.82
N PRO C 300 -36.19 23.55 3.76
CA PRO C 300 -36.31 22.60 2.64
C PRO C 300 -36.49 23.26 1.28
N VAL C 301 -37.26 24.39 1.21
CA VAL C 301 -37.51 25.11 -0.04
C VAL C 301 -36.20 25.67 -0.62
N VAL C 302 -35.43 26.42 0.19
CA VAL C 302 -34.15 27.02 -0.23
C VAL C 302 -33.15 25.91 -0.61
N PHE C 303 -33.16 24.77 0.12
CA PHE C 303 -32.31 23.62 -0.17
C PHE C 303 -32.66 22.99 -1.51
N LEU C 304 -33.97 22.80 -1.78
CA LEU C 304 -34.48 22.23 -3.03
C LEU C 304 -34.20 23.17 -4.21
N LEU C 305 -34.43 24.49 -4.04
CA LEU C 305 -34.17 25.48 -5.10
C LEU C 305 -32.70 25.61 -5.42
N ALA C 306 -31.83 25.66 -4.38
CA ALA C 306 -30.37 25.77 -4.53
C ALA C 306 -29.79 24.56 -5.28
N ASN C 307 -30.32 23.35 -5.01
CA ASN C 307 -29.90 22.13 -5.68
C ASN C 307 -30.28 22.12 -7.15
N ILE C 308 -31.45 22.74 -7.49
CA ILE C 308 -31.92 22.88 -8.87
C ILE C 308 -30.96 23.81 -9.63
N ILE C 309 -30.56 24.94 -8.98
CA ILE C 309 -29.60 25.90 -9.52
C ILE C 309 -28.23 25.22 -9.77
N LEU C 310 -27.77 24.40 -8.80
CA LEU C 310 -26.50 23.67 -8.92
C LEU C 310 -26.52 22.62 -10.03
N ALA C 311 -27.60 21.84 -10.10
CA ALA C 311 -27.79 20.82 -11.14
C ALA C 311 -27.81 21.49 -12.51
N PHE C 312 -28.46 22.67 -12.61
CA PHE C 312 -28.54 23.44 -13.84
C PHE C 312 -27.16 23.96 -14.27
N LEU C 313 -26.40 24.52 -13.32
CA LEU C 313 -25.06 25.06 -13.59
C LEU C 313 -24.05 23.98 -14.01
N PHE C 314 -24.19 22.77 -13.44
CA PHE C 314 -23.28 21.66 -13.69
C PHE C 314 -23.70 20.72 -14.81
N PHE C 315 -24.97 20.74 -15.27
CA PHE C 315 -25.39 19.81 -16.33
C PHE C 315 -26.14 20.45 -17.50
N VAL D 5 13.44 -23.44 -35.08
CA VAL D 5 12.27 -23.99 -34.39
C VAL D 5 10.98 -23.39 -34.94
N SER D 6 10.10 -24.26 -35.45
CA SER D 6 8.80 -23.91 -36.06
C SER D 6 7.76 -24.97 -35.64
N PRO D 7 6.42 -24.76 -35.80
CA PRO D 7 5.45 -25.79 -35.35
C PRO D 7 5.55 -27.12 -36.09
N PRO D 8 5.17 -28.27 -35.45
CA PRO D 8 5.27 -29.56 -36.17
C PRO D 8 4.29 -29.64 -37.34
N PRO D 9 4.75 -30.06 -38.55
CA PRO D 9 3.83 -30.12 -39.70
C PRO D 9 2.74 -31.17 -39.55
N PRO D 10 1.54 -30.96 -40.17
CA PRO D 10 0.46 -31.97 -40.03
C PRO D 10 0.70 -33.21 -40.90
N ILE D 11 0.26 -34.40 -40.40
CA ILE D 11 0.34 -35.67 -41.16
C ILE D 11 -0.62 -35.55 -42.34
N ALA D 12 -1.88 -35.28 -42.01
CA ALA D 12 -2.96 -34.95 -42.91
C ALA D 12 -3.20 -33.57 -42.22
N ASP D 13 -4.16 -32.81 -42.71
CA ASP D 13 -4.53 -31.45 -42.42
C ASP D 13 -5.41 -31.25 -41.14
N GLU D 14 -5.10 -32.01 -40.08
CA GLU D 14 -5.76 -31.91 -38.78
C GLU D 14 -5.10 -30.79 -37.95
N PRO D 15 -5.84 -30.13 -37.02
CA PRO D 15 -5.18 -29.10 -36.19
C PRO D 15 -4.28 -29.72 -35.12
N LEU D 16 -3.38 -28.93 -34.53
CA LEU D 16 -2.51 -29.44 -33.46
C LEU D 16 -3.20 -29.34 -32.10
N THR D 17 -3.43 -30.50 -31.46
CA THR D 17 -4.08 -30.56 -30.15
C THR D 17 -3.04 -30.48 -29.04
N VAL D 18 -3.17 -29.45 -28.21
CA VAL D 18 -2.31 -29.26 -27.05
C VAL D 18 -3.17 -29.61 -25.84
N ASN D 19 -2.83 -30.72 -25.18
CA ASN D 19 -3.53 -31.16 -23.98
C ASN D 19 -2.98 -30.31 -22.85
N THR D 20 -3.89 -29.76 -22.04
CA THR D 20 -3.55 -28.89 -20.94
C THR D 20 -4.03 -29.48 -19.62
N GLY D 21 -3.45 -28.96 -18.55
CA GLY D 21 -3.76 -29.30 -17.19
C GLY D 21 -3.25 -28.23 -16.24
N ILE D 22 -4.05 -27.89 -15.22
CA ILE D 22 -3.66 -26.95 -14.17
C ILE D 22 -3.85 -27.67 -12.83
N TYR D 23 -2.78 -27.71 -12.00
CA TYR D 23 -2.81 -28.31 -10.67
C TYR D 23 -2.44 -27.24 -9.66
N LEU D 24 -3.43 -26.77 -8.88
CA LEU D 24 -3.24 -25.70 -7.89
C LEU D 24 -2.40 -26.15 -6.71
N ILE D 25 -1.34 -25.39 -6.44
CA ILE D 25 -0.43 -25.63 -5.31
C ILE D 25 -0.81 -24.66 -4.17
N GLU D 26 -0.98 -23.37 -4.53
N GLU D 26 -1.00 -23.38 -4.50
CA GLU D 26 -1.36 -22.28 -3.61
CA GLU D 26 -1.42 -22.40 -3.51
C GLU D 26 -2.43 -21.37 -4.19
C GLU D 26 -2.50 -21.56 -4.16
N CYS D 27 -3.40 -21.00 -3.34
CA CYS D 27 -4.51 -20.08 -3.69
C CYS D 27 -4.55 -19.11 -2.56
N TYR D 28 -4.37 -17.83 -2.89
CA TYR D 28 -4.31 -16.78 -1.86
C TYR D 28 -4.76 -15.42 -2.38
N SER D 29 -4.76 -14.41 -1.49
CA SER D 29 -5.09 -13.01 -1.73
C SER D 29 -6.33 -12.79 -2.60
N LEU D 30 -7.52 -13.23 -2.14
CA LEU D 30 -8.75 -12.94 -2.88
C LEU D 30 -9.23 -11.55 -2.47
N ASP D 31 -8.94 -10.56 -3.32
CA ASP D 31 -9.30 -9.16 -3.10
C ASP D 31 -10.70 -8.94 -3.67
N ASP D 32 -11.69 -8.71 -2.79
CA ASP D 32 -13.07 -8.48 -3.17
C ASP D 32 -13.28 -7.17 -3.91
N LYS D 33 -12.68 -6.08 -3.37
CA LYS D 33 -12.77 -4.74 -3.94
C LYS D 33 -12.17 -4.72 -5.34
N ALA D 34 -10.98 -5.36 -5.51
CA ALA D 34 -10.26 -5.44 -6.80
C ALA D 34 -10.77 -6.54 -7.70
N GLU D 35 -11.57 -7.50 -7.16
CA GLU D 35 -12.09 -8.67 -7.86
C GLU D 35 -10.95 -9.47 -8.53
N THR D 36 -9.88 -9.73 -7.74
CA THR D 36 -8.70 -10.49 -8.17
C THR D 36 -8.31 -11.52 -7.12
N PHE D 37 -7.54 -12.54 -7.53
CA PHE D 37 -7.02 -13.59 -6.66
C PHE D 37 -5.67 -14.06 -7.18
N LYS D 38 -4.76 -14.42 -6.29
CA LYS D 38 -3.44 -14.89 -6.69
C LYS D 38 -3.42 -16.40 -6.68
N VAL D 39 -2.77 -17.00 -7.68
CA VAL D 39 -2.69 -18.45 -7.84
C VAL D 39 -1.26 -18.90 -8.17
N ASN D 40 -0.81 -19.97 -7.51
CA ASN D 40 0.48 -20.60 -7.74
C ASN D 40 0.16 -22.07 -8.07
N ALA D 41 0.44 -22.45 -9.33
CA ALA D 41 0.07 -23.77 -9.83
C ALA D 41 1.02 -24.37 -10.83
N PHE D 42 0.79 -25.65 -11.16
CA PHE D 42 1.52 -26.39 -12.18
C PHE D 42 0.71 -26.26 -13.46
N LEU D 43 1.39 -26.03 -14.58
CA LEU D 43 0.75 -26.01 -15.89
C LEU D 43 1.40 -27.09 -16.68
N SER D 44 0.62 -28.08 -17.09
CA SER D 44 1.12 -29.19 -17.88
C SER D 44 0.62 -29.06 -19.31
N LEU D 45 1.51 -29.29 -20.29
CA LEU D 45 1.18 -29.22 -21.71
C LEU D 45 1.69 -30.48 -22.37
N SER D 46 0.96 -30.99 -23.37
CA SER D 46 1.31 -32.18 -24.13
C SER D 46 0.83 -32.10 -25.58
N TRP D 47 1.73 -32.37 -26.53
CA TRP D 47 1.46 -32.33 -27.97
C TRP D 47 2.41 -33.29 -28.67
N LYS D 48 2.02 -33.74 -29.87
CA LYS D 48 2.85 -34.64 -30.68
C LYS D 48 3.69 -33.84 -31.68
N ASP D 49 5.01 -34.07 -31.65
CA ASP D 49 5.96 -33.47 -32.59
C ASP D 49 6.76 -34.64 -33.19
N ARG D 50 6.33 -35.11 -34.38
CA ARG D 50 6.94 -36.25 -35.08
C ARG D 50 8.40 -36.04 -35.45
N ARG D 51 8.85 -34.79 -35.56
CA ARG D 51 10.24 -34.42 -35.85
C ARG D 51 11.18 -34.84 -34.71
N LEU D 52 10.61 -35.04 -33.49
CA LEU D 52 11.34 -35.43 -32.28
C LEU D 52 11.27 -36.93 -31.98
N ALA D 53 10.60 -37.70 -32.87
CA ALA D 53 10.48 -39.15 -32.69
C ALA D 53 11.84 -39.85 -32.76
N PHE D 54 11.96 -40.99 -32.06
CA PHE D 54 13.18 -41.77 -32.02
C PHE D 54 12.91 -43.25 -31.82
N ASP D 55 13.87 -44.11 -32.23
CA ASP D 55 13.77 -45.54 -32.05
C ASP D 55 14.33 -45.86 -30.66
N PRO D 56 13.50 -46.40 -29.73
CA PRO D 56 14.00 -46.67 -28.37
C PRO D 56 15.10 -47.74 -28.29
N VAL D 57 15.19 -48.59 -29.34
CA VAL D 57 16.16 -49.69 -29.47
C VAL D 57 17.58 -49.15 -29.70
N ARG D 58 17.81 -48.42 -30.80
CA ARG D 58 19.13 -47.86 -31.16
C ARG D 58 19.52 -46.66 -30.30
N SER D 59 18.55 -46.00 -29.63
CA SER D 59 18.82 -44.86 -28.76
C SER D 59 19.24 -45.33 -27.36
N GLY D 60 18.71 -46.48 -26.94
CA GLY D 60 19.00 -47.09 -25.65
C GLY D 60 18.28 -46.45 -24.48
N VAL D 61 17.53 -45.37 -24.76
CA VAL D 61 16.76 -44.59 -23.78
C VAL D 61 15.27 -44.55 -24.13
N ARG D 62 14.40 -44.77 -23.12
CA ARG D 62 12.95 -44.77 -23.28
C ARG D 62 12.37 -43.34 -23.40
N VAL D 63 13.07 -42.34 -22.83
CA VAL D 63 12.67 -40.93 -22.83
C VAL D 63 13.86 -39.98 -23.12
N LYS D 64 13.56 -38.84 -23.75
CA LYS D 64 14.56 -37.82 -24.10
C LYS D 64 14.17 -36.46 -23.48
N THR D 65 15.04 -35.89 -22.64
CA THR D 65 14.85 -34.61 -21.96
C THR D 65 15.43 -33.47 -22.82
N TYR D 66 14.67 -32.37 -22.97
CA TYR D 66 15.07 -31.20 -23.76
C TYR D 66 14.98 -29.90 -22.98
N GLU D 67 15.76 -28.90 -23.41
CA GLU D 67 15.75 -27.54 -22.85
C GLU D 67 14.70 -26.76 -23.65
N PRO D 68 13.99 -25.75 -23.05
CA PRO D 68 12.93 -25.04 -23.80
C PRO D 68 13.32 -24.50 -25.19
N GLU D 69 14.53 -23.93 -25.31
CA GLU D 69 15.05 -23.34 -26.53
C GLU D 69 15.37 -24.36 -27.61
N ALA D 70 15.68 -25.61 -27.22
CA ALA D 70 16.04 -26.70 -28.14
C ALA D 70 14.90 -27.12 -29.04
N ILE D 71 13.66 -27.12 -28.52
CA ILE D 71 12.48 -27.55 -29.28
C ILE D 71 11.40 -26.47 -29.41
N TRP D 72 10.37 -26.76 -30.23
CA TRP D 72 9.22 -25.88 -30.41
C TRP D 72 8.25 -26.15 -29.27
N ILE D 73 7.80 -25.08 -28.59
CA ILE D 73 6.84 -25.17 -27.49
C ILE D 73 5.70 -24.19 -27.80
N PRO D 74 4.41 -24.62 -27.69
CA PRO D 74 3.31 -23.69 -28.03
C PRO D 74 3.24 -22.52 -27.08
N GLU D 75 2.94 -21.33 -27.63
CA GLU D 75 2.82 -20.11 -26.84
C GLU D 75 1.44 -20.06 -26.19
N ILE D 76 1.35 -20.59 -24.96
CA ILE D 76 0.13 -20.64 -24.18
C ILE D 76 0.15 -19.44 -23.25
N ARG D 77 -0.93 -18.66 -23.23
CA ARG D 77 -1.09 -17.49 -22.35
C ARG D 77 -2.39 -17.56 -21.60
N PHE D 78 -2.52 -16.73 -20.57
CA PHE D 78 -3.75 -16.60 -19.77
C PHE D 78 -4.45 -15.34 -20.23
N VAL D 79 -5.78 -15.41 -20.34
CA VAL D 79 -6.57 -14.27 -20.79
C VAL D 79 -6.74 -13.24 -19.66
N ASN D 80 -7.39 -13.67 -18.57
CA ASN D 80 -7.74 -12.83 -17.43
C ASN D 80 -6.65 -12.70 -16.36
N VAL D 81 -5.45 -12.29 -16.77
CA VAL D 81 -4.35 -11.97 -15.87
C VAL D 81 -4.02 -10.47 -15.90
N GLU D 82 -3.48 -9.94 -14.81
CA GLU D 82 -3.04 -8.55 -14.72
C GLU D 82 -1.81 -8.36 -15.64
N ASN D 83 -0.77 -9.16 -15.38
CA ASN D 83 0.47 -9.21 -16.14
C ASN D 83 0.75 -10.67 -16.51
N ALA D 84 1.67 -10.91 -17.47
CA ALA D 84 2.05 -12.25 -17.88
C ALA D 84 2.60 -13.01 -16.66
N ARG D 85 2.19 -14.27 -16.51
CA ARG D 85 2.58 -15.18 -15.44
C ARG D 85 4.10 -15.33 -15.27
N ASP D 86 4.54 -15.60 -14.02
CA ASP D 86 5.93 -15.86 -13.68
C ASP D 86 6.07 -17.37 -13.73
N ALA D 87 6.66 -17.88 -14.83
CA ALA D 87 6.82 -19.31 -15.05
C ALA D 87 8.26 -19.80 -14.94
N ASP D 88 8.42 -21.01 -14.42
CA ASP D 88 9.67 -21.75 -14.25
C ASP D 88 9.44 -23.11 -14.85
N VAL D 89 10.18 -23.47 -15.91
CA VAL D 89 10.03 -24.76 -16.55
C VAL D 89 10.60 -25.85 -15.63
N VAL D 90 9.74 -26.81 -15.26
CA VAL D 90 10.09 -27.91 -14.37
C VAL D 90 10.70 -29.07 -15.17
N ASP D 91 10.00 -29.55 -16.22
CA ASP D 91 10.46 -30.68 -17.03
C ASP D 91 9.87 -30.71 -18.43
N ILE D 92 10.67 -31.16 -19.41
CA ILE D 92 10.29 -31.40 -20.80
C ILE D 92 10.78 -32.83 -21.12
N SER D 93 9.84 -33.72 -21.42
CA SER D 93 10.10 -35.12 -21.72
C SER D 93 9.51 -35.53 -23.06
N VAL D 94 10.31 -36.21 -23.89
CA VAL D 94 9.86 -36.67 -25.20
C VAL D 94 9.88 -38.20 -25.24
N SER D 95 8.74 -38.81 -25.59
CA SER D 95 8.57 -40.25 -25.72
C SER D 95 9.01 -40.70 -27.15
N PRO D 96 9.26 -42.02 -27.42
CA PRO D 96 9.72 -42.43 -28.76
C PRO D 96 8.85 -41.99 -29.94
N ASP D 97 7.50 -41.93 -29.75
CA ASP D 97 6.57 -41.55 -30.82
C ASP D 97 6.55 -40.03 -31.11
N GLY D 98 7.28 -39.26 -30.31
CA GLY D 98 7.38 -37.81 -30.47
C GLY D 98 6.42 -37.01 -29.59
N THR D 99 5.74 -37.68 -28.63
CA THR D 99 4.83 -37.03 -27.69
C THR D 99 5.65 -36.25 -26.65
N VAL D 100 5.44 -34.94 -26.60
CA VAL D 100 6.14 -34.04 -25.69
C VAL D 100 5.28 -33.86 -24.43
N GLN D 101 5.92 -33.92 -23.24
CA GLN D 101 5.29 -33.72 -21.94
C GLN D 101 5.99 -32.59 -21.20
N TYR D 102 5.42 -31.38 -21.36
CA TYR D 102 5.88 -30.13 -20.76
C TYR D 102 5.24 -29.92 -19.39
N LEU D 103 6.03 -29.37 -18.45
CA LEU D 103 5.56 -29.01 -17.12
C LEU D 103 6.28 -27.78 -16.61
N GLU D 104 5.50 -26.79 -16.16
CA GLU D 104 6.01 -25.53 -15.61
C GLU D 104 5.27 -25.21 -14.34
N ARG D 105 5.91 -24.41 -13.47
CA ARG D 105 5.27 -23.95 -12.26
C ARG D 105 5.15 -22.43 -12.38
N PHE D 106 3.91 -21.91 -12.32
CA PHE D 106 3.65 -20.49 -12.49
C PHE D 106 2.95 -19.87 -11.31
N SER D 107 3.03 -18.54 -11.23
CA SER D 107 2.34 -17.70 -10.27
C SER D 107 1.74 -16.55 -11.08
N ALA D 108 0.47 -16.20 -10.82
CA ALA D 108 -0.22 -15.12 -11.54
C ALA D 108 -1.36 -14.51 -10.75
N ARG D 109 -1.61 -13.20 -10.95
CA ARG D 109 -2.74 -12.49 -10.36
C ARG D 109 -3.86 -12.57 -11.40
N VAL D 110 -4.97 -13.22 -11.04
CA VAL D 110 -6.11 -13.46 -11.92
C VAL D 110 -7.27 -12.47 -11.68
N LEU D 111 -7.78 -11.86 -12.77
CA LEU D 111 -8.90 -10.91 -12.79
C LEU D 111 -10.17 -11.72 -13.00
N SER D 112 -10.95 -11.95 -11.94
CA SER D 112 -12.20 -12.70 -12.09
C SER D 112 -13.31 -11.99 -11.33
N PRO D 113 -14.39 -11.55 -12.03
CA PRO D 113 -15.46 -10.78 -11.35
C PRO D 113 -16.28 -11.59 -10.36
N LEU D 114 -16.76 -10.90 -9.32
CA LEU D 114 -17.56 -11.52 -8.26
C LEU D 114 -18.98 -10.96 -8.21
N ASP D 115 -19.95 -11.80 -7.78
CA ASP D 115 -21.35 -11.40 -7.66
C ASP D 115 -21.65 -11.20 -6.17
N PHE D 116 -21.74 -9.95 -5.74
CA PHE D 116 -21.94 -9.58 -4.34
C PHE D 116 -23.41 -9.48 -3.92
N ARG D 117 -24.35 -9.85 -4.82
CA ARG D 117 -25.78 -9.83 -4.56
C ARG D 117 -26.19 -10.55 -3.26
N ARG D 118 -25.54 -11.69 -2.95
CA ARG D 118 -25.85 -12.46 -1.74
C ARG D 118 -24.82 -12.35 -0.62
N TYR D 119 -23.83 -11.44 -0.74
CA TYR D 119 -22.77 -11.22 0.25
C TYR D 119 -23.38 -10.92 1.63
N PRO D 120 -22.84 -11.46 2.74
CA PRO D 120 -21.69 -12.38 2.86
C PRO D 120 -22.07 -13.89 2.82
N PHE D 121 -23.23 -14.20 2.26
CA PHE D 121 -23.74 -15.58 2.14
C PHE D 121 -23.67 -16.00 0.66
N ASP D 122 -22.65 -15.49 -0.03
CA ASP D 122 -22.40 -15.68 -1.46
C ASP D 122 -21.43 -16.79 -1.78
N SER D 123 -21.55 -17.34 -2.99
CA SER D 123 -20.66 -18.34 -3.56
C SER D 123 -20.20 -17.76 -4.88
N GLN D 124 -18.93 -18.04 -5.24
CA GLN D 124 -18.32 -17.54 -6.48
C GLN D 124 -17.77 -18.64 -7.34
N THR D 125 -17.77 -18.40 -8.66
CA THR D 125 -17.14 -19.28 -9.64
C THR D 125 -16.00 -18.46 -10.23
N LEU D 126 -14.78 -18.70 -9.72
CA LEU D 126 -13.56 -18.05 -10.21
C LEU D 126 -13.15 -18.71 -11.53
N HIS D 127 -12.56 -17.92 -12.46
CA HIS D 127 -12.15 -18.43 -13.76
C HIS D 127 -10.69 -18.19 -14.06
N ILE D 128 -10.08 -19.15 -14.75
CA ILE D 128 -8.71 -19.10 -15.24
C ILE D 128 -8.86 -19.51 -16.72
N TYR D 129 -8.65 -18.55 -17.64
CA TYR D 129 -8.79 -18.81 -19.06
C TYR D 129 -7.46 -19.04 -19.75
N LEU D 130 -7.24 -20.29 -20.25
CA LEU D 130 -6.05 -20.68 -21.00
C LEU D 130 -6.32 -20.38 -22.45
N ILE D 131 -5.32 -19.90 -23.20
CA ILE D 131 -5.49 -19.57 -24.61
C ILE D 131 -4.24 -19.85 -25.44
N VAL D 132 -4.45 -20.12 -26.74
CA VAL D 132 -3.41 -20.33 -27.73
C VAL D 132 -3.87 -19.74 -29.06
N ARG D 133 -2.97 -18.98 -29.70
CA ARG D 133 -3.22 -18.36 -30.99
C ARG D 133 -2.58 -19.24 -32.06
N SER D 134 -3.37 -19.55 -33.10
CA SER D 134 -2.92 -20.35 -34.23
C SER D 134 -1.88 -19.61 -35.05
N VAL D 135 -0.89 -20.35 -35.53
CA VAL D 135 0.17 -19.84 -36.37
C VAL D 135 -0.23 -19.96 -37.84
N ASP D 136 0.57 -19.37 -38.71
CA ASP D 136 0.42 -19.40 -40.14
C ASP D 136 0.29 -20.81 -40.68
N THR D 137 1.37 -21.60 -40.52
CA THR D 137 1.54 -22.96 -41.01
C THR D 137 0.41 -23.89 -40.60
N ARG D 138 0.02 -23.87 -39.29
CA ARG D 138 -1.08 -24.73 -38.84
C ARG D 138 -1.88 -24.15 -37.67
N ASN D 139 -3.08 -24.66 -37.45
N ASN D 139 -3.03 -24.80 -37.35
CA ASN D 139 -3.97 -24.19 -36.40
CA ASN D 139 -4.10 -24.49 -36.39
C ASN D 139 -3.84 -25.02 -35.13
C ASN D 139 -3.95 -25.14 -34.99
N ILE D 140 -3.69 -24.35 -33.97
CA ILE D 140 -3.53 -24.94 -32.65
C ILE D 140 -4.85 -24.89 -31.87
N VAL D 141 -5.26 -26.04 -31.34
CA VAL D 141 -6.49 -26.25 -30.58
C VAL D 141 -6.13 -26.80 -29.19
N LEU D 142 -6.77 -26.25 -28.13
CA LEU D 142 -6.51 -26.71 -26.76
C LEU D 142 -7.44 -27.87 -26.36
N ALA D 143 -6.98 -28.69 -25.41
CA ALA D 143 -7.73 -29.82 -24.88
C ALA D 143 -7.49 -29.93 -23.37
N VAL D 144 -8.37 -30.63 -22.65
CA VAL D 144 -8.23 -30.82 -21.22
C VAL D 144 -7.86 -32.28 -20.93
N ASP D 145 -6.71 -32.50 -20.28
CA ASP D 145 -6.27 -33.80 -19.80
C ASP D 145 -6.74 -33.85 -18.36
N LEU D 146 -7.94 -34.44 -18.11
CA LEU D 146 -8.58 -34.51 -16.80
C LEU D 146 -7.70 -35.12 -15.70
N GLU D 147 -6.79 -36.02 -16.10
CA GLU D 147 -5.83 -36.67 -15.22
C GLU D 147 -4.81 -35.67 -14.65
N LYS D 148 -4.60 -34.54 -15.35
CA LYS D 148 -3.63 -33.50 -14.96
C LYS D 148 -4.30 -32.20 -14.48
N VAL D 149 -5.59 -32.28 -14.11
CA VAL D 149 -6.37 -31.16 -13.56
C VAL D 149 -6.68 -31.50 -12.09
N GLY D 150 -6.33 -30.61 -11.18
CA GLY D 150 -6.53 -30.81 -9.76
C GLY D 150 -6.06 -29.66 -8.89
N LYS D 151 -5.94 -29.94 -7.59
CA LYS D 151 -5.49 -29.03 -6.53
C LYS D 151 -5.00 -29.86 -5.35
N ASN D 152 -4.02 -29.38 -4.60
CA ASN D 152 -3.56 -30.16 -3.46
C ASN D 152 -4.50 -29.93 -2.26
N ASP D 153 -4.56 -30.90 -1.35
CA ASP D 153 -5.45 -30.87 -0.17
C ASP D 153 -5.24 -29.65 0.75
N ASP D 154 -3.98 -29.21 0.90
CA ASP D 154 -3.60 -28.05 1.72
C ASP D 154 -4.06 -26.70 1.16
N VAL D 155 -4.43 -26.63 -0.14
CA VAL D 155 -4.88 -25.39 -0.79
C VAL D 155 -6.02 -24.79 0.02
N PHE D 156 -5.71 -23.66 0.66
CA PHE D 156 -6.63 -22.93 1.52
C PHE D 156 -6.75 -21.50 1.04
N LEU D 157 -7.97 -20.99 0.99
CA LEU D 157 -8.23 -19.62 0.61
C LEU D 157 -8.93 -18.96 1.80
N THR D 158 -8.18 -18.13 2.54
CA THR D 158 -8.61 -17.42 3.77
C THR D 158 -10.01 -16.83 3.62
N GLY D 159 -10.91 -17.24 4.50
CA GLY D 159 -12.30 -16.79 4.54
C GLY D 159 -13.23 -17.43 3.53
N TRP D 160 -12.74 -18.47 2.81
CA TRP D 160 -13.50 -19.18 1.79
C TRP D 160 -13.35 -20.69 1.89
N ASP D 161 -14.37 -21.41 1.43
CA ASP D 161 -14.39 -22.88 1.37
C ASP D 161 -14.27 -23.23 -0.11
N ILE D 162 -13.23 -24.00 -0.47
CA ILE D 162 -12.99 -24.42 -1.86
C ILE D 162 -13.81 -25.66 -2.19
N GLU D 163 -14.78 -25.51 -3.08
CA GLU D 163 -15.68 -26.59 -3.50
C GLU D 163 -15.06 -27.53 -4.51
N SER D 164 -14.69 -27.01 -5.70
CA SER D 164 -14.14 -27.80 -6.80
C SER D 164 -13.29 -26.98 -7.75
N PHE D 165 -12.33 -27.65 -8.40
CA PHE D 165 -11.50 -27.08 -9.44
C PHE D 165 -11.62 -28.03 -10.61
N THR D 166 -12.43 -27.62 -11.60
CA THR D 166 -12.69 -28.38 -12.82
C THR D 166 -12.45 -27.51 -14.06
N ALA D 167 -12.49 -28.11 -15.25
CA ALA D 167 -12.34 -27.39 -16.50
C ALA D 167 -13.43 -27.80 -17.49
N VAL D 168 -13.90 -26.83 -18.28
CA VAL D 168 -14.88 -27.07 -19.34
C VAL D 168 -14.04 -27.67 -20.47
N VAL D 169 -14.20 -29.00 -20.69
CA VAL D 169 -13.40 -29.80 -21.65
C VAL D 169 -13.47 -29.28 -23.10
N LYS D 170 -14.61 -28.72 -23.53
CA LYS D 170 -14.80 -28.20 -24.87
C LYS D 170 -14.25 -26.76 -24.97
N PRO D 171 -13.19 -26.53 -25.79
CA PRO D 171 -12.66 -25.16 -25.90
C PRO D 171 -13.52 -24.22 -26.75
N ALA D 172 -13.43 -22.93 -26.47
CA ALA D 172 -14.12 -21.88 -27.22
C ALA D 172 -13.14 -21.45 -28.30
N ASN D 173 -13.36 -21.97 -29.53
CA ASN D 173 -12.55 -21.67 -30.69
C ASN D 173 -13.20 -20.51 -31.46
N PHE D 174 -12.47 -19.39 -31.58
CA PHE D 174 -12.95 -18.17 -32.23
C PHE D 174 -11.85 -17.46 -32.99
N ALA D 175 -12.23 -16.61 -33.95
CA ALA D 175 -11.29 -15.82 -34.73
C ALA D 175 -11.06 -14.48 -34.07
N LEU D 176 -9.79 -14.08 -33.99
CA LEU D 176 -9.37 -12.80 -33.42
C LEU D 176 -8.19 -12.29 -34.24
N GLU D 177 -8.31 -11.06 -34.78
CA GLU D 177 -7.32 -10.41 -35.65
C GLU D 177 -6.81 -11.34 -36.74
N ASP D 178 -7.75 -11.90 -37.50
CA ASP D 178 -7.53 -12.78 -38.65
C ASP D 178 -6.78 -14.09 -38.35
N ARG D 179 -6.82 -14.52 -37.11
CA ARG D 179 -6.20 -15.75 -36.70
C ARG D 179 -7.05 -16.51 -35.73
N LEU D 180 -6.99 -17.83 -35.75
CA LEU D 180 -7.78 -18.66 -34.86
C LEU D 180 -7.19 -18.63 -33.44
N GLU D 181 -8.09 -18.64 -32.43
CA GLU D 181 -7.76 -18.65 -31.01
C GLU D 181 -8.59 -19.72 -30.30
N SER D 182 -7.92 -20.62 -29.54
CA SER D 182 -8.56 -21.69 -28.79
C SER D 182 -8.49 -21.37 -27.29
N LYS D 183 -9.65 -21.13 -26.65
CA LYS D 183 -9.76 -20.74 -25.25
C LYS D 183 -10.35 -21.85 -24.36
N LEU D 184 -9.74 -22.08 -23.19
CA LEU D 184 -10.21 -23.06 -22.20
C LEU D 184 -10.63 -22.40 -20.89
N ASP D 185 -11.76 -22.85 -20.32
CA ASP D 185 -12.29 -22.31 -19.08
C ASP D 185 -12.04 -23.22 -17.87
N TYR D 186 -11.09 -22.79 -16.98
CA TYR D 186 -10.78 -23.49 -15.73
C TYR D 186 -11.56 -22.80 -14.65
N GLN D 187 -12.49 -23.54 -14.01
CA GLN D 187 -13.39 -22.99 -12.99
C GLN D 187 -13.09 -23.45 -11.56
N LEU D 188 -12.86 -22.47 -10.67
CA LEU D 188 -12.62 -22.70 -9.26
C LEU D 188 -13.85 -22.25 -8.48
N ARG D 189 -14.62 -23.22 -7.97
CA ARG D 189 -15.83 -22.97 -7.21
C ARG D 189 -15.53 -22.79 -5.73
N ILE D 190 -15.93 -21.64 -5.18
CA ILE D 190 -15.70 -21.27 -3.79
C ILE D 190 -16.98 -20.71 -3.17
N SER D 191 -17.13 -20.86 -1.84
CA SER D 191 -18.26 -20.31 -1.09
C SER D 191 -17.71 -19.63 0.16
N ARG D 192 -18.24 -18.45 0.46
CA ARG D 192 -17.80 -17.63 1.58
C ARG D 192 -18.15 -18.22 2.93
N GLN D 193 -17.20 -18.16 3.88
CA GLN D 193 -17.37 -18.57 5.26
C GLN D 193 -18.00 -17.38 5.99
N TYR D 194 -19.33 -17.44 6.15
CA TYR D 194 -20.14 -16.37 6.78
C TYR D 194 -20.17 -16.39 8.32
N PHE D 195 -19.58 -17.40 8.99
CA PHE D 195 -19.57 -17.53 10.46
C PHE D 195 -19.23 -16.22 11.18
N SER D 196 -17.98 -15.73 11.04
CA SER D 196 -17.45 -14.53 11.68
C SER D 196 -18.37 -13.31 11.64
N TYR D 197 -19.07 -13.11 10.50
CA TYR D 197 -20.00 -12.00 10.25
C TYR D 197 -21.11 -11.87 11.30
N ILE D 198 -21.63 -13.00 11.83
CA ILE D 198 -22.69 -13.02 12.84
C ILE D 198 -22.21 -12.37 14.18
N PRO D 199 -21.23 -12.91 14.95
CA PRO D 199 -20.87 -12.24 16.21
C PRO D 199 -20.07 -10.96 16.07
N ASN D 200 -19.43 -10.72 14.91
CA ASN D 200 -18.59 -9.53 14.73
C ASN D 200 -19.31 -8.31 14.16
N ILE D 201 -20.21 -8.54 13.20
CA ILE D 201 -20.92 -7.47 12.50
C ILE D 201 -22.45 -7.51 12.76
N ILE D 202 -23.13 -8.63 12.40
CA ILE D 202 -24.60 -8.79 12.46
C ILE D 202 -25.17 -8.53 13.85
N LEU D 203 -24.81 -9.36 14.86
CA LEU D 203 -25.31 -9.22 16.23
C LEU D 203 -24.97 -7.85 16.85
N PRO D 204 -23.72 -7.34 16.85
CA PRO D 204 -23.47 -5.99 17.40
C PRO D 204 -24.30 -4.90 16.72
N TRP D 205 -24.55 -5.04 15.39
CA TRP D 205 -25.34 -4.09 14.60
C TRP D 205 -26.79 -4.07 15.05
N LEU D 206 -27.36 -5.26 15.38
CA LEU D 206 -28.74 -5.40 15.87
C LEU D 206 -28.85 -4.82 17.27
N PHE D 207 -27.82 -5.02 18.12
CA PHE D 207 -27.77 -4.49 19.48
C PHE D 207 -27.86 -2.97 19.50
N ILE D 208 -27.08 -2.28 18.65
CA ILE D 208 -27.11 -0.81 18.60
C ILE D 208 -28.46 -0.30 18.07
N LEU D 209 -29.12 -1.11 17.19
CA LEU D 209 -30.44 -0.77 16.65
C LEU D 209 -31.52 -0.93 17.74
N PHE D 210 -31.41 -1.99 18.57
CA PHE D 210 -32.34 -2.25 19.67
C PHE D 210 -32.22 -1.19 20.76
N ILE D 211 -31.00 -0.64 20.95
CA ILE D 211 -30.72 0.44 21.91
C ILE D 211 -31.52 1.69 21.50
N SER D 212 -31.61 1.99 20.18
CA SER D 212 -32.38 3.14 19.69
C SER D 212 -33.88 2.93 19.97
N TRP D 213 -34.35 1.67 19.97
CA TRP D 213 -35.77 1.34 20.21
C TRP D 213 -36.17 1.46 21.70
N THR D 214 -35.19 1.66 22.61
CA THR D 214 -35.48 1.87 24.03
C THR D 214 -36.08 3.27 24.22
N ALA D 215 -35.96 4.16 23.20
CA ALA D 215 -36.53 5.50 23.18
C ALA D 215 -38.07 5.43 23.14
N PHE D 216 -38.63 4.26 22.80
CA PHE D 216 -40.07 4.01 22.77
C PHE D 216 -40.63 3.71 24.17
N TRP D 217 -39.77 3.63 25.19
CA TRP D 217 -40.17 3.42 26.59
C TRP D 217 -39.79 4.63 27.44
N SER D 218 -39.50 5.77 26.78
CA SER D 218 -39.11 7.02 27.41
C SER D 218 -39.87 8.21 26.82
N THR D 219 -40.19 9.20 27.68
CA THR D 219 -40.88 10.43 27.31
C THR D 219 -39.90 11.61 27.26
N SER D 220 -38.66 11.40 27.77
CA SER D 220 -37.58 12.37 27.83
C SER D 220 -36.96 12.61 26.45
N TYR D 221 -37.39 13.69 25.79
CA TYR D 221 -36.94 14.09 24.46
C TYR D 221 -35.43 14.21 24.34
N GLU D 222 -34.79 14.82 25.35
CA GLU D 222 -33.33 14.99 25.38
C GLU D 222 -32.63 13.63 25.38
N ALA D 223 -33.13 12.69 26.22
CA ALA D 223 -32.59 11.32 26.32
C ALA D 223 -32.85 10.54 25.03
N ASN D 224 -34.06 10.69 24.46
CA ASN D 224 -34.46 10.03 23.21
C ASN D 224 -33.59 10.49 22.04
N VAL D 225 -33.35 11.81 21.94
CA VAL D 225 -32.51 12.43 20.92
C VAL D 225 -31.12 11.79 21.02
N THR D 226 -30.54 11.78 22.24
CA THR D 226 -29.24 11.17 22.54
C THR D 226 -29.22 9.70 22.09
N LEU D 227 -30.21 8.89 22.52
CA LEU D 227 -30.32 7.47 22.14
C LEU D 227 -30.32 7.21 20.64
N VAL D 228 -31.23 7.89 19.90
CA VAL D 228 -31.41 7.67 18.45
C VAL D 228 -30.25 8.28 17.62
N VAL D 229 -29.82 9.50 17.96
CA VAL D 229 -28.76 10.20 17.22
C VAL D 229 -27.39 9.53 17.44
N SER D 230 -27.05 9.17 18.68
CA SER D 230 -25.76 8.53 19.00
C SER D 230 -25.62 7.14 18.38
N THR D 231 -26.68 6.30 18.46
CA THR D 231 -26.64 4.97 17.85
C THR D 231 -26.56 5.06 16.31
N LEU D 232 -27.05 6.18 15.73
CA LEU D 232 -26.97 6.44 14.29
C LEU D 232 -25.50 6.61 13.90
N ILE D 233 -24.70 7.27 14.76
CA ILE D 233 -23.26 7.44 14.56
C ILE D 233 -22.56 6.06 14.48
N ALA D 234 -22.95 5.14 15.37
CA ALA D 234 -22.44 3.77 15.39
C ALA D 234 -22.86 3.04 14.14
N HIS D 235 -24.11 3.23 13.68
CA HIS D 235 -24.60 2.62 12.45
C HIS D 235 -23.80 3.12 11.25
N ILE D 236 -23.48 4.44 11.22
CA ILE D 236 -22.66 5.03 10.15
C ILE D 236 -21.28 4.37 10.15
N ALA D 237 -20.65 4.18 11.33
CA ALA D 237 -19.36 3.52 11.48
C ALA D 237 -19.39 2.10 10.87
N PHE D 238 -20.41 1.30 11.25
CA PHE D 238 -20.60 -0.06 10.72
C PHE D 238 -20.84 -0.05 9.20
N ASN D 239 -21.64 0.92 8.70
CA ASN D 239 -21.90 1.08 7.26
C ASN D 239 -20.59 1.29 6.50
N ILE D 240 -19.75 2.25 6.98
CA ILE D 240 -18.45 2.59 6.39
C ILE D 240 -17.48 1.38 6.42
N LEU D 241 -17.39 0.68 7.56
CA LEU D 241 -16.55 -0.49 7.77
C LEU D 241 -16.88 -1.61 6.78
N VAL D 242 -18.17 -1.86 6.55
CA VAL D 242 -18.66 -2.89 5.62
C VAL D 242 -18.39 -2.51 4.15
N GLU D 243 -18.81 -1.28 3.73
CA GLU D 243 -18.68 -0.79 2.35
C GLU D 243 -17.22 -0.59 1.89
N THR D 244 -16.24 -0.50 2.82
CA THR D 244 -14.83 -0.35 2.43
C THR D 244 -14.24 -1.69 1.93
N ASN D 245 -14.79 -2.82 2.39
CA ASN D 245 -14.37 -4.17 1.99
C ASN D 245 -15.12 -4.65 0.72
N LEU D 246 -16.08 -3.83 0.21
CA LEU D 246 -16.89 -4.14 -0.97
C LEU D 246 -16.70 -3.13 -2.11
N PRO D 247 -16.71 -3.57 -3.39
CA PRO D 247 -16.64 -2.58 -4.48
C PRO D 247 -18.00 -1.95 -4.77
N LYS D 248 -18.00 -0.81 -5.50
CA LYS D 248 -19.22 -0.13 -5.89
C LYS D 248 -19.87 -0.94 -7.02
N THR D 249 -21.03 -1.54 -6.71
CA THR D 249 -21.79 -2.40 -7.61
C THR D 249 -22.95 -1.68 -8.32
N PRO D 250 -23.20 -1.95 -9.62
CA PRO D 250 -24.34 -1.29 -10.29
C PRO D 250 -25.69 -1.95 -9.95
N TYR D 251 -25.67 -2.94 -9.04
CA TYR D 251 -26.82 -3.70 -8.57
C TYR D 251 -26.91 -3.62 -7.05
N MET D 252 -28.11 -3.85 -6.50
CA MET D 252 -28.31 -3.83 -5.07
C MET D 252 -27.86 -5.18 -4.49
N THR D 253 -27.13 -5.12 -3.38
CA THR D 253 -26.64 -6.30 -2.66
C THR D 253 -27.55 -6.55 -1.47
N TYR D 254 -27.53 -7.78 -0.93
CA TYR D 254 -28.34 -8.16 0.22
C TYR D 254 -27.99 -7.28 1.44
N THR D 255 -26.67 -7.12 1.71
CA THR D 255 -26.14 -6.29 2.79
C THR D 255 -26.46 -4.81 2.53
N GLY D 256 -26.36 -4.39 1.28
CA GLY D 256 -26.64 -3.03 0.88
C GLY D 256 -28.06 -2.61 1.18
N ALA D 257 -29.02 -3.53 0.90
CA ALA D 257 -30.44 -3.38 1.11
C ALA D 257 -30.76 -3.22 2.61
N ILE D 258 -30.19 -4.11 3.43
CA ILE D 258 -30.32 -4.09 4.88
C ILE D 258 -29.80 -2.76 5.45
N ILE D 259 -28.56 -2.37 5.08
CA ILE D 259 -27.93 -1.13 5.53
C ILE D 259 -28.83 0.05 5.25
N PHE D 260 -29.35 0.14 3.99
CA PHE D 260 -30.26 1.19 3.56
C PHE D 260 -31.53 1.20 4.36
N MET D 261 -32.10 0.00 4.61
CA MET D 261 -33.33 -0.19 5.38
C MET D 261 -33.15 0.34 6.82
N ILE D 262 -31.99 0.06 7.45
CA ILE D 262 -31.67 0.56 8.80
C ILE D 262 -31.68 2.10 8.82
N TYR D 263 -31.16 2.76 7.76
CA TYR D 263 -31.18 4.21 7.64
C TYR D 263 -32.63 4.72 7.62
N LEU D 264 -33.56 3.98 6.98
CA LEU D 264 -34.98 4.35 6.96
C LEU D 264 -35.59 4.24 8.35
N PHE D 265 -35.32 3.12 9.05
CA PHE D 265 -35.79 2.86 10.41
C PHE D 265 -35.32 3.92 11.40
N TYR D 266 -34.10 4.44 11.23
CA TYR D 266 -33.55 5.50 12.07
C TYR D 266 -34.28 6.80 11.81
N PHE D 267 -34.54 7.09 10.52
CA PHE D 267 -35.26 8.29 10.11
C PHE D 267 -36.70 8.30 10.67
N VAL D 268 -37.41 7.15 10.56
CA VAL D 268 -38.77 6.98 11.08
C VAL D 268 -38.76 7.10 12.63
N ALA D 269 -37.72 6.57 13.31
CA ALA D 269 -37.56 6.67 14.76
C ALA D 269 -37.39 8.13 15.19
N VAL D 270 -36.64 8.94 14.41
CA VAL D 270 -36.45 10.36 14.68
C VAL D 270 -37.81 11.07 14.54
N ILE D 271 -38.58 10.74 13.48
CA ILE D 271 -39.93 11.29 13.25
C ILE D 271 -40.81 10.99 14.48
N GLU D 272 -40.87 9.72 14.94
CA GLU D 272 -41.65 9.31 16.12
C GLU D 272 -41.25 10.12 17.35
N VAL D 273 -39.94 10.19 17.64
CA VAL D 273 -39.37 10.95 18.76
C VAL D 273 -39.76 12.44 18.68
N THR D 274 -39.77 13.01 17.45
CA THR D 274 -40.16 14.41 17.19
C THR D 274 -41.67 14.60 17.45
N VAL D 275 -42.50 13.67 16.93
CA VAL D 275 -43.98 13.68 17.07
C VAL D 275 -44.38 13.55 18.55
N GLN D 276 -43.83 12.53 19.25
CA GLN D 276 -44.08 12.30 20.68
C GLN D 276 -43.82 13.58 21.50
N HIS D 277 -42.69 14.26 21.28
CA HIS D 277 -42.32 15.49 21.97
C HIS D 277 -43.26 16.65 21.66
N TYR D 278 -43.60 16.84 20.36
CA TYR D 278 -44.46 17.93 19.90
C TYR D 278 -45.82 17.88 20.59
N LEU D 279 -46.44 16.68 20.63
CA LEU D 279 -47.74 16.44 21.27
C LEU D 279 -47.67 16.66 22.78
N LYS D 280 -46.54 16.24 23.42
CA LYS D 280 -46.29 16.43 24.85
C LYS D 280 -46.24 17.92 25.18
N VAL D 281 -45.53 18.72 24.37
CA VAL D 281 -45.42 20.18 24.51
C VAL D 281 -46.79 20.86 24.22
N GLU D 282 -47.56 20.29 23.28
CA GLU D 282 -48.89 20.76 22.87
C GLU D 282 -50.00 20.34 23.87
N SER D 283 -49.57 19.85 25.07
CA SER D 283 -50.39 19.41 26.19
C SER D 283 -51.42 18.32 25.82
N GLN D 284 -50.98 17.34 25.00
CA GLN D 284 -51.81 16.19 24.64
C GLN D 284 -50.97 14.88 24.68
N PRO D 285 -50.54 14.45 25.89
CA PRO D 285 -49.71 13.24 26.00
C PRO D 285 -50.45 11.93 25.74
N ALA D 286 -51.79 11.95 25.75
CA ALA D 286 -52.59 10.75 25.49
C ALA D 286 -52.40 10.29 24.05
N ARG D 287 -52.22 11.26 23.09
CA ARG D 287 -51.99 10.98 21.66
C ARG D 287 -50.58 10.46 21.48
N ALA D 288 -49.61 11.11 22.14
CA ALA D 288 -48.20 10.76 22.13
C ALA D 288 -47.99 9.35 22.69
N ALA D 289 -48.65 9.03 23.81
CA ALA D 289 -48.57 7.72 24.46
C ALA D 289 -49.09 6.58 23.60
N SER D 290 -50.14 6.83 22.81
CA SER D 290 -50.72 5.80 21.94
C SER D 290 -49.82 5.50 20.74
N ILE D 291 -49.16 6.54 20.19
CA ILE D 291 -48.20 6.43 19.08
C ILE D 291 -46.97 5.65 19.56
N THR D 292 -46.39 6.06 20.72
CA THR D 292 -45.22 5.45 21.34
C THR D 292 -45.46 3.98 21.69
N ARG D 293 -46.66 3.64 22.21
CA ARG D 293 -47.02 2.26 22.55
C ARG D 293 -47.13 1.39 21.30
N ALA D 294 -47.65 1.97 20.20
CA ALA D 294 -47.79 1.29 18.91
C ALA D 294 -46.41 1.04 18.32
N SER D 295 -45.49 2.04 18.42
CA SER D 295 -44.12 1.97 17.91
C SER D 295 -43.32 0.84 18.55
N ARG D 296 -43.59 0.53 19.84
CA ARG D 296 -42.94 -0.56 20.60
C ARG D 296 -43.14 -1.91 19.93
N ILE D 297 -44.31 -2.11 19.29
CA ILE D 297 -44.66 -3.33 18.58
C ILE D 297 -44.37 -3.20 17.09
N ALA D 298 -44.80 -2.07 16.48
CA ALA D 298 -44.64 -1.79 15.05
C ALA D 298 -43.20 -1.88 14.56
N PHE D 299 -42.26 -1.15 15.20
CA PHE D 299 -40.84 -1.13 14.81
C PHE D 299 -40.20 -2.53 14.73
N PRO D 300 -40.21 -3.40 15.78
CA PRO D 300 -39.62 -4.74 15.62
C PRO D 300 -40.35 -5.62 14.61
N VAL D 301 -41.71 -5.56 14.58
CA VAL D 301 -42.53 -6.36 13.65
C VAL D 301 -42.23 -6.02 12.19
N VAL D 302 -42.30 -4.72 11.83
CA VAL D 302 -42.03 -4.24 10.47
C VAL D 302 -40.57 -4.56 10.07
N PHE D 303 -39.62 -4.44 11.03
CA PHE D 303 -38.21 -4.78 10.81
C PHE D 303 -38.03 -6.26 10.52
N LEU D 304 -38.69 -7.14 11.32
CA LEU D 304 -38.64 -8.60 11.16
C LEU D 304 -39.31 -9.02 9.85
N LEU D 305 -40.48 -8.44 9.50
CA LEU D 305 -41.19 -8.77 8.26
C LEU D 305 -40.42 -8.32 7.02
N ALA D 306 -39.87 -7.08 7.05
CA ALA D 306 -39.08 -6.52 5.95
C ALA D 306 -37.84 -7.34 5.65
N ASN D 307 -37.17 -7.86 6.71
CA ASN D 307 -35.99 -8.71 6.57
C ASN D 307 -36.35 -10.06 5.95
N ILE D 308 -37.55 -10.58 6.24
CA ILE D 308 -38.05 -11.84 5.66
C ILE D 308 -38.25 -11.63 4.16
N ILE D 309 -38.87 -10.49 3.78
CA ILE D 309 -39.11 -10.10 2.38
C ILE D 309 -37.77 -9.96 1.64
N LEU D 310 -36.76 -9.31 2.28
CA LEU D 310 -35.42 -9.14 1.69
C LEU D 310 -34.69 -10.44 1.51
N ALA D 311 -34.71 -11.32 2.53
CA ALA D 311 -34.08 -12.64 2.48
C ALA D 311 -34.73 -13.47 1.36
N PHE D 312 -36.06 -13.36 1.22
CA PHE D 312 -36.82 -14.07 0.19
C PHE D 312 -36.44 -13.56 -1.21
N LEU D 313 -36.37 -12.22 -1.39
CA LEU D 313 -36.04 -11.62 -2.69
C LEU D 313 -34.61 -11.92 -3.12
N PHE D 314 -33.67 -12.02 -2.16
CA PHE D 314 -32.24 -12.23 -2.46
C PHE D 314 -31.84 -13.64 -2.46
N PHE D 315 -32.66 -14.44 -1.84
CA PHE D 315 -32.31 -15.79 -1.81
C PHE D 315 -33.54 -16.72 -2.49
N VAL E 5 24.05 -31.67 -19.61
CA VAL E 5 23.82 -31.86 -18.18
C VAL E 5 22.52 -32.61 -17.92
N SER E 6 22.63 -33.78 -17.25
CA SER E 6 21.53 -34.68 -16.90
C SER E 6 21.76 -35.25 -15.49
N PRO E 7 20.78 -35.87 -14.79
CA PRO E 7 21.04 -36.35 -13.41
C PRO E 7 22.09 -37.45 -13.31
N PRO E 8 22.81 -37.59 -12.18
CA PRO E 8 23.83 -38.65 -12.08
C PRO E 8 23.21 -40.06 -12.10
N PRO E 9 23.72 -40.99 -12.92
CA PRO E 9 23.13 -42.34 -12.97
C PRO E 9 23.32 -43.14 -11.68
N PRO E 10 22.38 -44.06 -11.34
CA PRO E 10 22.53 -44.84 -10.10
C PRO E 10 23.58 -45.95 -10.21
N ILE E 11 24.30 -46.23 -9.09
CA ILE E 11 25.30 -47.33 -9.03
C ILE E 11 24.51 -48.65 -9.13
N ALA E 12 23.56 -48.82 -8.20
CA ALA E 12 22.58 -49.87 -8.15
C ALA E 12 21.39 -48.87 -8.04
N ASP E 13 20.18 -49.32 -8.26
CA ASP E 13 18.90 -48.70 -8.44
C ASP E 13 18.32 -47.97 -7.20
N GLU E 14 19.19 -47.32 -6.41
CA GLU E 14 18.82 -46.52 -5.25
C GLU E 14 18.38 -45.10 -5.69
N PRO E 15 17.49 -44.40 -4.95
CA PRO E 15 17.14 -43.03 -5.35
C PRO E 15 18.26 -42.05 -5.01
N LEU E 16 18.24 -40.85 -5.61
CA LEU E 16 19.25 -39.84 -5.32
C LEU E 16 18.87 -39.01 -4.08
N THR E 17 19.70 -39.07 -3.05
CA THR E 17 19.48 -38.33 -1.80
C THR E 17 20.11 -36.95 -1.88
N VAL E 18 19.28 -35.92 -1.75
CA VAL E 18 19.73 -34.53 -1.72
C VAL E 18 19.59 -34.07 -0.27
N ASN E 19 20.73 -33.87 0.38
CA ASN E 19 20.76 -33.38 1.75
C ASN E 19 20.51 -31.89 1.70
N THR E 20 19.59 -31.42 2.53
CA THR E 20 19.17 -30.03 2.58
C THR E 20 19.45 -29.40 3.94
N GLY E 21 19.39 -28.08 3.98
CA GLY E 21 19.58 -27.28 5.17
C GLY E 21 19.25 -25.83 4.92
N ILE E 22 18.51 -25.23 5.86
CA ILE E 22 18.11 -23.84 5.81
C ILE E 22 18.68 -23.14 7.05
N TYR E 23 19.42 -22.04 6.86
CA TYR E 23 19.99 -21.25 7.95
C TYR E 23 19.45 -19.85 7.81
N LEU E 24 18.55 -19.45 8.74
CA LEU E 24 17.89 -18.14 8.72
C LEU E 24 18.85 -17.02 9.06
N ILE E 25 18.92 -16.02 8.19
CA ILE E 25 19.74 -14.82 8.37
C ILE E 25 18.81 -13.69 8.85
N GLU E 26 17.64 -13.53 8.18
N GLU E 26 17.65 -13.57 8.20
CA GLU E 26 16.64 -12.51 8.51
CA GLU E 26 16.63 -12.58 8.52
C GLU E 26 15.22 -13.07 8.50
C GLU E 26 15.27 -13.22 8.63
N CYS E 27 14.40 -12.68 9.49
CA CYS E 27 12.99 -13.05 9.64
C CYS E 27 12.27 -11.76 9.89
N TYR E 28 11.35 -11.41 9.01
CA TYR E 28 10.64 -10.14 9.11
C TYR E 28 9.24 -10.19 8.50
N SER E 29 8.52 -9.06 8.57
CA SER E 29 7.18 -8.82 8.02
C SER E 29 6.18 -9.98 8.24
N LEU E 30 5.86 -10.31 9.52
CA LEU E 30 4.84 -11.33 9.79
C LEU E 30 3.49 -10.63 9.72
N ASP E 31 2.79 -10.81 8.59
CA ASP E 31 1.47 -10.22 8.35
C ASP E 31 0.43 -11.21 8.84
N ASP E 32 -0.28 -10.85 9.91
CA ASP E 32 -1.32 -11.68 10.53
C ASP E 32 -2.54 -11.82 9.64
N LYS E 33 -3.01 -10.69 9.09
CA LYS E 33 -4.18 -10.64 8.22
C LYS E 33 -3.95 -11.48 6.97
N ALA E 34 -2.75 -11.33 6.34
CA ALA E 34 -2.34 -12.06 5.14
C ALA E 34 -1.83 -13.46 5.41
N GLU E 35 -1.51 -13.77 6.69
CA GLU E 35 -0.92 -15.04 7.15
C GLU E 35 0.33 -15.40 6.35
N THR E 36 1.23 -14.40 6.19
CA THR E 36 2.50 -14.52 5.47
C THR E 36 3.64 -13.94 6.31
N PHE E 37 4.89 -14.35 6.01
CA PHE E 37 6.11 -13.85 6.65
C PHE E 37 7.25 -13.88 5.64
N LYS E 38 8.15 -12.90 5.72
CA LYS E 38 9.29 -12.83 4.81
C LYS E 38 10.50 -13.45 5.48
N VAL E 39 11.30 -14.19 4.71
CA VAL E 39 12.49 -14.88 5.21
C VAL E 39 13.68 -14.70 4.27
N ASN E 40 14.85 -14.42 4.83
CA ASN E 40 16.11 -14.29 4.10
C ASN E 40 17.06 -15.30 4.72
N ALA E 41 17.44 -16.34 3.96
CA ALA E 41 18.22 -17.45 4.50
C ALA E 41 19.19 -18.08 3.54
N PHE E 42 20.03 -18.97 4.07
CA PHE E 42 20.98 -19.78 3.29
C PHE E 42 20.29 -21.10 3.01
N LEU E 43 20.43 -21.59 1.79
CA LEU E 43 19.90 -22.91 1.42
C LEU E 43 21.09 -23.71 0.97
N SER E 44 21.36 -24.80 1.70
CA SER E 44 22.47 -25.67 1.37
C SER E 44 21.94 -26.97 0.80
N LEU E 45 22.57 -27.44 -0.28
CA LEU E 45 22.20 -28.69 -0.92
C LEU E 45 23.46 -29.53 -1.10
N SER E 46 23.34 -30.86 -0.95
CA SER E 46 24.44 -31.79 -1.12
C SER E 46 23.96 -33.12 -1.69
N TRP E 47 24.64 -33.59 -2.74
CA TRP E 47 24.33 -34.86 -3.39
C TRP E 47 25.62 -35.44 -3.98
N LYS E 48 25.60 -36.73 -4.32
CA LYS E 48 26.75 -37.40 -4.93
C LYS E 48 26.57 -37.52 -6.45
N ASP E 49 27.56 -37.02 -7.20
CA ASP E 49 27.62 -37.10 -8.66
C ASP E 49 28.97 -37.72 -9.01
N ARG E 50 28.99 -39.06 -9.21
CA ARG E 50 30.21 -39.82 -9.49
C ARG E 50 30.92 -39.40 -10.79
N ARG E 51 30.18 -38.77 -11.72
CA ARG E 51 30.72 -38.25 -12.98
C ARG E 51 31.74 -37.11 -12.72
N LEU E 52 31.64 -36.47 -11.55
CA LEU E 52 32.48 -35.35 -11.12
C LEU E 52 33.64 -35.77 -10.20
N ALA E 53 33.76 -37.08 -9.89
CA ALA E 53 34.82 -37.63 -9.05
C ALA E 53 36.19 -37.46 -9.66
N PHE E 54 37.21 -37.21 -8.83
CA PHE E 54 38.60 -36.99 -9.25
C PHE E 54 39.61 -37.54 -8.25
N ASP E 55 40.86 -37.78 -8.71
CA ASP E 55 41.91 -38.26 -7.81
C ASP E 55 42.53 -37.04 -7.13
N PRO E 56 42.61 -37.00 -5.77
CA PRO E 56 43.20 -35.81 -5.11
C PRO E 56 44.74 -35.75 -5.16
N VAL E 57 45.41 -36.91 -5.33
CA VAL E 57 46.87 -37.02 -5.37
C VAL E 57 47.44 -36.40 -6.66
N ARG E 58 46.93 -36.85 -7.83
CA ARG E 58 47.38 -36.33 -9.13
C ARG E 58 46.83 -34.93 -9.47
N SER E 59 45.61 -34.59 -9.02
CA SER E 59 45.01 -33.28 -9.28
C SER E 59 45.66 -32.14 -8.48
N GLY E 60 46.28 -32.50 -7.34
CA GLY E 60 46.94 -31.56 -6.46
C GLY E 60 45.99 -30.66 -5.70
N VAL E 61 44.68 -30.77 -6.01
CA VAL E 61 43.59 -30.02 -5.40
C VAL E 61 42.62 -30.94 -4.68
N ARG E 62 42.27 -30.56 -3.45
CA ARG E 62 41.37 -31.29 -2.57
C ARG E 62 39.91 -31.02 -2.95
N VAL E 63 39.60 -29.79 -3.41
CA VAL E 63 38.25 -29.35 -3.78
C VAL E 63 38.25 -28.67 -5.16
N LYS E 64 37.18 -28.94 -5.96
CA LYS E 64 36.96 -28.35 -7.29
C LYS E 64 35.69 -27.47 -7.31
N THR E 65 35.85 -26.18 -7.65
CA THR E 65 34.77 -25.19 -7.71
C THR E 65 34.16 -25.13 -9.11
N TYR E 66 32.80 -25.13 -9.19
CA TYR E 66 32.05 -25.10 -10.45
C TYR E 66 31.04 -23.97 -10.52
N GLU E 67 30.68 -23.57 -11.74
CA GLU E 67 29.65 -22.57 -12.01
C GLU E 67 28.31 -23.35 -12.15
N PRO E 68 27.15 -22.76 -11.77
CA PRO E 68 25.87 -23.52 -11.84
C PRO E 68 25.56 -24.24 -13.16
N GLU E 69 25.83 -23.58 -14.29
CA GLU E 69 25.59 -24.08 -15.64
C GLU E 69 26.51 -25.23 -16.03
N ALA E 70 27.73 -25.29 -15.45
CA ALA E 70 28.73 -26.33 -15.74
C ALA E 70 28.31 -27.73 -15.31
N ILE E 71 27.58 -27.85 -14.19
CA ILE E 71 27.16 -29.15 -13.66
C ILE E 71 25.62 -29.28 -13.51
N TRP E 72 25.16 -30.50 -13.18
CA TRP E 72 23.75 -30.77 -12.94
C TRP E 72 23.47 -30.41 -11.48
N ILE E 73 22.40 -29.63 -11.26
CA ILE E 73 21.96 -29.20 -9.95
C ILE E 73 20.47 -29.56 -9.79
N PRO E 74 20.03 -30.20 -8.68
CA PRO E 74 18.61 -30.57 -8.55
C PRO E 74 17.70 -29.36 -8.44
N GLU E 75 16.54 -29.43 -9.08
CA GLU E 75 15.55 -28.35 -9.06
C GLU E 75 14.75 -28.42 -7.78
N ILE E 76 15.21 -27.69 -6.76
CA ILE E 76 14.57 -27.61 -5.45
C ILE E 76 13.71 -26.37 -5.43
N ARG E 77 12.45 -26.52 -5.03
CA ARG E 77 11.49 -25.41 -4.94
C ARG E 77 10.81 -25.42 -3.60
N PHE E 78 10.14 -24.29 -3.28
CA PHE E 78 9.39 -24.14 -2.05
C PHE E 78 7.94 -24.31 -2.39
N VAL E 79 7.18 -25.00 -1.53
CA VAL E 79 5.77 -25.25 -1.78
C VAL E 79 4.96 -23.99 -1.45
N ASN E 80 4.98 -23.58 -0.17
CA ASN E 80 4.21 -22.48 0.36
C ASN E 80 4.87 -21.09 0.21
N VAL E 81 5.21 -20.72 -1.03
CA VAL E 81 5.70 -19.39 -1.37
C VAL E 81 4.72 -18.64 -2.28
N GLU E 82 4.71 -17.30 -2.23
CA GLU E 82 3.87 -16.47 -3.10
C GLU E 82 4.39 -16.61 -4.55
N ASN E 83 5.67 -16.28 -4.74
CA ASN E 83 6.38 -16.39 -6.01
C ASN E 83 7.68 -17.15 -5.76
N ALA E 84 8.35 -17.62 -6.83
CA ALA E 84 9.62 -18.31 -6.74
C ALA E 84 10.64 -17.39 -6.04
N ARG E 85 11.42 -17.98 -5.12
CA ARG E 85 12.45 -17.31 -4.32
C ARG E 85 13.50 -16.57 -5.16
N ASP E 86 14.09 -15.53 -4.57
CA ASP E 86 15.14 -14.75 -5.18
C ASP E 86 16.43 -15.30 -4.67
N ALA E 87 17.09 -16.14 -5.48
CA ALA E 87 18.32 -16.81 -5.07
C ALA E 87 19.57 -16.27 -5.75
N ASP E 88 20.69 -16.29 -5.01
CA ASP E 88 22.04 -15.91 -5.43
C ASP E 88 22.93 -17.06 -5.03
N VAL E 89 23.57 -17.72 -6.01
CA VAL E 89 24.46 -18.85 -5.72
C VAL E 89 25.73 -18.33 -5.06
N VAL E 90 26.01 -18.80 -3.85
CA VAL E 90 27.16 -18.41 -3.04
C VAL E 90 28.39 -19.24 -3.42
N ASP E 91 28.26 -20.59 -3.37
CA ASP E 91 29.37 -21.50 -3.66
C ASP E 91 28.91 -22.89 -4.09
N ILE E 92 29.69 -23.49 -4.99
CA ILE E 92 29.55 -24.88 -5.46
C ILE E 92 30.94 -25.52 -5.32
N SER E 93 31.04 -26.55 -4.48
CA SER E 93 32.28 -27.25 -4.19
C SER E 93 32.13 -28.74 -4.41
N VAL E 94 33.09 -29.35 -5.12
CA VAL E 94 33.07 -30.78 -5.39
C VAL E 94 34.28 -31.45 -4.71
N SER E 95 34.02 -32.49 -3.90
CA SER E 95 35.04 -33.26 -3.19
C SER E 95 35.54 -34.40 -4.12
N PRO E 96 36.70 -35.07 -3.81
CA PRO E 96 37.20 -36.11 -4.72
C PRO E 96 36.24 -37.25 -5.05
N ASP E 97 35.37 -37.64 -4.11
CA ASP E 97 34.41 -38.74 -4.33
C ASP E 97 33.21 -38.36 -5.21
N GLY E 98 33.08 -37.08 -5.51
CA GLY E 98 32.00 -36.56 -6.34
C GLY E 98 30.87 -35.93 -5.56
N THR E 99 31.05 -35.74 -4.24
CA THR E 99 30.05 -35.11 -3.39
C THR E 99 30.06 -33.61 -3.68
N VAL E 100 28.89 -33.10 -4.11
CA VAL E 100 28.70 -31.69 -4.43
C VAL E 100 28.14 -30.98 -3.20
N GLN E 101 28.67 -29.79 -2.89
CA GLN E 101 28.22 -28.94 -1.78
C GLN E 101 27.81 -27.57 -2.32
N TYR E 102 26.51 -27.45 -2.58
CA TYR E 102 25.84 -26.27 -3.09
C TYR E 102 25.40 -25.36 -1.95
N LEU E 103 25.51 -24.04 -2.16
CA LEU E 103 25.07 -23.04 -1.21
C LEU E 103 24.57 -21.80 -1.93
N GLU E 104 23.35 -21.37 -1.57
CA GLU E 104 22.71 -20.18 -2.13
C GLU E 104 22.12 -19.35 -1.03
N ARG E 105 21.97 -18.05 -1.27
CA ARG E 105 21.30 -17.17 -0.32
C ARG E 105 20.01 -16.69 -0.99
N PHE E 106 18.87 -16.99 -0.35
CA PHE E 106 17.57 -16.66 -0.89
C PHE E 106 16.75 -15.75 0.01
N SER E 107 15.72 -15.13 -0.60
CA SER E 107 14.71 -14.32 0.05
C SER E 107 13.37 -14.75 -0.53
N ALA E 108 12.36 -14.96 0.33
CA ALA E 108 11.03 -15.42 -0.11
C ALA E 108 9.91 -15.03 0.85
N ARG E 109 8.71 -14.75 0.30
CA ARG E 109 7.51 -14.48 1.09
C ARG E 109 6.80 -15.84 1.25
N VAL E 110 6.68 -16.30 2.49
CA VAL E 110 6.12 -17.61 2.84
C VAL E 110 4.66 -17.51 3.31
N LEU E 111 3.79 -18.36 2.73
CA LEU E 111 2.37 -18.47 3.04
C LEU E 111 2.23 -19.54 4.11
N SER E 112 2.03 -19.14 5.37
CA SER E 112 1.87 -20.10 6.45
C SER E 112 0.70 -19.70 7.34
N PRO E 113 -0.35 -20.56 7.43
CA PRO E 113 -1.55 -20.18 8.21
C PRO E 113 -1.31 -20.09 9.71
N LEU E 114 -2.06 -19.19 10.36
CA LEU E 114 -1.97 -18.95 11.80
C LEU E 114 -3.26 -19.32 12.52
N ASP E 115 -3.14 -19.79 13.78
CA ASP E 115 -4.28 -20.15 14.61
C ASP E 115 -4.52 -19.02 15.62
N PHE E 116 -5.58 -18.22 15.36
CA PHE E 116 -5.93 -17.04 16.15
C PHE E 116 -6.81 -17.34 17.35
N ARG E 117 -7.14 -18.62 17.60
CA ARG E 117 -7.98 -19.09 18.72
C ARG E 117 -7.56 -18.52 20.08
N ARG E 118 -6.24 -18.44 20.36
CA ARG E 118 -5.75 -17.93 21.64
C ARG E 118 -5.16 -16.52 21.61
N TYR E 119 -5.27 -15.81 20.47
CA TYR E 119 -4.73 -14.45 20.28
C TYR E 119 -5.22 -13.50 21.40
N PRO E 120 -4.37 -12.61 21.97
CA PRO E 120 -2.96 -12.35 21.68
C PRO E 120 -1.98 -13.16 22.55
N PHE E 121 -2.45 -14.26 23.15
CA PHE E 121 -1.64 -15.16 24.01
C PHE E 121 -1.39 -16.47 23.23
N ASP E 122 -1.25 -16.34 21.90
CA ASP E 122 -1.08 -17.43 20.95
C ASP E 122 0.39 -17.69 20.60
N SER E 123 0.66 -18.94 20.20
CA SER E 123 1.95 -19.41 19.71
C SER E 123 1.67 -20.00 18.36
N GLN E 124 2.62 -19.84 17.44
CA GLN E 124 2.47 -20.35 16.08
C GLN E 124 3.62 -21.24 15.68
N THR E 125 3.34 -22.17 14.76
CA THR E 125 4.34 -23.03 14.15
C THR E 125 4.32 -22.66 12.67
N LEU E 126 5.26 -21.81 12.27
CA LEU E 126 5.44 -21.38 10.88
C LEU E 126 6.12 -22.54 10.09
N HIS E 127 5.77 -22.69 8.81
CA HIS E 127 6.30 -23.77 7.98
C HIS E 127 6.96 -23.27 6.73
N ILE E 128 8.03 -23.96 6.33
CA ILE E 128 8.77 -23.74 5.10
C ILE E 128 8.88 -25.15 4.49
N TYR E 129 8.17 -25.39 3.38
CA TYR E 129 8.18 -26.70 2.75
C TYR E 129 9.12 -26.76 1.55
N LEU E 130 10.18 -27.57 1.67
CA LEU E 130 11.14 -27.81 0.58
C LEU E 130 10.63 -28.98 -0.23
N ILE E 131 10.79 -28.94 -1.56
CA ILE E 131 10.27 -30.00 -2.44
C ILE E 131 11.13 -30.20 -3.69
N VAL E 132 11.21 -31.47 -4.14
CA VAL E 132 11.90 -31.89 -5.33
C VAL E 132 11.05 -32.91 -6.09
N ARG E 133 10.95 -32.72 -7.41
CA ARG E 133 10.21 -33.60 -8.29
C ARG E 133 11.21 -34.53 -8.97
N SER E 134 10.92 -35.84 -8.92
CA SER E 134 11.74 -36.87 -9.53
C SER E 134 11.71 -36.77 -11.06
N VAL E 135 12.86 -37.01 -11.66
CA VAL E 135 13.05 -37.01 -13.10
C VAL E 135 12.76 -38.44 -13.63
N ASP E 136 12.72 -38.59 -14.93
CA ASP E 136 12.44 -39.82 -15.63
C ASP E 136 13.52 -40.87 -15.44
N THR E 137 14.81 -40.48 -15.58
CA THR E 137 15.95 -41.39 -15.42
C THR E 137 16.05 -41.96 -14.00
N ARG E 138 15.90 -41.10 -12.96
CA ARG E 138 15.93 -41.58 -11.58
C ARG E 138 15.10 -40.72 -10.60
N ASN E 139 14.80 -41.28 -9.43
CA ASN E 139 13.99 -40.65 -8.41
C ASN E 139 14.82 -39.91 -7.40
N ILE E 140 14.43 -38.67 -7.08
CA ILE E 140 15.13 -37.80 -6.14
C ILE E 140 14.36 -37.71 -4.82
N VAL E 141 15.07 -37.95 -3.71
CA VAL E 141 14.57 -37.95 -2.33
C VAL E 141 15.32 -36.90 -1.52
N LEU E 142 14.61 -36.12 -0.69
CA LEU E 142 15.23 -35.10 0.15
C LEU E 142 15.62 -35.66 1.53
N ALA E 143 16.62 -35.02 2.15
CA ALA E 143 17.11 -35.38 3.48
C ALA E 143 17.48 -34.12 4.24
N VAL E 144 17.56 -34.22 5.58
CA VAL E 144 17.91 -33.08 6.42
C VAL E 144 19.31 -33.29 7.00
N ASP E 145 20.21 -32.34 6.71
CA ASP E 145 21.56 -32.30 7.26
C ASP E 145 21.46 -31.36 8.45
N LEU E 146 21.23 -31.92 9.66
CA LEU E 146 21.02 -31.16 10.91
C LEU E 146 22.12 -30.15 11.23
N GLU E 147 23.32 -30.43 10.76
CA GLU E 147 24.47 -29.55 10.96
C GLU E 147 24.37 -28.27 10.12
N LYS E 148 23.53 -28.29 9.07
CA LYS E 148 23.31 -27.14 8.18
C LYS E 148 21.89 -26.50 8.35
N VAL E 149 21.22 -26.80 9.47
CA VAL E 149 19.92 -26.25 9.83
C VAL E 149 20.14 -25.38 11.07
N GLY E 150 19.71 -24.12 10.99
CA GLY E 150 19.85 -23.16 12.08
C GLY E 150 19.29 -21.79 11.78
N LYS E 151 19.68 -20.81 12.60
CA LYS E 151 19.29 -19.40 12.52
C LYS E 151 20.35 -18.58 13.26
N ASN E 152 20.59 -17.34 12.83
CA ASN E 152 21.57 -16.54 13.52
C ASN E 152 20.95 -15.89 14.75
N ASP E 153 21.79 -15.58 15.74
CA ASP E 153 21.42 -15.00 17.03
C ASP E 153 20.60 -13.66 16.91
N ASP E 154 20.97 -12.82 15.95
CA ASP E 154 20.31 -11.54 15.73
C ASP E 154 18.91 -11.65 15.12
N VAL E 155 18.53 -12.83 14.54
CA VAL E 155 17.21 -13.05 13.92
C VAL E 155 16.13 -12.65 14.93
N PHE E 156 15.46 -11.54 14.62
CA PHE E 156 14.40 -10.97 15.44
C PHE E 156 13.14 -10.82 14.59
N LEU E 157 12.00 -11.18 15.15
CA LEU E 157 10.71 -11.03 14.49
C LEU E 157 9.89 -10.14 15.41
N THR E 158 9.73 -8.86 15.03
CA THR E 158 9.01 -7.81 15.76
C THR E 158 7.68 -8.30 16.32
N GLY E 159 7.54 -8.18 17.64
CA GLY E 159 6.35 -8.59 18.39
C GLY E 159 6.23 -10.07 18.67
N TRP E 160 7.29 -10.84 18.37
CA TRP E 160 7.33 -12.30 18.57
C TRP E 160 8.62 -12.76 19.19
N ASP E 161 8.56 -13.88 19.91
CA ASP E 161 9.70 -14.56 20.53
C ASP E 161 9.94 -15.82 19.72
N ILE E 162 11.15 -15.95 19.15
CA ILE E 162 11.52 -17.11 18.32
C ILE E 162 12.00 -18.24 19.23
N GLU E 163 11.22 -19.33 19.27
CA GLU E 163 11.51 -20.50 20.10
C GLU E 163 12.56 -21.41 19.49
N SER E 164 12.26 -21.97 18.29
CA SER E 164 13.13 -22.93 17.62
C SER E 164 12.91 -22.98 16.12
N PHE E 165 13.97 -23.35 15.40
CA PHE E 165 13.93 -23.58 13.96
C PHE E 165 14.52 -24.96 13.76
N THR E 166 13.63 -25.94 13.53
CA THR E 166 13.98 -27.34 13.32
C THR E 166 13.32 -27.86 12.06
N ALA E 167 13.69 -29.07 11.63
CA ALA E 167 13.12 -29.71 10.45
C ALA E 167 12.72 -31.13 10.76
N VAL E 168 11.59 -31.57 10.21
CA VAL E 168 11.12 -32.95 10.35
C VAL E 168 12.00 -33.73 9.37
N VAL E 169 12.95 -34.52 9.92
CA VAL E 169 13.97 -35.26 9.19
C VAL E 169 13.41 -36.26 8.15
N LYS E 170 12.25 -36.87 8.43
CA LYS E 170 11.60 -37.82 7.53
C LYS E 170 10.78 -37.06 6.45
N PRO E 171 11.16 -37.16 5.15
CA PRO E 171 10.40 -36.47 4.11
C PRO E 171 9.08 -37.15 3.77
N ALA E 172 8.12 -36.35 3.30
CA ALA E 172 6.82 -36.82 2.84
C ALA E 172 6.98 -37.11 1.35
N ASN E 173 7.17 -38.40 1.02
CA ASN E 173 7.33 -38.86 -0.36
C ASN E 173 5.98 -39.31 -0.90
N PHE E 174 5.50 -38.64 -1.95
CA PHE E 174 4.20 -38.89 -2.55
C PHE E 174 4.22 -38.73 -4.06
N ALA E 175 3.25 -39.34 -4.74
CA ALA E 175 3.11 -39.26 -6.18
C ALA E 175 2.21 -38.10 -6.55
N LEU E 176 2.64 -37.33 -7.55
CA LEU E 176 1.91 -36.16 -8.05
C LEU E 176 2.13 -36.11 -9.57
N GLU E 177 1.02 -36.12 -10.33
CA GLU E 177 1.02 -36.11 -11.80
C GLU E 177 2.01 -37.10 -12.39
N ASP E 178 1.86 -38.36 -11.96
CA ASP E 178 2.59 -39.53 -12.41
C ASP E 178 4.12 -39.45 -12.27
N ARG E 179 4.59 -38.70 -11.26
CA ARG E 179 6.00 -38.57 -10.88
C ARG E 179 6.12 -38.43 -9.38
N LEU E 180 7.22 -38.94 -8.83
CA LEU E 180 7.47 -38.87 -7.39
C LEU E 180 7.88 -37.46 -6.95
N GLU E 181 7.45 -37.07 -5.75
CA GLU E 181 7.75 -35.79 -5.12
C GLU E 181 8.16 -36.02 -3.67
N SER E 182 9.32 -35.45 -3.26
CA SER E 182 9.86 -35.57 -1.91
C SER E 182 9.75 -34.21 -1.22
N LYS E 183 8.91 -34.12 -0.15
CA LYS E 183 8.65 -32.89 0.57
C LYS E 183 9.25 -32.88 1.99
N LEU E 184 9.88 -31.75 2.39
CA LEU E 184 10.45 -31.58 3.72
C LEU E 184 9.79 -30.45 4.48
N ASP E 185 9.52 -30.68 5.78
CA ASP E 185 8.87 -29.67 6.64
C ASP E 185 9.85 -28.96 7.58
N TYR E 186 10.14 -27.67 7.29
CA TYR E 186 10.99 -26.83 8.13
C TYR E 186 10.05 -26.02 9.01
N GLN E 187 10.14 -26.22 10.33
CA GLN E 187 9.25 -25.59 11.31
C GLN E 187 9.91 -24.50 12.15
N LEU E 188 9.33 -23.28 12.10
CA LEU E 188 9.78 -22.15 12.88
C LEU E 188 8.75 -21.88 13.96
N ARG E 189 9.10 -22.21 15.21
CA ARG E 189 8.24 -22.03 16.37
C ARG E 189 8.40 -20.64 16.97
N ILE E 190 7.30 -19.92 17.06
CA ILE E 190 7.25 -18.56 17.59
C ILE E 190 6.07 -18.40 18.56
N SER E 191 6.19 -17.48 19.52
CA SER E 191 5.14 -17.16 20.48
C SER E 191 5.03 -15.65 20.57
N ARG E 192 3.79 -15.16 20.56
CA ARG E 192 3.49 -13.74 20.59
C ARG E 192 3.84 -13.07 21.91
N GLN E 193 4.43 -11.86 21.83
CA GLN E 193 4.78 -11.02 22.97
C GLN E 193 3.49 -10.23 23.31
N TYR E 194 2.76 -10.71 24.34
CA TYR E 194 1.48 -10.14 24.78
C TYR E 194 1.58 -8.97 25.78
N PHE E 195 2.80 -8.56 26.18
CA PHE E 195 3.01 -7.46 27.13
C PHE E 195 2.21 -6.20 26.76
N SER E 196 2.57 -5.56 25.63
CA SER E 196 1.98 -4.31 25.13
C SER E 196 0.44 -4.28 25.19
N TYR E 197 -0.23 -5.41 24.86
CA TYR E 197 -1.68 -5.57 24.84
C TYR E 197 -2.37 -5.17 26.15
N ILE E 198 -1.73 -5.43 27.31
CA ILE E 198 -2.27 -5.12 28.64
C ILE E 198 -2.44 -3.58 28.84
N PRO E 199 -1.37 -2.73 28.88
CA PRO E 199 -1.60 -1.29 29.11
C PRO E 199 -2.14 -0.51 27.92
N ASN E 200 -2.06 -1.07 26.70
CA ASN E 200 -2.49 -0.38 25.48
C ASN E 200 -3.92 -0.67 25.07
N ILE E 201 -4.34 -1.92 25.21
CA ILE E 201 -5.68 -2.34 24.79
C ILE E 201 -6.54 -2.83 25.97
N ILE E 202 -6.09 -3.88 26.70
CA ILE E 202 -6.85 -4.55 27.79
C ILE E 202 -7.28 -3.58 28.89
N LEU E 203 -6.33 -2.95 29.63
CA LEU E 203 -6.65 -2.04 30.73
C LEU E 203 -7.49 -0.83 30.27
N PRO E 204 -7.13 -0.06 29.20
CA PRO E 204 -8.03 1.03 28.76
C PRO E 204 -9.45 0.56 28.40
N TRP E 205 -9.59 -0.66 27.83
CA TRP E 205 -10.88 -1.24 27.47
C TRP E 205 -11.72 -1.53 28.72
N LEU E 206 -11.09 -2.05 29.79
CA LEU E 206 -11.78 -2.32 31.05
C LEU E 206 -12.22 -1.02 31.71
N PHE E 207 -11.38 0.04 31.62
CA PHE E 207 -11.68 1.36 32.17
C PHE E 207 -12.94 1.95 31.55
N ILE E 208 -13.08 1.91 30.21
CA ILE E 208 -14.27 2.45 29.52
C ILE E 208 -15.51 1.62 29.87
N LEU E 209 -15.33 0.31 30.14
CA LEU E 209 -16.43 -0.58 30.53
C LEU E 209 -16.89 -0.25 31.97
N PHE E 210 -15.92 -0.02 32.87
CA PHE E 210 -16.19 0.34 34.26
C PHE E 210 -16.91 1.69 34.34
N ILE E 211 -16.56 2.64 33.43
CA ILE E 211 -17.20 3.97 33.34
C ILE E 211 -18.69 3.82 33.07
N SER E 212 -19.08 2.85 32.20
CA SER E 212 -20.49 2.58 31.91
C SER E 212 -21.22 2.04 33.15
N TRP E 213 -20.49 1.32 34.04
CA TRP E 213 -21.06 0.74 35.27
C TRP E 213 -21.28 1.79 36.37
N THR E 214 -20.79 3.04 36.18
CA THR E 214 -21.03 4.14 37.13
C THR E 214 -22.50 4.60 37.03
N ALA E 215 -23.20 4.18 35.95
CA ALA E 215 -24.62 4.47 35.72
C ALA E 215 -25.48 3.71 36.75
N PHE E 216 -24.91 2.66 37.42
CA PHE E 216 -25.60 1.92 38.48
C PHE E 216 -25.54 2.64 39.83
N TRP E 217 -24.88 3.82 39.88
CA TRP E 217 -24.80 4.66 41.07
C TRP E 217 -25.49 6.03 40.83
N SER E 218 -26.33 6.08 39.77
CA SER E 218 -27.07 7.27 39.35
C SER E 218 -28.50 6.95 38.97
N THR E 219 -29.42 7.89 39.25
CA THR E 219 -30.85 7.81 38.93
C THR E 219 -31.20 8.68 37.72
N SER E 220 -30.24 9.56 37.31
CA SER E 220 -30.37 10.50 36.20
C SER E 220 -30.29 9.77 34.86
N TYR E 221 -31.47 9.50 34.27
CA TYR E 221 -31.63 8.80 32.98
C TYR E 221 -30.83 9.44 31.86
N GLU E 222 -30.85 10.78 31.74
CA GLU E 222 -30.12 11.52 30.72
C GLU E 222 -28.60 11.32 30.87
N ALA E 223 -28.09 11.32 32.12
CA ALA E 223 -26.67 11.10 32.42
C ALA E 223 -26.29 9.64 32.17
N ASN E 224 -27.19 8.70 32.57
CA ASN E 224 -26.99 7.26 32.38
C ASN E 224 -26.92 6.90 30.90
N VAL E 225 -27.84 7.47 30.08
CA VAL E 225 -27.89 7.28 28.63
C VAL E 225 -26.54 7.74 28.05
N THR E 226 -26.10 8.97 28.41
CA THR E 226 -24.81 9.54 27.99
C THR E 226 -23.66 8.60 28.36
N LEU E 227 -23.57 8.14 29.63
CA LEU E 227 -22.53 7.24 30.10
C LEU E 227 -22.44 5.92 29.32
N VAL E 228 -23.58 5.20 29.17
CA VAL E 228 -23.61 3.89 28.52
C VAL E 228 -23.47 3.98 26.99
N VAL E 229 -24.16 4.94 26.36
CA VAL E 229 -24.13 5.12 24.90
C VAL E 229 -22.76 5.65 24.42
N SER E 230 -22.18 6.65 25.11
CA SER E 230 -20.87 7.21 24.73
C SER E 230 -19.73 6.21 24.88
N THR E 231 -19.69 5.46 26.00
CA THR E 231 -18.65 4.45 26.20
C THR E 231 -18.79 3.30 25.17
N LEU E 232 -20.02 3.08 24.65
CA LEU E 232 -20.27 2.08 23.61
C LEU E 232 -19.56 2.50 22.33
N ILE E 233 -19.54 3.82 22.02
CA ILE E 233 -18.83 4.37 20.87
C ILE E 233 -17.31 4.06 20.96
N ALA E 234 -16.74 4.23 22.19
CA ALA E 234 -15.34 3.92 22.47
C ALA E 234 -15.11 2.43 22.31
N HIS E 235 -16.09 1.61 22.79
CA HIS E 235 -16.02 0.15 22.69
C HIS E 235 -16.00 -0.29 21.24
N ILE E 236 -16.79 0.39 20.36
CA ILE E 236 -16.85 0.13 18.93
C ILE E 236 -15.49 0.46 18.31
N ALA E 237 -14.88 1.63 18.68
CA ALA E 237 -13.55 2.06 18.19
C ALA E 237 -12.50 0.98 18.48
N PHE E 238 -12.41 0.53 19.75
CA PHE E 238 -11.51 -0.54 20.16
C PHE E 238 -11.78 -1.84 19.39
N ASN E 239 -13.08 -2.24 19.22
CA ASN E 239 -13.46 -3.45 18.47
C ASN E 239 -12.90 -3.39 17.05
N ILE E 240 -13.11 -2.26 16.34
CA ILE E 240 -12.64 -2.00 14.97
C ILE E 240 -11.10 -2.04 14.89
N LEU E 241 -10.41 -1.36 15.84
CA LEU E 241 -8.95 -1.30 15.93
C LEU E 241 -8.33 -2.70 16.04
N VAL E 242 -8.92 -3.56 16.88
CA VAL E 242 -8.46 -4.94 17.10
C VAL E 242 -8.72 -5.83 15.86
N GLU E 243 -9.98 -5.85 15.34
CA GLU E 243 -10.38 -6.68 14.20
C GLU E 243 -9.70 -6.31 12.87
N THR E 244 -9.12 -5.10 12.75
CA THR E 244 -8.41 -4.71 11.51
C THR E 244 -7.04 -5.39 11.40
N ASN E 245 -6.43 -5.74 12.54
CA ASN E 245 -5.14 -6.43 12.61
C ASN E 245 -5.31 -7.97 12.55
N LEU E 246 -6.57 -8.46 12.53
CA LEU E 246 -6.89 -9.88 12.48
C LEU E 246 -7.68 -10.29 11.22
N PRO E 247 -7.43 -11.49 10.65
CA PRO E 247 -8.26 -11.93 9.51
C PRO E 247 -9.60 -12.51 9.97
N LYS E 248 -10.56 -12.63 9.04
CA LYS E 248 -11.86 -13.21 9.30
C LYS E 248 -11.68 -14.73 9.41
N THR E 249 -11.89 -15.25 10.63
CA THR E 249 -11.71 -16.67 10.96
C THR E 249 -13.04 -17.46 10.97
N PRO E 250 -13.05 -18.71 10.45
CA PRO E 250 -14.30 -19.51 10.51
C PRO E 250 -14.56 -20.13 11.90
N TYR E 251 -13.70 -19.79 12.87
CA TYR E 251 -13.74 -20.25 14.26
C TYR E 251 -13.77 -19.07 15.20
N MET E 252 -14.26 -19.29 16.43
CA MET E 252 -14.30 -18.24 17.45
C MET E 252 -12.92 -18.08 18.06
N THR E 253 -12.47 -16.84 18.23
CA THR E 253 -11.19 -16.54 18.85
C THR E 253 -11.44 -16.10 20.30
N TYR E 254 -10.41 -16.16 21.15
CA TYR E 254 -10.50 -15.75 22.55
C TYR E 254 -10.90 -14.27 22.65
N THR E 255 -10.23 -13.40 21.87
CA THR E 255 -10.49 -11.96 21.78
C THR E 255 -11.89 -11.71 21.21
N GLY E 256 -12.26 -12.48 20.19
CA GLY E 256 -13.55 -12.37 19.54
C GLY E 256 -14.70 -12.60 20.50
N ALA E 257 -14.54 -13.63 21.36
CA ALA E 257 -15.52 -14.03 22.37
C ALA E 257 -15.71 -12.92 23.41
N ILE E 258 -14.61 -12.35 23.91
CA ILE E 258 -14.59 -11.25 24.87
C ILE E 258 -15.30 -10.03 24.29
N ILE E 259 -14.90 -9.62 23.06
CA ILE E 259 -15.47 -8.46 22.36
C ILE E 259 -16.98 -8.62 22.28
N PHE E 260 -17.45 -9.80 21.81
CA PHE E 260 -18.88 -10.12 21.67
C PHE E 260 -19.59 -10.05 23.01
N MET E 261 -18.97 -10.60 24.07
CA MET E 261 -19.50 -10.60 25.43
C MET E 261 -19.70 -9.16 25.95
N ILE E 262 -18.73 -8.25 25.66
CA ILE E 262 -18.82 -6.84 26.06
C ILE E 262 -20.05 -6.19 25.41
N TYR E 263 -20.33 -6.53 24.12
CA TYR E 263 -21.52 -6.04 23.41
C TYR E 263 -22.80 -6.48 24.12
N LEU E 264 -22.83 -7.71 24.69
CA LEU E 264 -23.97 -8.21 25.45
C LEU E 264 -24.16 -7.41 26.74
N PHE E 265 -23.04 -7.19 27.48
CA PHE E 265 -23.02 -6.42 28.73
C PHE E 265 -23.48 -4.99 28.54
N TYR E 266 -23.17 -4.37 27.39
CA TYR E 266 -23.64 -3.02 27.07
C TYR E 266 -25.14 -3.03 26.82
N PHE E 267 -25.63 -4.05 26.10
CA PHE E 267 -27.05 -4.20 25.79
C PHE E 267 -27.86 -4.41 27.08
N VAL E 268 -27.38 -5.27 28.00
CA VAL E 268 -28.02 -5.52 29.29
C VAL E 268 -27.99 -4.25 30.17
N ALA E 269 -26.89 -3.46 30.10
CA ALA E 269 -26.77 -2.20 30.83
C ALA E 269 -27.82 -1.19 30.33
N VAL E 270 -28.07 -1.15 29.00
CA VAL E 270 -29.08 -0.28 28.40
C VAL E 270 -30.46 -0.70 28.92
N ILE E 271 -30.73 -2.04 28.95
CA ILE E 271 -31.99 -2.59 29.46
C ILE E 271 -32.19 -2.13 30.91
N GLU E 272 -31.17 -2.31 31.80
CA GLU E 272 -31.24 -1.89 33.20
C GLU E 272 -31.56 -0.40 33.31
N VAL E 273 -30.81 0.46 32.58
CA VAL E 273 -30.98 1.91 32.55
C VAL E 273 -32.42 2.27 32.10
N THR E 274 -32.97 1.52 31.11
CA THR E 274 -34.34 1.70 30.58
C THR E 274 -35.38 1.31 31.66
N VAL E 275 -35.18 0.14 32.32
CA VAL E 275 -36.05 -0.39 33.37
C VAL E 275 -36.08 0.54 34.58
N GLN E 276 -34.90 0.93 35.11
CA GLN E 276 -34.76 1.87 36.24
C GLN E 276 -35.57 3.16 35.98
N HIS E 277 -35.45 3.75 34.78
CA HIS E 277 -36.17 4.96 34.40
C HIS E 277 -37.68 4.77 34.31
N TYR E 278 -38.11 3.67 33.68
CA TYR E 278 -39.53 3.37 33.50
C TYR E 278 -40.26 3.27 34.85
N LEU E 279 -39.66 2.54 35.81
CA LEU E 279 -40.21 2.36 37.15
C LEU E 279 -40.26 3.67 37.89
N LYS E 280 -39.22 4.50 37.80
N LYS E 280 -39.17 4.46 37.73
CA LYS E 280 -39.18 5.85 38.41
CA LYS E 280 -39.03 5.79 38.31
C LYS E 280 -40.33 6.67 37.89
C LYS E 280 -40.31 6.49 37.87
N VAL E 281 -40.44 6.78 36.55
CA VAL E 281 -41.58 7.50 35.88
C VAL E 281 -42.97 6.93 36.28
N GLU E 282 -43.04 5.60 36.52
CA GLU E 282 -44.24 4.88 36.96
C GLU E 282 -44.49 5.01 38.49
N SER E 283 -43.78 5.96 39.13
CA SER E 283 -43.81 6.33 40.54
C SER E 283 -43.58 5.14 41.49
N GLN E 284 -42.60 4.27 41.15
CA GLN E 284 -42.19 3.15 41.99
C GLN E 284 -40.66 3.03 42.04
N PRO E 285 -39.96 4.01 42.68
CA PRO E 285 -38.48 3.97 42.72
C PRO E 285 -37.91 2.90 43.65
N ALA E 286 -38.73 2.32 44.54
CA ALA E 286 -38.27 1.27 45.45
C ALA E 286 -37.89 0.00 44.67
N ARG E 287 -38.62 -0.28 43.55
CA ARG E 287 -38.36 -1.42 42.67
C ARG E 287 -37.11 -1.15 41.84
N ALA E 288 -37.00 0.08 41.32
CA ALA E 288 -35.87 0.55 40.53
C ALA E 288 -34.59 0.52 41.35
N ALA E 289 -34.65 0.99 42.62
CA ALA E 289 -33.51 1.02 43.54
C ALA E 289 -32.97 -0.37 43.86
N SER E 290 -33.86 -1.37 43.98
CA SER E 290 -33.45 -2.74 44.29
C SER E 290 -32.76 -3.42 43.11
N ILE E 291 -33.24 -3.13 41.87
CA ILE E 291 -32.65 -3.63 40.62
C ILE E 291 -31.26 -3.01 40.43
N THR E 292 -31.15 -1.67 40.57
CA THR E 292 -29.91 -0.89 40.43
C THR E 292 -28.86 -1.34 41.45
N ARG E 293 -29.27 -1.60 42.71
CA ARG E 293 -28.36 -2.05 43.77
C ARG E 293 -27.83 -3.46 43.47
N ALA E 294 -28.69 -4.32 42.89
CA ALA E 294 -28.33 -5.69 42.51
C ALA E 294 -27.36 -5.65 41.34
N SER E 295 -27.59 -4.75 40.35
CA SER E 295 -26.75 -4.56 39.17
C SER E 295 -25.32 -4.16 39.52
N ARG E 296 -25.13 -3.39 40.62
CA ARG E 296 -23.82 -2.93 41.12
C ARG E 296 -22.92 -4.12 41.44
N ILE E 297 -23.51 -5.22 41.92
CA ILE E 297 -22.81 -6.46 42.28
C ILE E 297 -22.85 -7.45 41.12
N ALA E 298 -24.05 -7.66 40.53
CA ALA E 298 -24.29 -8.61 39.44
C ALA E 298 -23.39 -8.40 38.24
N PHE E 299 -23.35 -7.18 37.67
CA PHE E 299 -22.54 -6.84 36.49
C PHE E 299 -21.04 -7.19 36.64
N PRO E 300 -20.28 -6.72 37.66
CA PRO E 300 -18.88 -7.13 37.76
C PRO E 300 -18.69 -8.62 38.06
N VAL E 301 -19.56 -9.23 38.90
CA VAL E 301 -19.48 -10.65 39.25
C VAL E 301 -19.69 -11.54 38.02
N VAL E 302 -20.79 -11.32 37.27
CA VAL E 302 -21.11 -12.10 36.06
C VAL E 302 -20.00 -11.89 35.01
N PHE E 303 -19.46 -10.66 34.89
CA PHE E 303 -18.37 -10.36 33.97
C PHE E 303 -17.09 -11.11 34.33
N LEU E 304 -16.73 -11.13 35.64
CA LEU E 304 -15.56 -11.83 36.15
C LEU E 304 -15.72 -13.35 36.00
N LEU E 305 -16.90 -13.90 36.32
CA LEU E 305 -17.17 -15.35 36.19
C LEU E 305 -17.16 -15.80 34.73
N ALA E 306 -17.81 -15.03 33.83
CA ALA E 306 -17.86 -15.32 32.39
C ALA E 306 -16.47 -15.33 31.75
N ASN E 307 -15.59 -14.40 32.18
CA ASN E 307 -14.21 -14.34 31.70
C ASN E 307 -13.40 -15.54 32.15
N ILE E 308 -13.69 -16.07 33.37
CA ILE E 308 -13.02 -17.27 33.91
C ILE E 308 -13.42 -18.47 33.05
N ILE E 309 -14.73 -18.58 32.71
CA ILE E 309 -15.28 -19.63 31.85
C ILE E 309 -14.63 -19.56 30.44
N LEU E 310 -14.49 -18.34 29.87
CA LEU E 310 -13.85 -18.13 28.57
C LEU E 310 -12.37 -18.49 28.56
N ALA E 311 -11.63 -18.04 29.59
CA ALA E 311 -10.21 -18.35 29.74
C ALA E 311 -10.01 -19.86 29.89
N PHE E 312 -10.93 -20.53 30.62
CA PHE E 312 -10.89 -21.98 30.81
C PHE E 312 -11.15 -22.72 29.49
N LEU E 313 -12.17 -22.29 28.72
CA LEU E 313 -12.53 -22.91 27.44
C LEU E 313 -11.44 -22.74 26.39
N PHE E 314 -10.74 -21.59 26.40
CA PHE E 314 -9.71 -21.28 25.42
C PHE E 314 -8.29 -21.67 25.82
N PHE E 315 -8.00 -21.93 27.11
CA PHE E 315 -6.62 -22.26 27.52
C PHE E 315 -6.49 -23.53 28.36
C ACT F . 25.93 -14.03 4.49
O ACT F . 27.17 -14.15 4.53
OXT ACT F . 25.27 -13.95 3.44
CH3 ACT F . 25.18 -13.94 5.83
O1 PC8 G . 17.93 13.98 24.06
O2 PC8 G . 18.54 14.91 26.29
P1 PC8 G . 17.63 13.88 25.51
O3 PC8 G . 17.92 12.35 26.10
C1 PC8 G . 19.17 11.97 26.65
C2 PC8 G . 19.15 12.13 28.20
N1 PC8 G . 20.37 11.68 29.08
C3 PC8 G . 20.83 12.77 30.06
C4 PC8 G . 19.95 10.48 29.94
C5 PC8 G . 21.61 11.25 28.27
O4 PC8 G . 16.08 14.17 25.90
C6 PC8 G . 15.57 15.49 26.03
C7 PC8 G . 14.02 15.52 26.17
C8 PC8 G . 13.35 15.37 27.56
O5 PC8 G . 11.93 15.28 27.39
C9 PC8 G . 11.07 15.37 28.48
O6 PC8 G . 11.48 15.52 29.63
C10 PC8 G . 9.63 15.24 28.05
C11 PC8 G . 8.91 16.60 28.10
C12 PC8 G . 7.56 16.53 28.83
C13 PC8 G . 6.40 16.16 27.89
C14 PC8 G . 5.03 16.40 28.54
C15 PC8 G . 4.41 15.09 29.00
C16 PC8 G . 2.91 15.26 29.27
O7 PC8 G . 13.44 16.67 25.47
C17 PC8 G . 13.48 17.99 25.93
O8 PC8 G . 14.53 18.62 25.90
C18 PC8 G . 12.13 18.50 26.37
C19 PC8 G . 11.43 19.23 25.22
C20 PC8 G . 9.91 18.97 25.21
C21 PC8 G . 9.16 19.98 26.09
C22 PC8 G . 7.67 19.62 26.11
C23 PC8 G . 6.89 20.76 26.77
C24 PC8 G . 5.38 20.46 26.77
C1 2IL H . -5.85 23.26 34.58
C2 2IL H . -7.32 23.20 34.17
C3 2IL H . -8.18 23.88 35.24
C4 2IL H . -9.31 24.70 34.60
C5 2IL H . -9.82 25.76 35.60
C6 2IL H . -11.03 26.52 35.06
C7 2IL H . -11.26 27.83 35.83
C8 2IL H . -12.30 27.67 36.94
C9 2IL H . -13.25 28.86 36.96
C10 2IL H . -13.13 29.63 38.27
C11 2IL H . -14.03 30.88 38.26
C12 2IL H . -13.68 31.82 39.41
C15 2IL H . -2.21 25.62 30.90
C16 2IL H . -2.45 26.56 32.05
C17 2IL H . -3.95 26.57 32.42
C18 2IL H . -4.28 27.77 33.32
C19 2IL H . -5.79 27.85 33.58
C20 2IL H . -6.14 29.24 34.13
C21 2IL H . -7.64 29.40 34.29
C22 2IL H . -7.99 30.88 34.45
C23 2IL H . -9.11 31.04 35.47
C24 2IL H . -9.48 32.51 35.65
C25 2IL H . -10.51 32.65 36.78
C26 2IL H . -11.00 34.09 36.88
C1 D12 I . 3.80 21.07 30.38
C2 D12 I . 4.99 20.19 30.62
C3 D12 I . 6.25 21.06 30.49
C4 D12 I . 7.49 20.27 30.91
C5 D12 I . 8.73 20.74 30.14
C6 D12 I . 9.92 19.82 30.44
C7 D12 I . 11.17 20.29 29.71
C8 D12 I . 12.39 19.45 30.14
C9 D12 I . 13.67 19.90 29.43
C10 D12 I . 14.83 18.93 29.72
C11 D12 I . 16.08 19.32 28.93
C12 D12 I . 17.22 18.35 29.21
CL CL J . 23.42 -7.85 -0.55
CL CL K . 37.30 -21.59 6.42
CL CL L . 33.46 -19.70 15.66
NA NA M . 34.14 -12.08 -11.12
C ACT N . 30.21 -8.12 -5.30
O ACT N . 30.97 -7.28 -5.81
OXT ACT N . 29.91 -8.15 -4.10
CH3 ACT N . 29.58 -9.16 -6.22
C1 D12 O . -4.27 7.78 8.71
C2 D12 O . -4.63 7.04 10.02
C3 D12 O . -5.77 7.78 10.73
C4 D12 O . -6.21 7.02 12.00
C5 D12 O . -7.22 7.85 12.81
C6 D12 O . -7.88 6.96 13.89
C7 D12 O . -8.93 7.74 14.69
C8 D12 O . -9.45 6.92 15.88
C9 D12 O . -10.56 7.71 16.53
C10 D12 O . -11.27 6.93 17.63
C11 D12 O . -12.36 7.85 18.24
C12 D12 O . -13.18 7.15 19.32
C1 MBR P . 4.09 11.81 23.90
BR2 MBR P . 4.17 12.22 22.03
BR1 MBR P . 5.28 12.94 24.91
BR3 MBR P . 2.28 11.94 24.56
C ACT Q . 27.38 9.34 -8.20
O ACT Q . 26.94 8.17 -8.43
OXT ACT Q . 28.14 9.97 -8.97
CH3 ACT Q . 26.94 10.03 -6.87
O1 PC8 R . 1.52 32.90 -3.75
O2 PC8 R . 1.32 35.33 -3.24
P1 PC8 R . 1.58 33.89 -2.65
O3 PC8 R . 3.04 33.88 -1.85
C1 PC8 R . 4.13 34.72 -2.20
C2 PC8 R . 4.03 36.07 -1.39
N1 PC8 R . 5.27 37.02 -1.27
C3 PC8 R . 4.88 38.51 -1.32
C4 PC8 R . 5.95 36.80 0.09
C5 PC8 R . 6.34 36.82 -2.36
O4 PC8 R . 0.47 33.63 -1.49
C6 PC8 R . -0.91 33.88 -1.71
C7 PC8 R . -1.82 33.30 -0.59
C8 PC8 R . -1.94 34.07 0.75
O5 PC8 R . -2.68 33.29 1.71
C9 PC8 R . -3.27 33.93 2.80
O6 PC8 R . -3.16 35.13 2.97
C10 PC8 R . -4.00 32.95 3.68
C11 PC8 R . -5.54 33.10 3.55
C12 PC8 R . -6.25 33.04 4.92
C13 PC8 R . -6.65 31.60 5.30
C14 PC8 R . -7.68 31.59 6.44
C15 PC8 R . -7.02 31.24 7.78
C16 PC8 R . -8.08 30.84 8.81
O7 PC8 R . -3.14 32.96 -1.11
C17 PC8 R . -4.16 33.88 -1.41
O8 PC8 R . -4.08 34.61 -2.39
C18 PC8 R . -5.32 33.82 -0.42
C19 PC8 R . -6.54 33.18 -1.07
C20 PC8 R . -7.31 32.29 -0.09
C21 PC8 R . -8.36 33.08 0.71
C22 PC8 R . -9.11 32.13 1.67
C23 PC8 R . -10.30 32.85 2.30
C24 PC8 R . -11.00 31.93 3.30
C1 2IL S . -19.38 34.44 14.36
C2 2IL S . -20.25 33.44 15.09
C3 2IL S . -21.22 34.20 16.02
C4 2IL S . -22.61 33.53 16.04
C5 2IL S . -23.68 34.54 16.52
C6 2IL S . -25.06 33.88 16.66
C7 2IL S . -26.17 34.95 16.71
C8 2IL S . -26.57 35.32 18.14
C9 2IL S . -28.09 35.43 18.27
C10 2IL S . -28.49 36.86 18.63
C11 2IL S . -30.02 37.02 18.68
C12 2IL S . -30.40 38.51 18.76
C15 2IL S . -19.34 34.10 8.68
C16 2IL S . -20.16 35.28 9.11
C17 2IL S . -21.04 34.89 10.31
C18 2IL S . -22.12 35.96 10.56
C19 2IL S . -23.09 35.50 11.65
C20 2IL S . -24.36 36.35 11.60
C21 2IL S . -25.38 35.90 12.64
C22 2IL S . -26.72 36.57 12.35
C23 2IL S . -27.45 36.93 13.65
C24 2IL S . -28.80 37.60 13.37
C25 2IL S . -29.37 38.15 14.67
C26 2IL S . -30.75 38.77 14.44
C1 D12 T . -12.14 34.50 6.26
C2 D12 T . -10.72 34.77 5.88
C3 D12 T . -10.69 35.77 4.72
C4 D12 T . -9.26 36.32 4.50
C5 D12 T . -8.91 36.30 3.00
C6 D12 T . -7.46 36.76 2.81
C7 D12 T . -7.10 36.76 1.33
C8 D12 T . -5.71 37.39 1.14
C9 D12 T . -5.32 37.51 -0.34
C10 D12 T . -3.86 37.96 -0.47
C11 D12 T . -3.39 37.93 -1.92
C12 D12 T . -1.95 38.40 -2.03
CL CL U . 20.42 6.96 -12.12
NA NA V . 29.67 1.36 -23.26
C ACT W . 24.26 5.49 -19.34
O ACT W . 24.31 5.74 -20.55
OXT ACT W . 24.41 6.33 -18.45
CH3 ACT W . 23.98 4.03 -18.91
C1 D12 X . -7.54 9.58 4.99
C2 D12 X . -8.13 9.07 6.33
C3 D12 X . -8.65 10.28 7.14
C4 D12 X . -9.15 9.83 8.52
C5 D12 X . -9.34 11.03 9.48
C6 D12 X . -9.91 10.52 10.81
C7 D12 X . -10.11 11.63 11.83
C8 D12 X . -10.65 10.98 13.10
C9 D12 X . -10.93 12.03 14.18
C10 D12 X . -11.74 11.45 15.34
C11 D12 X . -11.80 12.46 16.47
C12 D12 X . -12.58 11.88 17.66
C1 MBR Y . -5.80 26.04 6.36
BR2 MBR Y . -4.56 27.51 6.13
BR1 MBR Y . -5.28 24.53 5.29
BR3 MBR Y . -5.98 25.56 8.22
C1 D12 Z . -8.77 5.97 8.63
C2 D12 Z . -9.42 5.59 9.98
C3 D12 Z . -10.65 6.46 10.18
C4 D12 Z . -11.19 6.34 11.61
C5 D12 Z . -12.15 7.49 11.88
C6 D12 Z . -12.69 7.41 13.33
C7 D12 Z . -13.84 8.39 13.51
C8 D12 Z . -14.36 8.36 14.94
C9 D12 Z . -15.52 9.35 15.08
C10 D12 Z . -16.18 9.17 16.44
C11 D12 Z . -17.15 10.33 16.65
C12 D12 Z . -17.83 10.23 18.00
C ACT AA . 8.35 9.51 -27.13
O ACT AA . 8.68 9.61 -28.33
OXT ACT AA . 8.62 8.50 -26.43
CH3 ACT AA . 7.56 10.67 -26.46
O1 PC8 BA . -25.53 11.75 -18.38
O2 PC8 BA . -27.65 13.03 -18.61
P1 PC8 BA . -26.24 12.96 -17.91
O3 PC8 BA . -25.40 14.34 -18.25
C1 PC8 BA . -25.33 14.87 -19.57
C2 PC8 BA . -26.44 15.94 -19.76
N1 PC8 BA . -26.30 17.04 -20.87
C3 PC8 BA . -27.66 17.58 -21.33
C4 PC8 BA . -25.54 18.24 -20.30
C5 PC8 BA . -25.57 16.55 -22.13
O4 PC8 BA . -26.44 13.00 -16.29
C6 PC8 BA . -27.62 12.51 -15.66
C7 PC8 BA . -27.63 12.74 -14.14
C8 PC8 BA . -28.21 14.06 -13.56
O5 PC8 BA . -28.03 14.12 -12.14
C9 PC8 BA . -28.62 15.11 -11.39
O6 PC8 BA . -29.30 15.98 -11.91
C10 PC8 BA . -28.31 14.97 -9.92
C11 PC8 BA . -29.38 14.16 -9.17
C12 PC8 BA . -29.72 14.78 -7.80
C13 PC8 BA . -28.76 14.33 -6.68
C14 PC8 BA . -29.25 14.78 -5.28
C15 PC8 BA . -28.53 16.07 -4.83
C16 PC8 BA . -28.68 16.25 -3.32
O7 PC8 BA . -28.21 11.59 -13.44
C17 PC8 BA . -29.58 11.29 -13.35
O8 PC8 BA . -30.18 10.88 -14.35
C18 PC8 BA . -30.14 11.48 -11.95
C19 PC8 BA . -30.51 10.13 -11.34
C20 PC8 BA . -30.18 10.07 -9.85
C21 PC8 BA . -31.29 10.68 -8.99
C22 PC8 BA . -30.82 10.76 -7.53
C23 PC8 BA . -31.97 11.21 -6.64
C24 PC8 BA . -31.48 11.41 -5.20
C1 2IL CA . -37.94 17.07 6.22
C2 2IL CA . -37.63 16.84 7.69
C3 2IL CA . -38.74 17.47 8.56
C4 2IL CA . -39.04 16.58 9.78
C5 2IL CA . -40.45 16.89 10.31
C6 2IL CA . -40.76 16.09 11.59
C7 2IL CA . -42.26 16.07 11.90
C8 2IL CA . -42.68 17.18 12.86
C9 2IL CA . -43.69 16.64 13.88
C10 2IL CA . -45.03 17.36 13.77
C11 2IL CA . -46.05 16.76 14.74
C12 2IL CA . -47.47 17.28 14.46
C15 2IL CA . -38.07 12.37 2.94
C16 2IL CA . -39.48 12.85 3.20
C17 2IL CA . -39.63 13.31 4.67
C18 2IL CA . -41.11 13.48 5.02
C19 2IL CA . -41.28 13.78 6.51
C20 2IL CA . -42.75 13.63 6.90
C21 2IL CA . -42.92 13.75 8.42
C22 2IL CA . -44.28 13.16 8.85
C23 2IL CA . -44.92 14.06 9.90
C24 2IL CA . -46.33 13.55 10.29
C25 2IL CA . -46.98 14.52 11.28
C26 2IL CA . -48.27 13.94 11.82
C1 D12 DA . -34.12 14.05 -3.51
C2 D12 DA . -33.58 14.53 -4.85
C3 D12 DA . -34.50 13.99 -5.98
C4 D12 DA . -34.22 14.69 -7.31
C5 D12 DA . -34.18 13.69 -8.48
C6 D12 DA . -33.68 14.40 -9.75
C7 D12 DA . -33.53 13.42 -10.92
C8 D12 DA . -33.15 14.18 -12.20
C9 D12 DA . -33.08 13.24 -13.41
C10 D12 DA . -32.76 13.99 -14.70
C11 D12 DA . -32.51 13.00 -15.86
C12 D12 DA . -32.11 13.73 -17.14
CL CL EA . 5.91 1.95 -23.71
NA NA FA . 15.14 -5.43 -34.45
C ACT GA . 8.57 -2.50 -30.44
O ACT GA . 7.90 -2.88 -31.42
OXT ACT GA . 8.78 -1.30 -30.14
CH3 ACT GA . 9.16 -3.58 -29.54
C1 D12 HA . -11.55 4.33 3.21
C2 D12 HA . -11.81 4.47 4.74
C3 D12 HA . -12.27 5.90 5.04
C4 D12 HA . -12.86 6.07 6.46
C5 D12 HA . -13.16 7.57 6.71
C6 D12 HA . -13.81 7.82 8.09
C7 D12 HA . -13.97 9.33 8.33
C8 D12 HA . -14.30 9.59 9.80
C9 D12 HA . -14.42 11.09 10.05
C10 D12 HA . -15.04 11.36 11.42
C11 D12 HA . -15.25 12.88 11.62
C12 D12 HA . -16.08 13.21 12.88
C1 MBR IA . -23.89 13.58 -3.91
BR2 MBR IA . -23.02 11.86 -3.89
BR1 MBR IA . -23.28 14.69 -2.45
BR3 MBR IA . -23.65 14.46 -5.60
NA NA JA . -26.11 15.44 26.05
C ACT KA . -4.32 -13.78 -26.04
O ACT KA . -4.40 -14.46 -27.06
OXT ACT KA . -3.31 -13.70 -25.34
CH3 ACT KA . -5.57 -12.99 -25.61
O1 PC8 LA . -28.53 -15.63 2.54
O2 PC8 LA . -29.25 -17.87 2.77
P1 PC8 LA . -29.74 -16.41 2.83
O3 PC8 LA . -31.04 -16.36 1.81
C1 PC8 LA . -30.84 -16.71 0.43
C2 PC8 LA . -32.07 -16.24 -0.54
N1 PC8 LA . -32.31 -17.45 -1.64
C3 PC8 LA . -31.39 -18.79 -1.37
C4 PC8 LA . -33.85 -17.89 -1.22
C5 PC8 LA . -31.99 -16.99 -3.25
O4 PC8 LA . -30.23 -15.84 4.19
C6 PC8 LA . -29.42 -16.19 5.23
C7 PC8 LA . -28.93 -15.00 6.05
C8 PC8 LA . -29.99 -14.30 6.98
O5 PC8 LA . -29.21 -13.43 7.81
C9 PC8 LA . -29.61 -12.39 8.57
O6 PC8 LA . -29.29 -11.53 8.02
C10 PC8 LA . -30.49 -12.46 9.79
C11 PC8 LA . -30.25 -11.09 10.55
C12 PC8 LA . -30.91 -9.92 9.83
C13 PC8 LA . -30.47 -8.59 10.39
C14 PC8 LA . -29.07 -8.16 9.93
C15 PC8 LA . -28.96 -6.66 10.11
C16 PC8 LA . -27.51 -6.24 10.34
O7 PC8 LA . -27.83 -15.42 6.87
C17 PC8 LA . -27.86 -16.35 7.92
O8 PC8 LA . -26.96 -17.18 7.98
C18 PC8 LA . -28.97 -16.24 8.90
C19 PC8 LA . -28.49 -16.46 10.30
C20 PC8 LA . -28.22 -15.14 10.96
C21 PC8 LA . -28.20 -15.34 12.47
C22 PC8 LA . -28.01 -14.02 13.20
C23 PC8 LA . -29.28 -13.36 13.55
C24 PC8 LA . -29.75 -12.80 12.29
C1 2IL MA . -35.92 -4.92 21.29
C2 2IL MA . -35.44 -3.72 22.07
C3 2IL MA . -36.53 -3.27 23.06
C4 2IL MA . -35.92 -2.81 24.39
C5 2IL MA . -36.99 -2.87 25.51
C6 2IL MA . -36.46 -2.31 26.84
C7 2IL MA . -37.34 -2.76 28.02
C8 2IL MA . -38.40 -1.73 28.39
C9 2IL MA . -38.50 -1.58 29.91
C10 2IL MA . -39.89 -2.00 30.41
C11 2IL MA . -39.95 -1.93 31.94
C12 2IL MA . -41.24 -2.58 32.47
C15 2IL MA . -32.56 -9.56 21.43
C16 2IL MA . -33.78 -9.76 22.32
C17 2IL MA . -34.06 -8.49 23.13
C18 2IL MA . -35.08 -8.78 24.23
C19 2IL MA . -35.27 -7.56 25.13
C20 2IL MA . -35.98 -7.97 26.43
C21 2IL MA . -36.09 -6.79 27.39
C22 2IL MA . -36.46 -7.30 28.79
C23 2IL MA . -37.45 -6.37 29.47
C24 2IL MA . -37.86 -6.89 30.85
C25 2IL MA . -38.93 -5.99 31.45
C26 2IL MA . -39.30 -6.44 32.86
C1 D12 NA . -32.08 -12.19 14.03
C2 D12 NA . -32.51 -12.74 12.69
C3 D12 NA . -32.47 -14.30 12.67
C4 D12 NA . -32.75 -14.85 11.28
C5 D12 NA . -32.19 -16.26 11.15
C6 D12 NA . -32.51 -16.80 9.76
C7 D12 NA . -31.77 -18.10 9.49
C8 D12 NA . -32.13 -18.65 8.11
C9 D12 NA . -31.38 -19.94 7.79
C10 D12 NA . -31.80 -20.47 6.42
C11 D12 NA . -31.01 -21.74 6.05
C12 D12 NA . -31.45 -22.29 4.69
CL CL OA . 0.17 -15.34 -19.28
NA NA PA . 10.22 -22.66 -28.81
C ACT QA . 4.82 -21.41 -22.82
O ACT QA . 5.02 -22.64 -22.96
OXT ACT QA . 3.70 -20.87 -22.76
CH3 ACT QA . 6.04 -20.50 -22.70
C1 D12 RA . -10.08 -0.02 7.34
C2 D12 RA . -11.29 0.17 8.28
C3 D12 RA . -11.55 1.68 8.49
C4 D12 RA . -12.96 1.92 9.05
C5 D12 RA . -13.17 3.41 9.39
C6 D12 RA . -14.55 3.60 10.05
C7 D12 RA . -14.73 5.03 10.54
C8 D12 RA . -16.22 5.26 10.86
C9 D12 RA . -16.44 6.70 11.32
C10 D12 RA . -17.94 7.00 11.52
C11 D12 RA . -18.11 8.33 12.29
C12 D12 RA . -19.58 8.70 12.44
C1 MBR SA . -24.94 -8.15 7.54
BR2 MBR SA . -23.22 -8.45 6.68
BR1 MBR SA . -25.34 -6.28 7.66
BR3 MBR SA . -26.33 -9.13 6.63
C ACT TA . 6.38 -28.37 -6.54
O ACT TA . 6.94 -29.51 -6.64
OXT ACT TA . 6.88 -27.33 -6.93
CH3 ACT TA . 5.01 -28.27 -5.85
O1 PC8 UA . 0.99 -19.38 26.70
O2 PC8 UA . 0.34 -20.42 28.86
P1 PC8 UA . -0.18 -19.83 27.49
O3 PC8 UA . -1.06 -21.00 26.72
C1 PC8 UA . -0.76 -22.37 26.87
C2 PC8 UA . -1.80 -23.02 27.83
N1 PC8 UA . -1.84 -24.58 28.04
C3 PC8 UA . -1.61 -24.99 29.50
C4 PC8 UA . -3.24 -25.09 27.66
C5 PC8 UA . -0.81 -25.37 27.20
O4 PC8 UA . -1.24 -18.64 27.83
C6 PC8 UA . -1.08 -17.75 28.93
C7 PC8 UA . -2.09 -16.58 28.94
C8 PC8 UA . -3.45 -16.73 29.67
O5 PC8 UA . -4.26 -15.58 29.39
C9 PC8 UA . -5.36 -15.29 30.17
O6 PC8 UA . -5.69 -15.98 31.11
C10 PC8 UA . -6.06 -14.04 29.68
C11 PC8 UA . -5.84 -12.84 30.65
C12 PC8 UA . -7.15 -12.04 30.88
C13 PC8 UA . -7.40 -10.99 29.78
C14 PC8 UA . -8.40 -9.91 30.23
C15 PC8 UA . -9.82 -10.16 29.68
C16 PC8 UA . -10.71 -8.93 29.90
O7 PC8 UA . -1.45 -15.33 29.34
C17 PC8 UA . -1.14 -14.96 30.65
O8 PC8 UA . -0.22 -15.52 31.24
C18 PC8 UA . -2.00 -13.82 31.15
C19 PC8 UA . -1.17 -12.53 31.27
C20 PC8 UA . -1.97 -11.29 30.91
C21 PC8 UA . -2.83 -10.80 32.09
C22 PC8 UA . -3.72 -9.65 31.63
C23 PC8 UA . -4.50 -9.12 32.84
C24 PC8 UA . -5.46 -8.00 32.44
C1 2IL VA . -16.45 -1.54 38.67
C2 2IL VA . -16.74 -0.08 38.43
C3 2IL VA . -17.63 0.46 39.56
C4 2IL VA . -17.76 1.98 39.53
C5 2IL VA . -17.97 2.49 40.98
C6 2IL VA . -18.29 3.98 41.05
C7 2IL VA . -18.09 4.55 42.47
C8 2IL VA . -19.40 4.64 43.25
C9 2IL VA . -19.35 5.84 44.20
C10 2IL VA . -20.26 5.61 45.41
C11 2IL VA . -20.12 6.75 46.42
C12 2IL VA . -20.39 6.25 47.85
C15 2IL VA . -10.35 -1.40 38.78
C16 2IL VA . -11.07 -1.47 40.09
C17 2IL VA . -12.18 -0.41 40.14
C18 2IL VA . -12.59 -0.14 41.59
C19 2IL VA . -13.55 1.06 41.66
C20 2IL VA . -13.62 1.59 43.10
C21 2IL VA . -14.54 2.82 43.18
C22 2IL VA . -14.21 3.64 44.42
C23 2IL VA . -15.48 3.97 45.21
C24 2IL VA . -15.16 4.85 46.43
C25 2IL VA . -16.42 5.06 47.28
C26 2IL VA . -16.14 6.04 48.42
C1 D12 WA . -8.33 -7.92 35.09
C2 D12 WA . -8.23 -9.34 34.62
C3 D12 WA . -7.12 -10.04 35.41
C4 D12 WA . -7.03 -11.52 35.02
C5 D12 WA . -5.58 -11.99 35.08
C6 D12 WA . -5.46 -13.44 34.58
C7 D12 WA . -4.00 -13.89 34.54
C8 D12 WA . -3.93 -15.38 34.20
C9 D12 WA . -2.48 -15.89 34.22
C10 D12 WA . -2.44 -17.38 33.86
C11 D12 WA . -0.99 -17.86 33.69
C12 D12 WA . -0.95 -19.35 33.43
CL CL XA . 10.74 -21.67 -4.80
NA NA YA . 22.56 -26.94 -13.90
C ACT ZA . 17.90 -24.85 -7.66
O ACT ZA . 17.32 -25.50 -6.76
OXT ACT ZA . 18.87 -24.07 -7.50
CH3 ACT ZA . 17.38 -25.02 -9.10
C1 D12 AB . -5.54 2.32 11.39
C2 D12 AB . -6.99 1.87 11.68
C3 D12 AB . -7.69 2.94 12.53
C4 D12 AB . -9.09 2.46 12.89
C5 D12 AB . -9.85 3.50 13.71
C6 D12 AB . -11.29 3.03 13.87
C7 D12 AB . -12.10 4.01 14.68
C8 D12 AB . -13.57 3.56 14.73
C9 D12 AB . -14.41 4.63 15.41
C10 D12 AB . -15.82 4.10 15.67
C11 D12 AB . -16.75 5.26 16.05
C12 D12 AB . -18.16 4.73 16.31
C1 MBR BB . -8.42 -8.51 24.83
BR2 MBR BB . -7.01 -7.58 23.91
BR1 MBR BB . -10.14 -8.00 24.14
BR3 MBR BB . -8.16 -10.42 24.74
#